data_1XDP
#
_entry.id   1XDP
#
_cell.length_a   152.000
_cell.length_b   152.000
_cell.length_c   150.000
_cell.angle_alpha   90.00
_cell.angle_beta   90.00
_cell.angle_gamma   90.00
#
_symmetry.space_group_name_H-M   'P 42 21 2'
#
loop_
_entity.id
_entity.type
_entity.pdbx_description
1 polymer 'Polyphosphate kinase'
2 non-polymer 'MAGNESIUM ION'
3 non-polymer "ADENOSINE-5'-TRIPHOSPHATE"
4 water water
#
_entity_poly.entity_id   1
_entity_poly.type   'polypeptide(L)'
_entity_poly.pdbx_seq_one_letter_code
;GQEKLYIEKELSWLSFNERVLQEAADKSNPLIERMRFLGIYSNNLDEFYKVRFAELKRRIIISEEQGSNSHSRHLLGKIQ
SRVLKADQEFDGLYNELLLEMARNQIFLINERQLSVNQQNWLRHYFKQYLRQHITPILINPDTDLVQFLKDDYTYLAVEI
IRGDTIRYALLEIPSDKVPRFVNLPPEAPRRRKPMILLDNILRYCLDDIFKGFFDYDALNAYSMKMTRDAEYDLVHEMEA
SLMELMSSSLKQRLTAEPVRFVYQRDMPNALVEVLREKLTISRYDSIVPGGRYHNFKDFINFPNVGKANLVNKPLPRLRH
IWFDKAQFRNGFDAIRERDVLLYYPYHTFEHVLELLRQASFDPSVLAIKINIYRVAKDSRIIDSMIHAAHNGKKVTVVVE
LQARFDEEANIHWAKRLTEAGVHVIFSAPGLKIHAKLFLISRKENGEVVRYAHIGTGNFNEKTARLYTDYSLLTADARIT
NEVRRVFNFIENPYRPVTFDYLMVSPQNSRRLLYEMVDREIANAQQGLPSGITLKLNNLVDKGLVDRLYAASSSGVPVNL
LVRGMCSLIPNLEGISDNIRAISIVDRYLEHDRVYIFENGGDKKVYLSSADWMTRNIDYRIEVATPLLDPRLKQRVLDII
DILFSDTVKARYIDKELSNRYVPRGNRRKVRAQLAIYDYIKSLEQPE
;
_entity_poly.pdbx_strand_id   A,B
#
loop_
_chem_comp.id
_chem_comp.type
_chem_comp.name
_chem_comp.formula
ATP non-polymer ADENOSINE-5'-TRIPHOSPHATE 'C10 H16 N5 O13 P3'
MG non-polymer 'MAGNESIUM ION' 'Mg 2'
#
# COMPACT_ATOMS: atom_id res chain seq x y z
N GLY A 1 21.06 -41.01 -28.20
CA GLY A 1 19.64 -41.45 -28.21
C GLY A 1 19.21 -42.06 -29.53
N GLN A 2 18.45 -43.15 -29.45
CA GLN A 2 17.96 -43.86 -30.63
C GLN A 2 16.44 -44.07 -30.51
N GLU A 3 15.98 -44.18 -29.26
CA GLU A 3 14.57 -44.36 -28.93
C GLU A 3 14.32 -43.79 -27.54
N LYS A 4 14.42 -42.46 -27.43
CA LYS A 4 14.23 -41.75 -26.17
C LYS A 4 13.55 -42.57 -25.09
N LEU A 5 14.26 -42.76 -23.99
CA LEU A 5 13.75 -43.52 -22.86
C LEU A 5 13.09 -42.54 -21.88
N TYR A 6 13.52 -41.28 -21.90
CA TYR A 6 12.99 -40.22 -21.05
C TYR A 6 12.66 -38.98 -21.88
N ILE A 7 11.83 -38.11 -21.33
CA ILE A 7 11.46 -36.89 -22.02
C ILE A 7 12.11 -35.71 -21.31
N GLU A 8 12.57 -34.74 -22.09
CA GLU A 8 13.21 -33.57 -21.51
C GLU A 8 12.18 -32.87 -20.65
N LYS A 9 12.53 -32.56 -19.41
CA LYS A 9 11.59 -31.89 -18.50
C LYS A 9 11.03 -30.61 -19.09
N GLU A 10 11.89 -29.82 -19.72
CA GLU A 10 11.48 -28.56 -20.32
C GLU A 10 10.42 -28.76 -21.40
N LEU A 11 10.62 -29.74 -22.26
CA LEU A 11 9.66 -30.00 -23.30
C LEU A 11 8.37 -30.46 -22.66
N SER A 12 8.46 -31.30 -21.64
CA SER A 12 7.25 -31.76 -20.97
C SER A 12 6.55 -30.54 -20.33
N TRP A 13 7.35 -29.60 -19.85
CA TRP A 13 6.77 -28.42 -19.24
C TRP A 13 5.96 -27.63 -20.27
N LEU A 14 6.47 -27.58 -21.49
CA LEU A 14 5.76 -26.86 -22.55
C LEU A 14 4.48 -27.62 -22.90
N SER A 15 4.52 -28.95 -22.82
CA SER A 15 3.36 -29.76 -23.10
C SER A 15 2.30 -29.40 -22.06
N PHE A 16 2.76 -29.14 -20.84
CA PHE A 16 1.86 -28.77 -19.77
C PHE A 16 1.17 -27.42 -19.99
N ASN A 17 1.93 -26.39 -20.32
CA ASN A 17 1.34 -25.09 -20.53
C ASN A 17 0.41 -25.18 -21.71
N GLU A 18 0.71 -26.10 -22.60
CA GLU A 18 -0.11 -26.32 -23.79
C GLU A 18 -1.47 -26.83 -23.30
N ARG A 19 -1.45 -27.62 -22.25
CA ARG A 19 -2.66 -28.17 -21.64
C ARG A 19 -3.46 -26.98 -21.06
N VAL A 20 -2.74 -25.94 -20.67
CA VAL A 20 -3.39 -24.76 -20.11
C VAL A 20 -4.09 -24.05 -21.26
N LEU A 21 -3.43 -23.99 -22.41
CA LEU A 21 -3.98 -23.37 -23.61
C LEU A 21 -5.27 -24.07 -24.00
N GLN A 22 -5.27 -25.40 -23.89
CA GLN A 22 -6.44 -26.20 -24.22
C GLN A 22 -7.66 -25.72 -23.43
N GLU A 23 -7.42 -25.24 -22.21
CA GLU A 23 -8.54 -24.75 -21.40
C GLU A 23 -9.09 -23.47 -21.98
N ALA A 24 -8.22 -22.70 -22.64
CA ALA A 24 -8.63 -21.43 -23.26
C ALA A 24 -9.42 -21.72 -24.51
N ALA A 25 -9.17 -22.89 -25.07
CA ALA A 25 -9.83 -23.34 -26.29
C ALA A 25 -11.03 -24.24 -26.01
N ASP A 26 -11.16 -24.69 -24.76
CA ASP A 26 -12.27 -25.57 -24.41
C ASP A 26 -13.59 -24.81 -24.30
N LYS A 27 -14.41 -24.96 -25.33
CA LYS A 27 -15.72 -24.29 -25.41
C LYS A 27 -16.62 -24.68 -24.25
N SER A 28 -16.27 -25.73 -23.50
CA SER A 28 -17.09 -26.15 -22.36
C SER A 28 -16.89 -25.19 -21.18
N ASN A 29 -15.81 -24.42 -21.23
CA ASN A 29 -15.51 -23.44 -20.19
C ASN A 29 -16.17 -22.11 -20.52
N PRO A 30 -16.53 -21.33 -19.50
CA PRO A 30 -17.15 -20.02 -19.71
C PRO A 30 -16.23 -19.09 -20.50
N LEU A 31 -16.80 -18.37 -21.47
CA LEU A 31 -16.03 -17.47 -22.32
C LEU A 31 -14.93 -16.65 -21.65
N ILE A 32 -15.27 -15.87 -20.62
CA ILE A 32 -14.27 -15.05 -19.94
C ILE A 32 -13.21 -15.86 -19.21
N GLU A 33 -13.56 -17.05 -18.75
CA GLU A 33 -12.59 -17.89 -18.07
C GLU A 33 -11.54 -18.30 -19.10
N ARG A 34 -12.02 -18.60 -20.30
CA ARG A 34 -11.15 -18.99 -21.39
C ARG A 34 -10.21 -17.84 -21.70
N MET A 35 -10.74 -16.63 -21.72
CA MET A 35 -9.92 -15.46 -21.99
C MET A 35 -8.86 -15.33 -20.90
N ARG A 36 -9.25 -15.61 -19.65
CA ARG A 36 -8.32 -15.53 -18.54
C ARG A 36 -7.25 -16.61 -18.57
N PHE A 37 -7.56 -17.74 -19.22
CA PHE A 37 -6.59 -18.82 -19.33
C PHE A 37 -5.47 -18.38 -20.27
N LEU A 38 -5.79 -17.47 -21.18
CA LEU A 38 -4.79 -16.95 -22.10
C LEU A 38 -3.81 -16.19 -21.21
N GLY A 39 -4.35 -15.64 -20.13
CA GLY A 39 -3.52 -14.90 -19.20
C GLY A 39 -2.64 -15.83 -18.39
N ILE A 40 -3.21 -16.92 -17.91
CA ILE A 40 -2.44 -17.86 -17.13
C ILE A 40 -1.34 -18.44 -18.01
N TYR A 41 -1.73 -18.84 -19.22
CA TYR A 41 -0.78 -19.40 -20.19
C TYR A 41 0.41 -18.46 -20.38
N SER A 42 0.12 -17.20 -20.66
CA SER A 42 1.18 -16.21 -20.87
C SER A 42 2.06 -16.06 -19.66
N ASN A 43 1.43 -15.88 -18.52
CA ASN A 43 2.15 -15.72 -17.29
C ASN A 43 3.02 -16.92 -17.02
N ASN A 44 2.52 -18.11 -17.35
CA ASN A 44 3.28 -19.33 -17.14
C ASN A 44 4.52 -19.31 -18.00
N LEU A 45 4.36 -18.85 -19.23
CA LEU A 45 5.46 -18.79 -20.18
C LEU A 45 6.49 -17.78 -19.69
N ASP A 46 6.03 -16.64 -19.20
CA ASP A 46 6.95 -15.63 -18.69
C ASP A 46 7.80 -16.26 -17.60
N GLU A 47 7.14 -16.96 -16.67
CA GLU A 47 7.83 -17.63 -15.58
C GLU A 47 8.80 -18.65 -16.16
N PHE A 48 8.34 -19.35 -17.19
CA PHE A 48 9.16 -20.37 -17.84
C PHE A 48 10.51 -19.83 -18.28
N TYR A 49 10.50 -18.66 -18.91
CA TYR A 49 11.74 -18.08 -19.38
C TYR A 49 12.61 -17.57 -18.25
N LYS A 50 12.03 -16.75 -17.38
CA LYS A 50 12.76 -16.19 -16.27
C LYS A 50 13.45 -17.25 -15.42
N VAL A 51 12.83 -18.41 -15.30
CA VAL A 51 13.42 -19.44 -14.46
C VAL A 51 13.96 -20.70 -15.10
N ARG A 52 13.05 -21.56 -15.57
CA ARG A 52 13.42 -22.83 -16.18
C ARG A 52 14.35 -22.71 -17.37
N PHE A 53 14.07 -21.76 -18.24
CA PHE A 53 14.91 -21.55 -19.41
C PHE A 53 16.24 -21.05 -18.90
N ALA A 54 16.20 -20.00 -18.08
CA ALA A 54 17.41 -19.41 -17.53
C ALA A 54 18.25 -20.49 -16.84
N GLU A 55 17.59 -21.40 -16.14
CA GLU A 55 18.26 -22.49 -15.44
C GLU A 55 18.98 -23.39 -16.44
N LEU A 56 18.34 -23.60 -17.58
CA LEU A 56 18.89 -24.42 -18.65
C LEU A 56 20.07 -23.73 -19.33
N LYS A 57 19.94 -22.43 -19.57
CA LYS A 57 21.02 -21.69 -20.21
C LYS A 57 22.29 -21.88 -19.40
N ARG A 58 22.15 -21.98 -18.09
CA ARG A 58 23.29 -22.14 -17.22
C ARG A 58 23.79 -23.57 -17.14
N ARG A 59 22.90 -24.52 -17.34
CA ARG A 59 23.30 -25.92 -17.28
C ARG A 59 24.15 -26.29 -18.48
N ILE A 60 23.90 -25.61 -19.61
CA ILE A 60 24.64 -25.87 -20.82
C ILE A 60 25.95 -25.09 -20.71
N ILE A 61 25.88 -23.94 -20.06
CA ILE A 61 27.06 -23.10 -19.85
C ILE A 61 28.09 -23.88 -19.03
N ILE A 62 27.65 -24.43 -17.92
CA ILE A 62 28.51 -25.21 -17.04
C ILE A 62 29.09 -26.38 -17.85
N SER A 63 28.22 -27.03 -18.60
CA SER A 63 28.61 -28.17 -19.41
C SER A 63 29.69 -27.86 -20.47
N GLU A 64 29.41 -26.89 -21.33
CA GLU A 64 30.32 -26.49 -22.41
C GLU A 64 31.70 -26.01 -21.98
N GLU A 65 31.78 -25.39 -20.79
CA GLU A 65 33.04 -24.87 -20.26
C GLU A 65 34.20 -25.80 -20.55
N GLN A 66 34.10 -27.06 -20.11
CA GLN A 66 35.15 -28.03 -20.35
C GLN A 66 34.75 -28.91 -21.53
N GLY A 67 33.49 -28.78 -21.92
CA GLY A 67 32.98 -29.55 -23.04
C GLY A 67 31.79 -30.42 -22.65
N SER A 68 30.70 -30.29 -23.40
CA SER A 68 29.49 -31.07 -23.15
C SER A 68 29.25 -32.09 -24.26
N ASN A 69 28.86 -33.29 -23.86
CA ASN A 69 28.59 -34.39 -24.79
C ASN A 69 27.10 -34.46 -25.17
N SER A 70 26.26 -33.73 -24.44
CA SER A 70 24.82 -33.71 -24.70
C SER A 70 24.51 -32.80 -25.89
N HIS A 71 23.34 -33.00 -26.48
CA HIS A 71 22.88 -32.24 -27.63
C HIS A 71 22.02 -31.07 -27.19
N SER A 72 22.65 -30.14 -26.47
CA SER A 72 21.97 -28.96 -25.95
C SER A 72 21.11 -28.28 -27.01
N ARG A 73 21.72 -27.89 -28.12
CA ARG A 73 21.01 -27.22 -29.20
C ARG A 73 19.76 -27.94 -29.68
N HIS A 74 19.84 -29.26 -29.81
CA HIS A 74 18.69 -30.04 -30.25
C HIS A 74 17.51 -29.84 -29.31
N LEU A 75 17.80 -29.33 -28.12
CA LEU A 75 16.77 -29.07 -27.12
C LEU A 75 16.24 -27.66 -27.33
N LEU A 76 17.15 -26.69 -27.32
CA LEU A 76 16.78 -25.29 -27.51
C LEU A 76 15.99 -25.13 -28.80
N GLY A 77 16.32 -25.93 -29.80
CA GLY A 77 15.62 -25.86 -31.06
C GLY A 77 14.20 -26.31 -30.85
N LYS A 78 14.04 -27.46 -30.20
CA LYS A 78 12.71 -27.98 -29.94
C LYS A 78 11.96 -26.93 -29.10
N ILE A 79 12.56 -26.49 -28.01
CA ILE A 79 11.92 -25.48 -27.16
C ILE A 79 11.47 -24.29 -27.98
N GLN A 80 12.41 -23.62 -28.63
CA GLN A 80 12.08 -22.48 -29.47
C GLN A 80 11.04 -22.91 -30.50
N SER A 81 11.16 -24.15 -30.97
CA SER A 81 10.21 -24.67 -31.95
C SER A 81 8.81 -24.68 -31.36
N ARG A 82 8.56 -25.57 -30.41
CA ARG A 82 7.26 -25.70 -29.75
C ARG A 82 6.70 -24.35 -29.30
N VAL A 83 7.58 -23.48 -28.82
CA VAL A 83 7.15 -22.17 -28.35
C VAL A 83 6.50 -21.36 -29.47
N LEU A 84 7.17 -21.29 -30.61
CA LEU A 84 6.63 -20.53 -31.74
C LEU A 84 5.34 -21.16 -32.26
N LYS A 85 5.28 -22.48 -32.32
CA LYS A 85 4.09 -23.14 -32.79
C LYS A 85 2.90 -22.83 -31.86
N ALA A 86 3.16 -22.83 -30.56
CA ALA A 86 2.10 -22.54 -29.59
C ALA A 86 1.72 -21.08 -29.73
N ASP A 87 2.70 -20.23 -30.00
CA ASP A 87 2.42 -18.82 -30.15
C ASP A 87 1.45 -18.64 -31.31
N GLN A 88 1.65 -19.40 -32.38
CA GLN A 88 0.77 -19.32 -33.54
C GLN A 88 -0.66 -19.63 -33.09
N GLU A 89 -0.82 -20.73 -32.34
CA GLU A 89 -2.13 -21.12 -31.85
C GLU A 89 -2.70 -20.10 -30.88
N PHE A 90 -1.84 -19.45 -30.12
CA PHE A 90 -2.31 -18.46 -29.18
C PHE A 90 -3.09 -17.40 -29.95
N ASP A 91 -2.45 -16.79 -30.95
CA ASP A 91 -3.09 -15.76 -31.75
C ASP A 91 -4.40 -16.27 -32.35
N GLY A 92 -4.40 -17.52 -32.78
CA GLY A 92 -5.60 -18.08 -33.35
C GLY A 92 -6.71 -18.06 -32.31
N LEU A 93 -6.38 -18.52 -31.11
CA LEU A 93 -7.36 -18.53 -30.04
C LEU A 93 -7.78 -17.12 -29.67
N TYR A 94 -6.80 -16.23 -29.54
CA TYR A 94 -7.10 -14.85 -29.19
C TYR A 94 -8.15 -14.29 -30.15
N ASN A 95 -7.81 -14.24 -31.44
CA ASN A 95 -8.73 -13.70 -32.45
C ASN A 95 -10.07 -14.39 -32.40
N GLU A 96 -10.01 -15.70 -32.21
CA GLU A 96 -11.21 -16.51 -32.13
C GLU A 96 -12.07 -16.06 -30.95
N LEU A 97 -11.42 -15.78 -29.82
CA LEU A 97 -12.12 -15.36 -28.60
C LEU A 97 -12.62 -13.92 -28.69
N LEU A 98 -11.96 -13.10 -29.50
CA LEU A 98 -12.39 -11.72 -29.67
C LEU A 98 -13.72 -11.76 -30.39
N LEU A 99 -13.79 -12.58 -31.43
CA LEU A 99 -15.01 -12.74 -32.22
C LEU A 99 -16.14 -13.28 -31.36
N GLU A 100 -15.88 -14.31 -30.57
CA GLU A 100 -16.92 -14.87 -29.73
C GLU A 100 -17.41 -13.84 -28.72
N MET A 101 -16.54 -12.91 -28.33
CA MET A 101 -16.97 -11.90 -27.40
C MET A 101 -17.86 -10.92 -28.13
N ALA A 102 -17.57 -10.72 -29.41
CA ALA A 102 -18.37 -9.82 -30.24
C ALA A 102 -19.78 -10.36 -30.34
N ARG A 103 -19.91 -11.66 -30.49
CA ARG A 103 -21.23 -12.31 -30.59
C ARG A 103 -21.91 -12.21 -29.23
N ASN A 104 -21.12 -11.93 -28.19
CA ASN A 104 -21.67 -11.80 -26.85
C ASN A 104 -21.82 -10.33 -26.50
N GLN A 105 -21.69 -9.49 -27.50
CA GLN A 105 -21.84 -8.05 -27.33
C GLN A 105 -20.68 -7.34 -26.66
N ILE A 106 -19.52 -8.00 -26.62
CA ILE A 106 -18.32 -7.42 -26.03
C ILE A 106 -17.36 -7.18 -27.18
N PHE A 107 -16.93 -5.94 -27.33
CA PHE A 107 -16.04 -5.61 -28.42
C PHE A 107 -14.77 -4.95 -27.93
N LEU A 108 -13.66 -5.61 -28.15
CA LEU A 108 -12.37 -5.07 -27.77
C LEU A 108 -11.83 -4.49 -29.05
N ILE A 109 -11.76 -3.17 -29.14
CA ILE A 109 -11.28 -2.56 -30.36
C ILE A 109 -10.02 -1.75 -30.12
N ASN A 110 -9.41 -1.30 -31.21
CA ASN A 110 -8.18 -0.51 -31.13
C ASN A 110 -8.41 0.89 -31.70
N GLU A 111 -7.40 1.73 -31.58
CA GLU A 111 -7.46 3.12 -32.06
C GLU A 111 -7.90 3.27 -33.52
N ARG A 112 -7.72 2.23 -34.32
CA ARG A 112 -8.12 2.34 -35.73
C ARG A 112 -9.57 1.91 -35.94
N GLN A 113 -10.31 1.73 -34.85
CA GLN A 113 -11.70 1.33 -35.00
C GLN A 113 -12.58 2.18 -34.12
N LEU A 114 -12.21 3.45 -33.95
CA LEU A 114 -13.00 4.32 -33.11
C LEU A 114 -14.04 5.10 -33.91
N SER A 115 -15.16 5.37 -33.26
CA SER A 115 -16.21 6.14 -33.89
C SER A 115 -15.75 7.58 -33.81
N VAL A 116 -16.05 8.37 -34.83
CA VAL A 116 -15.62 9.77 -34.82
C VAL A 116 -16.34 10.48 -33.69
N ASN A 117 -16.73 9.69 -32.70
CA ASN A 117 -17.42 10.19 -31.53
C ASN A 117 -16.68 9.70 -30.29
N GLN A 118 -16.34 8.41 -30.30
CA GLN A 118 -15.60 7.79 -29.19
C GLN A 118 -14.19 8.33 -29.14
N GLN A 119 -13.69 8.82 -30.27
CA GLN A 119 -12.35 9.38 -30.31
C GLN A 119 -12.38 10.60 -29.42
N ASN A 120 -13.37 11.45 -29.65
CA ASN A 120 -13.52 12.66 -28.87
C ASN A 120 -13.58 12.28 -27.40
N TRP A 121 -14.35 11.24 -27.12
CA TRP A 121 -14.49 10.80 -25.75
C TRP A 121 -13.15 10.38 -25.18
N LEU A 122 -12.35 9.68 -25.97
CA LEU A 122 -11.04 9.24 -25.51
C LEU A 122 -10.08 10.37 -25.28
N ARG A 123 -10.04 11.33 -26.20
CA ARG A 123 -9.15 12.46 -26.06
C ARG A 123 -9.45 13.12 -24.73
N HIS A 124 -10.74 13.32 -24.46
CA HIS A 124 -11.15 13.95 -23.22
C HIS A 124 -10.83 13.04 -22.04
N TYR A 125 -11.19 11.77 -22.16
CA TYR A 125 -10.92 10.83 -21.08
C TYR A 125 -9.43 10.74 -20.80
N PHE A 126 -8.63 11.01 -21.81
CA PHE A 126 -7.19 10.95 -21.67
C PHE A 126 -6.58 12.10 -20.85
N LYS A 127 -7.03 13.32 -21.11
CA LYS A 127 -6.54 14.48 -20.38
C LYS A 127 -6.98 14.35 -18.92
N GLN A 128 -8.26 14.14 -18.72
CA GLN A 128 -8.82 14.02 -17.39
C GLN A 128 -8.30 12.86 -16.54
N TYR A 129 -7.90 11.75 -17.16
CA TYR A 129 -7.45 10.63 -16.34
C TYR A 129 -6.12 9.97 -16.63
N LEU A 130 -5.61 10.07 -17.85
CA LEU A 130 -4.34 9.39 -18.14
C LEU A 130 -3.09 10.26 -18.27
N ARG A 131 -3.20 11.37 -18.98
CA ARG A 131 -2.07 12.27 -19.17
C ARG A 131 -1.21 12.33 -17.92
N GLN A 132 -1.84 12.55 -16.78
CA GLN A 132 -1.12 12.65 -15.53
C GLN A 132 -0.16 11.49 -15.23
N HIS A 133 -0.44 10.31 -15.77
CA HIS A 133 0.43 9.15 -15.52
C HIS A 133 1.42 8.89 -16.67
N ILE A 134 1.17 9.52 -17.81
CA ILE A 134 2.00 9.37 -19.01
C ILE A 134 2.99 10.51 -19.24
N THR A 135 4.26 10.28 -18.96
CA THR A 135 5.26 11.33 -19.15
C THR A 135 6.36 10.88 -20.11
N PRO A 136 6.41 11.46 -21.30
CA PRO A 136 7.42 11.12 -22.31
C PRO A 136 8.85 11.09 -21.80
N ILE A 137 9.53 9.98 -22.05
CA ILE A 137 10.92 9.81 -21.65
C ILE A 137 11.78 9.95 -22.92
N LEU A 138 12.30 11.15 -23.16
CA LEU A 138 13.11 11.42 -24.34
C LEU A 138 14.42 10.66 -24.36
N ILE A 139 14.65 9.93 -25.45
CA ILE A 139 15.86 9.14 -25.62
C ILE A 139 16.93 9.96 -26.33
N ASN A 140 17.87 10.45 -25.55
CA ASN A 140 18.97 11.25 -26.08
C ASN A 140 20.24 10.45 -25.91
N PRO A 141 21.35 10.91 -26.50
CA PRO A 141 22.65 10.24 -26.43
C PRO A 141 23.16 9.92 -25.02
N ASP A 142 22.90 10.81 -24.06
CA ASP A 142 23.36 10.56 -22.70
C ASP A 142 22.29 9.98 -21.79
N THR A 143 21.13 9.71 -22.36
CA THR A 143 20.05 9.11 -21.59
C THR A 143 20.42 7.65 -21.50
N ASP A 144 20.14 7.01 -20.37
CA ASP A 144 20.45 5.59 -20.26
C ASP A 144 19.26 4.85 -19.69
N LEU A 145 18.40 4.38 -20.59
CA LEU A 145 17.21 3.64 -20.23
C LEU A 145 17.62 2.53 -19.27
N VAL A 146 18.75 1.91 -19.59
CA VAL A 146 19.33 0.81 -18.82
C VAL A 146 18.88 0.82 -17.38
N GLN A 147 19.29 1.85 -16.64
CA GLN A 147 18.94 1.98 -15.23
C GLN A 147 17.44 2.08 -14.95
N PHE A 148 16.92 3.30 -14.95
CA PHE A 148 15.51 3.54 -14.64
C PHE A 148 14.42 2.90 -15.49
N LEU A 149 14.77 2.00 -16.40
CA LEU A 149 13.72 1.39 -17.21
C LEU A 149 13.15 0.18 -16.47
N LYS A 150 11.87 0.27 -16.12
CA LYS A 150 11.19 -0.79 -15.39
C LYS A 150 11.21 -2.15 -16.08
N ASP A 151 11.41 -3.19 -15.28
CA ASP A 151 11.44 -4.58 -15.72
C ASP A 151 10.01 -5.08 -15.96
N ASP A 152 9.83 -5.87 -17.02
CA ASP A 152 8.53 -6.42 -17.35
C ASP A 152 7.42 -5.42 -17.61
N TYR A 153 7.75 -4.14 -17.69
CA TYR A 153 6.74 -3.14 -17.99
C TYR A 153 6.71 -3.00 -19.51
N THR A 154 5.57 -2.63 -20.06
CA THR A 154 5.48 -2.47 -21.49
C THR A 154 5.71 -1.01 -21.79
N TYR A 155 6.57 -0.73 -22.75
CA TYR A 155 6.86 0.64 -23.15
C TYR A 155 6.48 0.86 -24.59
N LEU A 156 5.92 2.02 -24.87
CA LEU A 156 5.53 2.37 -26.22
C LEU A 156 6.70 3.21 -26.69
N ALA A 157 7.53 2.67 -27.57
CA ALA A 157 8.65 3.44 -28.10
C ALA A 157 8.08 4.26 -29.23
N VAL A 158 8.12 5.58 -29.10
CA VAL A 158 7.58 6.45 -30.13
C VAL A 158 8.63 7.04 -31.07
N GLU A 159 8.25 7.17 -32.33
CA GLU A 159 9.14 7.71 -33.36
C GLU A 159 8.62 9.09 -33.78
N ILE A 160 9.32 10.14 -33.33
CA ILE A 160 8.94 11.52 -33.65
C ILE A 160 9.60 11.91 -34.98
N ILE A 161 8.79 11.99 -36.03
CA ILE A 161 9.33 12.32 -37.35
C ILE A 161 9.06 13.74 -37.82
N ARG A 162 10.14 14.43 -38.17
CA ARG A 162 10.08 15.81 -38.65
C ARG A 162 11.00 15.87 -39.88
N GLY A 163 10.40 15.89 -41.06
CA GLY A 163 11.21 15.90 -42.27
C GLY A 163 11.99 14.61 -42.27
N ASP A 164 13.28 14.68 -42.54
CA ASP A 164 14.10 13.47 -42.55
C ASP A 164 14.68 13.31 -41.15
N THR A 165 14.15 14.08 -40.21
CA THR A 165 14.60 14.04 -38.82
C THR A 165 13.81 13.03 -38.00
N ILE A 166 14.48 12.31 -37.11
CA ILE A 166 13.80 11.33 -36.26
C ILE A 166 14.27 11.32 -34.81
N ARG A 167 13.36 11.62 -33.89
CA ARG A 167 13.66 11.61 -32.46
C ARG A 167 12.94 10.39 -31.88
N TYR A 168 13.28 10.02 -30.66
CA TYR A 168 12.65 8.88 -30.01
C TYR A 168 12.31 9.16 -28.56
N ALA A 169 11.14 8.70 -28.14
CA ALA A 169 10.70 8.85 -26.77
C ALA A 169 10.03 7.55 -26.36
N LEU A 170 9.97 7.30 -25.05
CA LEU A 170 9.33 6.10 -24.54
C LEU A 170 8.14 6.48 -23.69
N LEU A 171 7.08 5.69 -23.80
CA LEU A 171 5.88 5.91 -23.02
C LEU A 171 5.67 4.64 -22.21
N GLU A 172 5.63 4.79 -20.89
CA GLU A 172 5.43 3.66 -20.00
C GLU A 172 3.94 3.43 -19.89
N ILE A 173 3.49 2.21 -20.17
CA ILE A 173 2.08 1.92 -20.05
C ILE A 173 1.90 1.79 -18.53
N PRO A 174 1.16 2.73 -17.89
CA PRO A 174 0.95 2.69 -16.45
C PRO A 174 -0.11 1.68 -16.01
N SER A 175 0.09 0.42 -16.34
CA SER A 175 -0.87 -0.63 -15.98
C SER A 175 -1.03 -0.79 -14.48
N ASP A 176 -0.16 -0.14 -13.72
CA ASP A 176 -0.20 -0.22 -12.27
C ASP A 176 -1.19 0.77 -11.66
N LYS A 177 -1.32 1.93 -12.30
CA LYS A 177 -2.17 2.98 -11.77
C LYS A 177 -3.50 3.17 -12.52
N VAL A 178 -3.72 2.37 -13.55
CA VAL A 178 -4.94 2.51 -14.33
C VAL A 178 -5.39 1.17 -14.86
N PRO A 179 -6.72 1.00 -15.02
CA PRO A 179 -7.26 -0.26 -15.53
C PRO A 179 -6.67 -0.48 -16.91
N ARG A 180 -6.26 -1.70 -17.23
CA ARG A 180 -5.70 -1.93 -18.54
C ARG A 180 -6.78 -2.02 -19.61
N PHE A 181 -8.04 -1.99 -19.18
CA PHE A 181 -9.17 -2.01 -20.10
C PHE A 181 -10.17 -0.92 -19.76
N VAL A 182 -10.30 0.05 -20.65
CA VAL A 182 -11.23 1.15 -20.43
C VAL A 182 -12.48 0.87 -21.24
N ASN A 183 -13.64 1.20 -20.67
CA ASN A 183 -14.91 1.00 -21.36
C ASN A 183 -15.22 2.26 -22.16
N LEU A 184 -15.56 2.09 -23.43
CA LEU A 184 -15.89 3.22 -24.29
C LEU A 184 -17.38 3.43 -24.29
N PRO A 185 -17.82 4.60 -24.75
CA PRO A 185 -19.25 4.90 -24.81
C PRO A 185 -19.86 4.30 -26.09
N PRO A 186 -20.88 3.44 -25.94
CA PRO A 186 -21.57 2.77 -27.05
C PRO A 186 -22.00 3.73 -28.16
N GLU A 187 -21.33 3.64 -29.31
CA GLU A 187 -21.60 4.52 -30.44
C GLU A 187 -23.08 4.75 -30.76
N ALA A 188 -23.79 3.72 -31.20
CA ALA A 188 -25.20 3.90 -31.54
C ALA A 188 -26.14 3.03 -30.69
N PRO A 189 -26.31 1.74 -31.03
CA PRO A 189 -27.21 0.92 -30.21
C PRO A 189 -26.72 0.76 -28.78
N ARG A 190 -27.63 0.41 -27.88
CA ARG A 190 -27.28 0.22 -26.48
C ARG A 190 -26.91 -1.24 -26.25
N ARG A 191 -26.80 -1.99 -27.35
CA ARG A 191 -26.43 -3.40 -27.33
C ARG A 191 -24.96 -3.54 -27.01
N ARG A 192 -24.18 -2.55 -27.46
CA ARG A 192 -22.73 -2.53 -27.27
C ARG A 192 -22.15 -2.57 -25.85
N LYS A 193 -20.91 -3.02 -25.82
CA LYS A 193 -20.08 -3.14 -24.64
C LYS A 193 -18.66 -2.99 -25.18
N PRO A 194 -18.38 -1.89 -25.88
CA PRO A 194 -17.04 -1.67 -26.43
C PRO A 194 -15.98 -1.27 -25.43
N MET A 195 -14.85 -1.96 -25.47
CA MET A 195 -13.73 -1.64 -24.61
C MET A 195 -12.48 -1.49 -25.46
N ILE A 196 -11.45 -0.89 -24.88
CA ILE A 196 -10.19 -0.67 -25.58
C ILE A 196 -9.03 -0.88 -24.63
N LEU A 197 -7.91 -1.37 -25.17
CA LEU A 197 -6.71 -1.59 -24.37
C LEU A 197 -6.03 -0.25 -24.09
N LEU A 198 -5.52 -0.10 -22.87
CA LEU A 198 -4.85 1.12 -22.48
C LEU A 198 -3.74 1.48 -23.45
N ASP A 199 -3.00 0.47 -23.91
CA ASP A 199 -1.93 0.74 -24.85
C ASP A 199 -2.47 1.46 -26.06
N ASN A 200 -3.60 1.01 -26.57
CA ASN A 200 -4.16 1.62 -27.75
C ASN A 200 -4.72 3.01 -27.52
N ILE A 201 -4.98 3.36 -26.27
CA ILE A 201 -5.47 4.70 -25.99
C ILE A 201 -4.31 5.63 -26.25
N LEU A 202 -3.12 5.22 -25.81
CA LEU A 202 -1.93 6.03 -26.01
C LEU A 202 -1.61 6.14 -27.50
N ARG A 203 -1.83 5.07 -28.26
CA ARG A 203 -1.54 5.12 -29.69
C ARG A 203 -2.43 6.15 -30.36
N TYR A 204 -3.69 6.21 -29.94
CA TYR A 204 -4.59 7.18 -30.53
C TYR A 204 -4.26 8.59 -30.08
N CYS A 205 -3.81 8.73 -28.84
CA CYS A 205 -3.51 10.06 -28.31
C CYS A 205 -2.07 10.52 -28.44
N LEU A 206 -1.25 9.78 -29.18
CA LEU A 206 0.14 10.22 -29.31
C LEU A 206 0.27 11.71 -29.60
N ASP A 207 -0.52 12.20 -30.55
CA ASP A 207 -0.48 13.61 -30.93
C ASP A 207 -0.70 14.53 -29.73
N ASP A 208 -1.78 14.28 -28.98
CA ASP A 208 -2.09 15.06 -27.79
C ASP A 208 -0.94 15.05 -26.79
N ILE A 209 -0.11 14.02 -26.88
CA ILE A 209 1.01 13.89 -25.95
C ILE A 209 2.21 14.73 -26.33
N PHE A 210 2.49 14.82 -27.63
CA PHE A 210 3.65 15.57 -28.09
C PHE A 210 3.43 16.92 -28.74
N LYS A 211 2.25 17.16 -29.32
CA LYS A 211 2.03 18.43 -30.00
C LYS A 211 2.44 19.61 -29.13
N GLY A 212 2.32 19.44 -27.81
CA GLY A 212 2.65 20.54 -26.91
C GLY A 212 4.05 21.07 -27.00
N PHE A 213 5.04 20.19 -27.17
CA PHE A 213 6.42 20.64 -27.21
C PHE A 213 7.25 20.10 -28.38
N PHE A 214 6.59 19.51 -29.37
CA PHE A 214 7.34 18.99 -30.51
C PHE A 214 6.73 19.29 -31.87
N ASP A 215 7.60 19.52 -32.84
CA ASP A 215 7.16 19.79 -34.18
C ASP A 215 7.43 18.50 -34.91
N TYR A 216 6.46 18.01 -35.67
CA TYR A 216 6.63 16.77 -36.40
C TYR A 216 5.59 16.53 -37.50
N ASP A 217 5.95 15.68 -38.47
CA ASP A 217 5.07 15.35 -39.58
C ASP A 217 4.26 14.10 -39.25
N ALA A 218 4.89 13.17 -38.54
CA ALA A 218 4.24 11.94 -38.18
C ALA A 218 4.78 11.37 -36.87
N LEU A 219 3.93 10.62 -36.17
CA LEU A 219 4.27 9.99 -34.91
C LEU A 219 3.96 8.49 -35.01
N ASN A 220 4.96 7.65 -34.77
CA ASN A 220 4.74 6.20 -34.84
C ASN A 220 5.14 5.53 -33.54
N ALA A 221 4.27 4.66 -33.04
CA ALA A 221 4.54 3.96 -31.80
C ALA A 221 4.75 2.46 -32.01
N TYR A 222 5.66 1.89 -31.23
CA TYR A 222 5.95 0.47 -31.31
C TYR A 222 6.11 -0.01 -29.87
N SER A 223 5.36 -1.04 -29.50
CA SER A 223 5.42 -1.57 -28.14
C SER A 223 6.68 -2.36 -27.88
N MET A 224 7.14 -2.37 -26.64
CA MET A 224 8.34 -3.12 -26.24
C MET A 224 8.24 -3.52 -24.78
N LYS A 225 8.98 -4.54 -24.39
CA LYS A 225 8.97 -5.03 -23.02
C LYS A 225 10.36 -5.57 -22.72
N MET A 226 10.87 -5.29 -21.52
CA MET A 226 12.19 -5.77 -21.15
C MET A 226 12.04 -6.76 -20.01
N THR A 227 12.85 -7.81 -20.03
CA THR A 227 12.80 -8.82 -18.97
C THR A 227 14.21 -9.19 -18.56
N ARG A 228 14.36 -9.74 -17.35
CA ARG A 228 15.68 -10.13 -16.88
C ARG A 228 15.67 -11.54 -16.31
N ASP A 229 16.66 -12.33 -16.70
CA ASP A 229 16.77 -13.71 -16.22
C ASP A 229 16.83 -13.72 -14.70
N ALA A 230 16.21 -14.74 -14.11
CA ALA A 230 16.18 -14.88 -12.66
C ALA A 230 17.56 -15.08 -12.07
N GLU A 231 17.79 -14.47 -10.92
CA GLU A 231 19.06 -14.55 -10.22
C GLU A 231 19.54 -15.98 -10.05
N TYR A 232 20.71 -16.26 -10.59
CA TYR A 232 21.31 -17.60 -10.51
C TYR A 232 21.36 -18.14 -9.09
N ASP A 233 20.40 -18.99 -8.75
CA ASP A 233 20.34 -19.57 -7.41
C ASP A 233 20.01 -21.06 -7.50
N LEU A 234 18.99 -21.37 -8.29
CA LEU A 234 18.53 -22.74 -8.50
C LEU A 234 19.56 -23.66 -9.16
N VAL A 235 20.55 -23.07 -9.83
CA VAL A 235 21.57 -23.85 -10.52
C VAL A 235 22.75 -24.24 -9.62
N HIS A 236 22.99 -23.49 -8.54
CA HIS A 236 24.09 -23.80 -7.63
C HIS A 236 23.64 -24.77 -6.54
N GLU A 237 22.40 -25.23 -6.67
CA GLU A 237 21.84 -26.18 -5.71
C GLU A 237 22.10 -27.58 -6.24
N MET A 238 22.98 -27.67 -7.23
CA MET A 238 23.29 -28.97 -7.83
C MET A 238 24.78 -29.18 -8.08
N GLU A 239 25.55 -28.09 -8.07
CA GLU A 239 27.00 -28.17 -8.29
C GLU A 239 27.71 -28.78 -7.08
N ALA A 240 27.96 -30.09 -7.14
CA ALA A 240 28.64 -30.80 -6.06
C ALA A 240 30.12 -31.00 -6.41
N SER A 241 30.39 -31.96 -7.29
CA SER A 241 31.76 -32.24 -7.73
C SER A 241 32.21 -31.19 -8.73
N LEU A 242 31.23 -30.45 -9.26
CA LEU A 242 31.49 -29.40 -10.23
C LEU A 242 31.92 -28.10 -9.57
N MET A 243 31.18 -27.67 -8.56
CA MET A 243 31.53 -26.43 -7.89
C MET A 243 32.53 -26.57 -6.75
N GLU A 244 33.07 -27.76 -6.55
CA GLU A 244 34.07 -27.92 -5.49
C GLU A 244 35.42 -27.75 -6.17
N LEU A 245 35.38 -27.71 -7.51
CA LEU A 245 36.57 -27.53 -8.34
C LEU A 245 36.26 -26.57 -9.47
N MET A 246 35.13 -25.88 -9.36
CA MET A 246 34.68 -24.94 -10.38
C MET A 246 35.66 -23.80 -10.65
N SER A 247 35.71 -23.38 -11.91
CA SER A 247 36.60 -22.30 -12.33
C SER A 247 35.96 -20.94 -12.09
N SER A 248 36.79 -19.90 -12.05
CA SER A 248 36.32 -18.54 -11.80
C SER A 248 35.87 -17.82 -13.07
N SER A 249 35.91 -18.53 -14.19
CA SER A 249 35.48 -17.99 -15.47
C SER A 249 34.13 -18.63 -15.79
N LEU A 250 33.70 -19.46 -14.85
CA LEU A 250 32.44 -20.18 -14.95
C LEU A 250 31.53 -19.62 -13.87
N LYS A 251 32.10 -18.83 -12.98
CA LYS A 251 31.34 -18.21 -11.90
C LYS A 251 30.84 -16.85 -12.37
N GLN A 252 31.64 -16.21 -13.23
CA GLN A 252 31.28 -14.90 -13.76
C GLN A 252 30.46 -15.13 -15.03
N ARG A 253 30.51 -16.37 -15.52
CA ARG A 253 29.81 -16.76 -16.74
C ARG A 253 28.49 -17.48 -16.40
N LEU A 254 28.30 -17.82 -15.12
CA LEU A 254 27.09 -18.49 -14.66
C LEU A 254 26.17 -17.55 -13.92
N THR A 255 26.76 -16.57 -13.25
CA THR A 255 26.02 -15.59 -12.46
C THR A 255 25.56 -14.39 -13.29
N ALA A 256 26.19 -14.18 -14.44
CA ALA A 256 25.82 -13.06 -15.31
C ALA A 256 24.42 -13.30 -15.86
N GLU A 257 23.43 -12.66 -15.23
CA GLU A 257 22.05 -12.81 -15.68
C GLU A 257 21.76 -11.87 -16.85
N PRO A 258 21.51 -12.45 -18.03
CA PRO A 258 21.22 -11.73 -19.27
C PRO A 258 19.91 -10.95 -19.25
N VAL A 259 19.69 -10.17 -20.30
CA VAL A 259 18.49 -9.36 -20.42
C VAL A 259 17.76 -9.67 -21.71
N ARG A 260 16.44 -9.85 -21.63
CA ARG A 260 15.62 -10.12 -22.79
C ARG A 260 14.87 -8.86 -23.17
N PHE A 261 14.47 -8.77 -24.43
CA PHE A 261 13.78 -7.59 -24.89
C PHE A 261 12.95 -7.86 -26.14
N VAL A 262 11.64 -7.85 -25.96
CA VAL A 262 10.71 -8.09 -27.05
C VAL A 262 10.18 -6.75 -27.54
N TYR A 263 10.04 -6.63 -28.86
CA TYR A 263 9.54 -5.40 -29.43
C TYR A 263 8.57 -5.71 -30.58
N GLN A 264 7.67 -4.77 -30.85
CA GLN A 264 6.71 -4.91 -31.92
C GLN A 264 7.47 -5.11 -33.24
N ARG A 265 7.03 -6.07 -34.05
CA ARG A 265 7.65 -6.41 -35.33
C ARG A 265 8.04 -5.26 -36.28
N ASP A 266 7.12 -4.31 -36.49
CA ASP A 266 7.39 -3.19 -37.39
C ASP A 266 8.44 -2.21 -36.87
N MET A 267 8.82 -2.31 -35.61
CA MET A 267 9.80 -1.36 -35.10
C MET A 267 10.88 -1.13 -36.14
N PRO A 268 10.97 0.09 -36.67
CA PRO A 268 11.99 0.39 -37.66
C PRO A 268 13.36 -0.04 -37.12
N ASN A 269 14.21 -0.58 -37.99
CA ASN A 269 15.53 -1.02 -37.56
C ASN A 269 16.34 0.01 -36.80
N ALA A 270 16.32 1.25 -37.26
CA ALA A 270 17.08 2.31 -36.59
C ALA A 270 16.76 2.30 -35.09
N LEU A 271 15.46 2.32 -34.78
CA LEU A 271 15.03 2.34 -33.39
C LEU A 271 15.50 1.11 -32.65
N VAL A 272 15.28 -0.06 -33.24
CA VAL A 272 15.71 -1.30 -32.61
C VAL A 272 17.17 -1.21 -32.21
N GLU A 273 17.96 -0.58 -33.06
CA GLU A 273 19.39 -0.43 -32.80
C GLU A 273 19.64 0.55 -31.67
N VAL A 274 18.83 1.59 -31.63
CA VAL A 274 18.95 2.61 -30.60
C VAL A 274 18.76 1.96 -29.25
N LEU A 275 17.68 1.20 -29.15
CA LEU A 275 17.32 0.50 -27.92
C LEU A 275 18.39 -0.50 -27.52
N ARG A 276 18.95 -1.18 -28.50
CA ARG A 276 20.00 -2.16 -28.27
C ARG A 276 21.17 -1.52 -27.52
N GLU A 277 21.73 -0.48 -28.13
CA GLU A 277 22.86 0.24 -27.56
C GLU A 277 22.56 0.77 -26.18
N LYS A 278 21.32 1.22 -25.99
CA LYS A 278 20.91 1.76 -24.70
C LYS A 278 20.81 0.68 -23.63
N LEU A 279 20.44 -0.53 -24.03
CA LEU A 279 20.29 -1.62 -23.07
C LEU A 279 21.46 -2.59 -23.02
N THR A 280 22.59 -2.21 -23.60
CA THR A 280 23.79 -3.04 -23.62
C THR A 280 23.45 -4.49 -23.92
N ILE A 281 22.83 -4.71 -25.07
CA ILE A 281 22.45 -6.05 -25.49
C ILE A 281 23.64 -6.81 -26.04
N SER A 282 24.36 -7.47 -25.13
CA SER A 282 25.55 -8.24 -25.48
C SER A 282 25.25 -9.48 -26.31
N ARG A 283 26.17 -10.45 -26.23
CA ARG A 283 26.05 -11.69 -26.98
C ARG A 283 25.04 -12.65 -26.36
N TYR A 284 25.03 -12.73 -25.03
CA TYR A 284 24.12 -13.64 -24.34
C TYR A 284 22.79 -13.01 -23.95
N ASP A 285 22.50 -11.85 -24.53
CA ASP A 285 21.23 -11.15 -24.30
C ASP A 285 20.41 -11.47 -25.55
N SER A 286 19.09 -11.37 -25.47
CA SER A 286 18.28 -11.69 -26.64
C SER A 286 17.28 -10.62 -27.06
N ILE A 287 17.19 -10.41 -28.37
CA ILE A 287 16.28 -9.43 -28.93
C ILE A 287 15.26 -10.23 -29.73
N VAL A 288 13.99 -10.06 -29.41
CA VAL A 288 12.97 -10.82 -30.11
C VAL A 288 11.78 -9.99 -30.53
N PRO A 289 11.40 -10.06 -31.81
CA PRO A 289 10.25 -9.32 -32.34
C PRO A 289 9.02 -10.15 -32.04
N GLY A 290 7.98 -9.54 -31.47
CA GLY A 290 6.82 -10.34 -31.16
C GLY A 290 5.45 -9.74 -30.94
N GLY A 291 4.92 -9.05 -31.93
CA GLY A 291 3.59 -8.53 -31.76
C GLY A 291 3.35 -7.21 -31.08
N ARG A 292 2.14 -6.71 -31.33
CA ARG A 292 1.66 -5.45 -30.83
C ARG A 292 1.47 -5.34 -29.32
N TYR A 293 0.97 -6.41 -28.71
CA TYR A 293 0.73 -6.39 -27.26
C TYR A 293 1.57 -7.39 -26.49
N HIS A 294 2.06 -6.94 -25.34
CA HIS A 294 2.88 -7.76 -24.47
C HIS A 294 2.18 -7.81 -23.12
N ASN A 295 2.65 -8.66 -22.23
CA ASN A 295 2.02 -8.78 -20.94
C ASN A 295 0.57 -9.23 -21.09
N PHE A 296 0.37 -10.33 -21.82
CA PHE A 296 -0.97 -10.87 -21.99
C PHE A 296 -1.44 -11.44 -20.67
N LYS A 297 -0.52 -11.47 -19.70
CA LYS A 297 -0.84 -12.00 -18.38
C LYS A 297 -1.79 -11.08 -17.61
N ASP A 298 -2.12 -9.95 -18.21
CA ASP A 298 -3.05 -9.03 -17.57
C ASP A 298 -4.46 -9.55 -17.80
N PHE A 299 -4.61 -10.43 -18.78
CA PHE A 299 -5.90 -11.01 -19.09
C PHE A 299 -6.36 -11.91 -17.98
N ILE A 300 -5.46 -12.23 -17.06
CA ILE A 300 -5.79 -13.07 -15.91
C ILE A 300 -6.87 -12.33 -15.14
N ASN A 301 -6.86 -11.01 -15.28
CA ASN A 301 -7.83 -10.19 -14.59
C ASN A 301 -8.76 -9.51 -15.58
N PHE A 302 -9.02 -10.16 -16.71
CA PHE A 302 -9.93 -9.60 -17.70
C PHE A 302 -11.30 -9.46 -17.04
N PRO A 303 -11.89 -8.26 -17.11
CA PRO A 303 -13.20 -7.99 -16.51
C PRO A 303 -14.35 -8.73 -17.18
N ASN A 304 -15.35 -9.11 -16.40
CA ASN A 304 -16.51 -9.80 -16.96
C ASN A 304 -17.61 -8.79 -17.21
N VAL A 305 -17.61 -8.25 -18.43
CA VAL A 305 -18.59 -7.24 -18.86
C VAL A 305 -20.00 -7.78 -19.00
N GLY A 306 -20.14 -8.96 -19.61
CA GLY A 306 -21.45 -9.55 -19.82
C GLY A 306 -22.13 -10.16 -18.60
N LYS A 307 -22.89 -11.23 -18.85
CA LYS A 307 -23.64 -11.91 -17.80
C LYS A 307 -22.82 -12.98 -17.09
N ALA A 308 -23.35 -13.47 -15.97
CA ALA A 308 -22.67 -14.50 -15.19
C ALA A 308 -22.32 -15.75 -15.99
N ASN A 309 -22.95 -15.93 -17.14
CA ASN A 309 -22.68 -17.09 -17.99
C ASN A 309 -21.23 -17.17 -18.41
N LEU A 310 -20.64 -15.99 -18.64
CA LEU A 310 -19.27 -15.87 -19.11
C LEU A 310 -18.20 -16.24 -18.08
N VAL A 311 -18.63 -16.51 -16.85
CA VAL A 311 -17.70 -16.88 -15.78
C VAL A 311 -18.18 -18.10 -15.01
N ASN A 312 -17.23 -18.90 -14.50
CA ASN A 312 -17.55 -20.09 -13.72
C ASN A 312 -18.38 -19.72 -12.52
N LYS A 313 -19.24 -20.64 -12.09
CA LYS A 313 -20.06 -20.42 -10.91
C LYS A 313 -19.18 -20.83 -9.74
N PRO A 314 -19.03 -19.95 -8.74
CA PRO A 314 -18.19 -20.21 -7.55
C PRO A 314 -18.49 -21.52 -6.82
N LEU A 315 -17.43 -22.14 -6.34
CA LEU A 315 -17.55 -23.38 -5.58
C LEU A 315 -17.10 -22.96 -4.18
N PRO A 316 -18.04 -22.44 -3.38
CA PRO A 316 -17.87 -21.95 -2.02
C PRO A 316 -17.05 -22.91 -1.17
N ARG A 317 -15.93 -22.41 -0.68
CA ARG A 317 -15.02 -23.20 0.15
C ARG A 317 -15.84 -23.66 1.38
N LEU A 318 -15.86 -24.96 1.63
CA LEU A 318 -16.61 -25.52 2.74
C LEU A 318 -15.87 -25.51 4.05
N ARG A 319 -16.63 -25.50 5.14
CA ARG A 319 -16.07 -25.54 6.48
C ARG A 319 -16.02 -27.01 6.82
N HIS A 320 -15.02 -27.42 7.57
CA HIS A 320 -14.98 -28.81 7.97
C HIS A 320 -15.85 -28.85 9.21
N ILE A 321 -17.12 -29.17 9.01
CA ILE A 321 -18.11 -29.22 10.08
C ILE A 321 -17.60 -29.82 11.38
N TRP A 322 -16.71 -30.79 11.30
CA TRP A 322 -16.17 -31.40 12.51
C TRP A 322 -15.66 -30.33 13.52
N PHE A 323 -14.99 -29.30 13.02
CA PHE A 323 -14.47 -28.24 13.90
C PHE A 323 -15.57 -27.45 14.60
N ASP A 324 -16.78 -27.45 14.05
CA ASP A 324 -17.85 -26.69 14.67
C ASP A 324 -18.80 -27.46 15.57
N LYS A 325 -18.47 -28.71 15.87
CA LYS A 325 -19.31 -29.51 16.75
C LYS A 325 -19.34 -28.87 18.13
N ALA A 326 -20.53 -28.76 18.70
CA ALA A 326 -20.69 -28.17 20.02
C ALA A 326 -19.85 -28.89 21.06
N GLN A 327 -19.66 -30.19 20.88
CA GLN A 327 -18.86 -30.94 21.85
C GLN A 327 -17.44 -30.40 22.02
N PHE A 328 -16.88 -29.82 20.96
CA PHE A 328 -15.51 -29.27 21.00
C PHE A 328 -15.48 -27.81 21.43
N ARG A 329 -14.60 -27.49 22.35
CA ARG A 329 -14.49 -26.13 22.83
C ARG A 329 -13.47 -25.28 22.07
N ASN A 330 -12.73 -25.91 21.16
CA ASN A 330 -11.74 -25.22 20.36
C ASN A 330 -11.06 -26.21 19.41
N GLY A 331 -10.22 -25.69 18.51
CA GLY A 331 -9.54 -26.51 17.52
C GLY A 331 -8.90 -27.76 18.08
N PHE A 332 -8.15 -27.58 19.15
CA PHE A 332 -7.47 -28.67 19.80
C PHE A 332 -8.34 -29.85 20.20
N ASP A 333 -9.49 -29.58 20.81
CA ASP A 333 -10.37 -30.67 21.22
C ASP A 333 -10.79 -31.50 20.00
N ALA A 334 -11.01 -30.81 18.88
CA ALA A 334 -11.42 -31.48 17.65
C ALA A 334 -10.32 -32.38 17.13
N ILE A 335 -9.10 -31.85 17.09
CA ILE A 335 -7.97 -32.60 16.60
C ILE A 335 -7.52 -33.74 17.50
N ARG A 336 -7.68 -33.58 18.82
CA ARG A 336 -7.29 -34.63 19.75
C ARG A 336 -8.24 -35.83 19.67
N GLU A 337 -9.48 -35.56 19.29
CA GLU A 337 -10.50 -36.60 19.16
C GLU A 337 -10.27 -37.47 17.93
N ARG A 338 -9.96 -36.83 16.81
CA ARG A 338 -9.69 -37.51 15.54
C ARG A 338 -8.75 -36.69 14.69
N ASP A 339 -7.91 -37.36 13.91
CA ASP A 339 -7.00 -36.67 13.00
C ASP A 339 -7.91 -35.95 12.00
N VAL A 340 -7.45 -34.81 11.49
CA VAL A 340 -8.26 -34.06 10.54
C VAL A 340 -7.54 -33.88 9.21
N LEU A 341 -8.27 -34.10 8.14
CA LEU A 341 -7.75 -33.94 6.81
C LEU A 341 -8.61 -32.94 6.06
N LEU A 342 -7.98 -31.90 5.55
CA LEU A 342 -8.68 -30.88 4.78
C LEU A 342 -8.08 -30.94 3.37
N TYR A 343 -8.91 -30.75 2.36
CA TYR A 343 -8.47 -30.78 0.97
C TYR A 343 -8.89 -29.45 0.36
N TYR A 344 -7.93 -28.56 0.13
CA TYR A 344 -8.25 -27.26 -0.47
C TYR A 344 -8.28 -27.40 -1.99
N PRO A 345 -8.97 -26.47 -2.67
CA PRO A 345 -9.68 -25.33 -2.07
C PRO A 345 -11.12 -25.73 -1.75
N TYR A 346 -11.42 -27.02 -1.89
CA TYR A 346 -12.76 -27.49 -1.61
C TYR A 346 -13.12 -27.06 -0.18
N HIS A 347 -12.12 -27.11 0.71
CA HIS A 347 -12.28 -26.70 2.11
C HIS A 347 -11.70 -25.28 2.24
N THR A 348 -11.93 -24.63 3.39
CA THR A 348 -11.37 -23.29 3.63
C THR A 348 -10.02 -23.44 4.29
N PHE A 349 -9.13 -22.49 4.04
CA PHE A 349 -7.81 -22.51 4.66
C PHE A 349 -8.01 -21.84 6.01
N GLU A 350 -9.22 -21.33 6.16
CA GLU A 350 -9.66 -20.61 7.34
C GLU A 350 -9.44 -21.40 8.62
N HIS A 351 -9.67 -22.71 8.58
CA HIS A 351 -9.47 -23.54 9.75
C HIS A 351 -8.04 -23.49 10.26
N VAL A 352 -7.07 -23.54 9.35
CA VAL A 352 -5.68 -23.48 9.77
C VAL A 352 -5.33 -22.12 10.34
N LEU A 353 -5.85 -21.07 9.72
CA LEU A 353 -5.58 -19.73 10.23
C LEU A 353 -6.19 -19.56 11.62
N GLU A 354 -7.40 -20.09 11.80
CA GLU A 354 -8.09 -20.01 13.09
C GLU A 354 -7.24 -20.66 14.20
N LEU A 355 -6.80 -21.89 13.94
CA LEU A 355 -6.01 -22.66 14.88
C LEU A 355 -4.74 -21.91 15.26
N LEU A 356 -4.01 -21.42 14.27
CA LEU A 356 -2.79 -20.68 14.56
C LEU A 356 -3.12 -19.44 15.40
N ARG A 357 -4.24 -18.78 15.12
CA ARG A 357 -4.63 -17.61 15.90
C ARG A 357 -4.95 -18.03 17.35
N GLN A 358 -5.74 -19.09 17.48
CA GLN A 358 -6.10 -19.61 18.79
C GLN A 358 -4.79 -19.94 19.50
N ALA A 359 -3.88 -20.60 18.79
CA ALA A 359 -2.61 -20.99 19.36
C ALA A 359 -1.83 -19.80 19.87
N SER A 360 -1.96 -18.68 19.19
CA SER A 360 -1.22 -17.49 19.60
C SER A 360 -1.64 -16.89 20.95
N PHE A 361 -2.82 -17.26 21.46
CA PHE A 361 -3.25 -16.71 22.74
C PHE A 361 -3.77 -17.69 23.78
N ASP A 362 -3.92 -18.96 23.40
CA ASP A 362 -4.36 -19.98 24.34
C ASP A 362 -3.31 -19.98 25.45
N PRO A 363 -3.68 -19.61 26.67
CA PRO A 363 -2.68 -19.60 27.74
C PRO A 363 -1.94 -20.93 27.94
N SER A 364 -2.57 -22.04 27.57
CA SER A 364 -1.94 -23.33 27.75
C SER A 364 -0.94 -23.69 26.65
N VAL A 365 -0.84 -22.85 25.62
CA VAL A 365 0.10 -23.13 24.55
C VAL A 365 1.47 -22.59 24.92
N LEU A 366 2.48 -23.47 24.90
CA LEU A 366 3.86 -23.10 25.26
C LEU A 366 4.75 -22.69 24.10
N ALA A 367 4.61 -23.38 22.97
CA ALA A 367 5.44 -23.05 21.83
C ALA A 367 4.74 -23.30 20.52
N ILE A 368 5.28 -22.69 19.48
CA ILE A 368 4.77 -22.80 18.13
C ILE A 368 5.98 -22.73 17.21
N LYS A 369 6.11 -23.72 16.32
CA LYS A 369 7.18 -23.74 15.34
C LYS A 369 6.44 -23.82 14.02
N ILE A 370 6.94 -23.17 12.99
CA ILE A 370 6.27 -23.20 11.70
C ILE A 370 7.17 -22.88 10.52
N ASN A 371 6.85 -23.49 9.39
CA ASN A 371 7.58 -23.30 8.13
C ASN A 371 6.93 -22.27 7.26
N ILE A 372 7.73 -21.36 6.75
CA ILE A 372 7.24 -20.34 5.84
C ILE A 372 8.07 -20.40 4.56
N TYR A 373 7.45 -20.82 3.47
CA TYR A 373 8.15 -20.91 2.19
C TYR A 373 7.72 -19.67 1.40
N ARG A 374 6.46 -19.67 0.98
CA ARG A 374 5.90 -18.52 0.26
C ARG A 374 4.54 -18.23 0.89
N VAL A 375 4.48 -17.15 1.66
CA VAL A 375 3.23 -16.77 2.32
C VAL A 375 2.57 -15.62 1.58
N ALA A 376 1.28 -15.39 1.86
CA ALA A 376 0.54 -14.31 1.22
C ALA A 376 1.14 -12.95 1.63
N LYS A 377 0.66 -11.87 1.01
CA LYS A 377 1.14 -10.53 1.34
C LYS A 377 0.59 -10.16 2.73
N ASP A 378 1.49 -9.82 3.66
CA ASP A 378 1.08 -9.47 5.02
C ASP A 378 0.33 -10.64 5.64
N SER A 379 0.96 -11.81 5.62
CA SER A 379 0.33 -13.02 6.15
C SER A 379 -0.32 -12.82 7.51
N ARG A 380 -1.51 -13.36 7.67
CA ARG A 380 -2.20 -13.30 8.93
C ARG A 380 -1.37 -14.23 9.80
N ILE A 381 -0.68 -15.17 9.15
CA ILE A 381 0.15 -16.12 9.89
C ILE A 381 1.33 -15.40 10.55
N ILE A 382 2.03 -14.58 9.77
CA ILE A 382 3.15 -13.84 10.31
C ILE A 382 2.62 -13.07 11.50
N ASP A 383 1.43 -12.51 11.32
CA ASP A 383 0.79 -11.73 12.38
C ASP A 383 0.61 -12.53 13.66
N SER A 384 -0.05 -13.68 13.54
CA SER A 384 -0.30 -14.52 14.69
C SER A 384 0.99 -14.94 15.36
N MET A 385 1.98 -15.27 14.56
CA MET A 385 3.25 -15.69 15.12
C MET A 385 3.87 -14.58 15.95
N ILE A 386 3.64 -13.33 15.56
CA ILE A 386 4.18 -12.20 16.31
C ILE A 386 3.37 -11.98 17.59
N HIS A 387 2.06 -12.14 17.47
CA HIS A 387 1.18 -12.01 18.62
C HIS A 387 1.57 -13.08 19.62
N ALA A 388 1.80 -14.30 19.12
CA ALA A 388 2.18 -15.40 19.98
C ALA A 388 3.42 -15.01 20.77
N ALA A 389 4.41 -14.46 20.08
CA ALA A 389 5.64 -14.01 20.72
C ALA A 389 5.31 -13.01 21.82
N HIS A 390 4.49 -12.02 21.51
CA HIS A 390 4.11 -11.03 22.53
C HIS A 390 3.49 -11.73 23.71
N ASN A 391 2.67 -12.74 23.47
CA ASN A 391 2.05 -13.46 24.58
C ASN A 391 3.00 -14.39 25.32
N GLY A 392 4.26 -14.35 24.95
CA GLY A 392 5.24 -15.16 25.64
C GLY A 392 5.45 -16.60 25.21
N LYS A 393 4.72 -17.06 24.18
CA LYS A 393 4.91 -18.43 23.73
C LYS A 393 6.30 -18.42 23.09
N LYS A 394 6.98 -19.56 23.07
CA LYS A 394 8.28 -19.59 22.40
C LYS A 394 7.94 -19.89 20.95
N VAL A 395 8.18 -18.90 20.08
CA VAL A 395 7.88 -19.04 18.68
C VAL A 395 9.11 -19.15 17.81
N THR A 396 9.19 -20.24 17.07
CA THR A 396 10.30 -20.45 16.16
C THR A 396 9.71 -20.42 14.75
N VAL A 397 10.35 -19.67 13.86
CA VAL A 397 9.84 -19.58 12.51
C VAL A 397 10.93 -19.86 11.47
N VAL A 398 10.85 -21.03 10.86
CA VAL A 398 11.80 -21.37 9.83
C VAL A 398 11.31 -20.67 8.56
N VAL A 399 12.15 -19.82 8.00
CA VAL A 399 11.78 -19.07 6.81
C VAL A 399 12.72 -19.40 5.65
N GLU A 400 12.13 -19.81 4.53
CA GLU A 400 12.90 -20.12 3.33
C GLU A 400 13.00 -18.86 2.51
N LEU A 401 13.92 -17.98 2.91
CA LEU A 401 14.11 -16.71 2.20
C LEU A 401 14.73 -16.99 0.85
N GLN A 402 14.92 -18.26 0.56
CA GLN A 402 15.51 -18.67 -0.71
C GLN A 402 14.47 -19.45 -1.52
N ALA A 403 13.26 -18.89 -1.60
CA ALA A 403 12.17 -19.52 -2.35
C ALA A 403 12.42 -19.28 -3.86
N ARG A 404 11.36 -19.18 -4.66
CA ARG A 404 11.52 -18.94 -6.09
C ARG A 404 11.20 -17.51 -6.49
N PHE A 405 10.02 -17.03 -6.11
CA PHE A 405 9.64 -15.66 -6.43
C PHE A 405 9.30 -14.91 -5.15
N ASP A 406 8.45 -15.49 -4.31
CA ASP A 406 8.10 -14.89 -3.03
C ASP A 406 9.29 -15.16 -2.10
N GLU A 407 10.42 -14.54 -2.42
CA GLU A 407 11.67 -14.71 -1.67
C GLU A 407 12.15 -13.44 -0.96
N GLU A 408 12.24 -12.34 -1.71
CA GLU A 408 12.67 -11.06 -1.15
C GLU A 408 11.68 -10.60 -0.10
N ALA A 409 10.48 -11.17 -0.14
CA ALA A 409 9.41 -10.84 0.79
C ALA A 409 9.60 -11.58 2.11
N ASN A 410 10.17 -12.79 2.05
CA ASN A 410 10.41 -13.57 3.26
C ASN A 410 11.67 -13.07 3.98
N ILE A 411 12.25 -11.98 3.50
CA ILE A 411 13.45 -11.40 4.13
C ILE A 411 13.03 -10.29 5.09
N HIS A 412 11.94 -9.60 4.75
CA HIS A 412 11.38 -8.53 5.57
C HIS A 412 10.48 -9.22 6.58
N TRP A 413 9.98 -10.38 6.18
CA TRP A 413 9.14 -11.21 7.03
C TRP A 413 10.06 -11.68 8.16
N ALA A 414 11.08 -10.88 8.45
CA ALA A 414 12.05 -11.21 9.49
C ALA A 414 12.34 -10.10 10.48
N LYS A 415 12.58 -8.88 10.00
CA LYS A 415 12.87 -7.77 10.91
C LYS A 415 11.83 -7.61 12.01
N ARG A 416 10.56 -7.84 11.69
CA ARG A 416 9.49 -7.73 12.68
C ARG A 416 9.43 -9.00 13.51
N LEU A 417 9.52 -10.16 12.87
CA LEU A 417 9.49 -11.42 13.60
C LEU A 417 10.49 -11.39 14.75
N THR A 418 11.77 -11.28 14.42
CA THR A 418 12.83 -11.25 15.42
C THR A 418 12.69 -10.11 16.41
N GLU A 419 12.19 -8.98 15.94
CA GLU A 419 12.01 -7.83 16.81
C GLU A 419 10.95 -8.11 17.88
N ALA A 420 9.96 -8.93 17.53
CA ALA A 420 8.89 -9.29 18.45
C ALA A 420 9.31 -10.37 19.44
N GLY A 421 10.44 -11.02 19.15
CA GLY A 421 10.94 -12.06 20.03
C GLY A 421 10.87 -13.47 19.46
N VAL A 422 10.57 -13.55 18.16
CA VAL A 422 10.47 -14.81 17.46
C VAL A 422 11.85 -15.28 17.10
N HIS A 423 12.15 -16.52 17.47
CA HIS A 423 13.44 -17.09 17.13
C HIS A 423 13.30 -17.50 15.66
N VAL A 424 14.06 -16.85 14.78
CA VAL A 424 14.01 -17.19 13.36
C VAL A 424 15.19 -18.09 12.98
N ILE A 425 14.97 -18.88 11.95
CA ILE A 425 15.98 -19.78 11.44
C ILE A 425 15.86 -19.60 9.94
N PHE A 426 16.98 -19.54 9.25
CA PHE A 426 16.94 -19.38 7.80
C PHE A 426 17.43 -20.58 7.03
N SER A 427 17.07 -20.62 5.75
CA SER A 427 17.45 -21.70 4.89
C SER A 427 18.93 -21.65 4.52
N ALA A 428 19.65 -22.73 4.79
CA ALA A 428 21.07 -22.77 4.45
C ALA A 428 21.23 -22.46 2.95
N PRO A 429 22.21 -21.61 2.60
CA PRO A 429 22.55 -21.17 1.24
C PRO A 429 21.91 -21.87 0.05
N GLY A 430 22.20 -23.15 -0.18
CA GLY A 430 21.61 -23.84 -1.32
C GLY A 430 20.80 -25.05 -0.94
N LEU A 431 20.01 -24.92 0.11
CA LEU A 431 19.17 -26.02 0.59
C LEU A 431 17.85 -25.44 1.07
N LYS A 432 16.81 -25.60 0.26
CA LYS A 432 15.48 -25.09 0.60
C LYS A 432 14.69 -25.97 1.53
N ILE A 433 13.91 -25.34 2.39
CA ILE A 433 13.06 -26.03 3.34
C ILE A 433 11.66 -25.87 2.73
N HIS A 434 11.21 -26.91 2.02
CA HIS A 434 9.93 -26.88 1.33
C HIS A 434 8.81 -27.54 2.14
N ALA A 435 9.16 -28.21 3.22
CA ALA A 435 8.15 -28.87 4.04
C ALA A 435 7.11 -27.87 4.52
N LYS A 436 5.86 -28.30 4.54
CA LYS A 436 4.76 -27.46 4.98
C LYS A 436 4.39 -27.90 6.39
N LEU A 437 5.13 -27.44 7.38
CA LEU A 437 4.84 -27.86 8.73
C LEU A 437 4.67 -26.77 9.76
N PHE A 438 4.10 -27.19 10.88
CA PHE A 438 3.96 -26.33 12.03
C PHE A 438 3.65 -27.23 13.21
N LEU A 439 4.23 -26.86 14.35
CA LEU A 439 4.06 -27.66 15.55
C LEU A 439 3.66 -26.81 16.73
N ILE A 440 2.59 -27.22 17.37
CA ILE A 440 2.08 -26.52 18.53
C ILE A 440 2.19 -27.44 19.72
N SER A 441 2.77 -26.93 20.81
CA SER A 441 2.92 -27.73 22.01
C SER A 441 2.13 -27.03 23.09
N ARG A 442 1.14 -27.72 23.64
CA ARG A 442 0.39 -27.11 24.70
C ARG A 442 0.12 -28.05 25.86
N LYS A 443 0.00 -27.47 27.04
CA LYS A 443 -0.23 -28.22 28.27
C LYS A 443 -1.67 -28.64 28.40
N GLU A 444 -1.88 -29.92 28.65
CA GLU A 444 -3.23 -30.43 28.83
C GLU A 444 -3.14 -31.21 30.13
N ASN A 445 -3.59 -30.55 31.19
CA ASN A 445 -3.55 -31.08 32.55
C ASN A 445 -2.26 -31.84 32.85
N GLY A 446 -1.18 -31.09 33.02
CA GLY A 446 0.11 -31.67 33.34
C GLY A 446 1.01 -32.06 32.18
N GLU A 447 0.50 -32.87 31.27
CA GLU A 447 1.29 -33.32 30.14
C GLU A 447 1.41 -32.27 29.04
N VAL A 448 2.43 -32.44 28.20
CA VAL A 448 2.65 -31.57 27.05
C VAL A 448 2.17 -32.36 25.86
N VAL A 449 1.09 -31.88 25.23
CA VAL A 449 0.54 -32.55 24.07
C VAL A 449 0.87 -31.71 22.85
N ARG A 450 1.31 -32.38 21.79
CA ARG A 450 1.67 -31.68 20.56
C ARG A 450 0.68 -31.86 19.43
N TYR A 451 0.46 -30.78 18.71
CA TYR A 451 -0.44 -30.80 17.56
C TYR A 451 0.43 -30.41 16.38
N ALA A 452 0.28 -31.12 15.27
CA ALA A 452 1.09 -30.82 14.10
C ALA A 452 0.29 -30.75 12.84
N HIS A 453 0.81 -29.96 11.91
CA HIS A 453 0.20 -29.81 10.61
C HIS A 453 1.26 -30.17 9.59
N ILE A 454 0.91 -31.08 8.69
CA ILE A 454 1.81 -31.45 7.63
C ILE A 454 1.00 -31.25 6.39
N GLY A 455 1.49 -30.39 5.49
CA GLY A 455 0.74 -30.15 4.28
C GLY A 455 1.49 -30.42 3.01
N THR A 456 0.75 -30.33 1.91
CA THR A 456 1.33 -30.55 0.61
C THR A 456 1.51 -29.21 -0.06
N GLY A 457 0.78 -28.22 0.43
CA GLY A 457 0.90 -26.90 -0.16
C GLY A 457 1.30 -25.90 0.88
N ASN A 458 1.79 -24.74 0.49
CA ASN A 458 2.20 -23.83 1.53
C ASN A 458 1.11 -23.01 2.17
N PHE A 459 1.49 -22.39 3.28
CA PHE A 459 0.60 -21.58 4.08
C PHE A 459 0.27 -20.27 3.36
N ASN A 460 -0.29 -20.36 2.16
CA ASN A 460 -0.63 -19.17 1.40
C ASN A 460 -2.14 -19.00 1.19
N GLU A 461 -2.67 -17.94 1.79
CA GLU A 461 -4.09 -17.61 1.74
C GLU A 461 -4.78 -17.53 0.38
N LYS A 462 -4.14 -16.93 -0.61
CA LYS A 462 -4.73 -16.84 -1.96
C LYS A 462 -4.64 -18.21 -2.62
N THR A 463 -3.42 -18.73 -2.61
CA THR A 463 -3.09 -20.03 -3.15
C THR A 463 -4.09 -21.07 -2.68
N ALA A 464 -4.35 -21.08 -1.37
CA ALA A 464 -5.28 -22.03 -0.76
C ALA A 464 -6.63 -22.03 -1.48
N ARG A 465 -6.84 -21.08 -2.38
CA ARG A 465 -8.10 -20.96 -3.11
C ARG A 465 -8.03 -21.29 -4.59
N LEU A 466 -6.81 -21.55 -5.08
CA LEU A 466 -6.62 -21.87 -6.48
C LEU A 466 -5.92 -23.20 -6.63
N TYR A 467 -5.25 -23.63 -5.56
CA TYR A 467 -4.50 -24.87 -5.56
C TYR A 467 -5.17 -25.93 -4.73
N THR A 468 -5.06 -27.17 -5.18
CA THR A 468 -5.59 -28.25 -4.41
C THR A 468 -4.43 -28.68 -3.54
N ASP A 469 -4.69 -28.84 -2.24
CA ASP A 469 -3.67 -29.27 -1.31
C ASP A 469 -4.33 -29.92 -0.08
N TYR A 470 -3.63 -30.87 0.54
CA TYR A 470 -4.16 -31.48 1.74
C TYR A 470 -3.47 -30.85 2.91
N SER A 471 -4.16 -30.88 4.06
CA SER A 471 -3.63 -30.37 5.31
C SER A 471 -3.97 -31.44 6.34
N LEU A 472 -2.95 -31.99 6.99
CA LEU A 472 -3.19 -32.99 8.03
C LEU A 472 -3.00 -32.28 9.34
N LEU A 473 -4.01 -32.37 10.21
CA LEU A 473 -3.94 -31.79 11.54
C LEU A 473 -4.06 -32.99 12.46
N THR A 474 -3.00 -33.27 13.20
CA THR A 474 -3.01 -34.42 14.09
C THR A 474 -2.39 -34.19 15.47
N ALA A 475 -2.74 -35.06 16.41
CA ALA A 475 -2.20 -35.00 17.74
C ALA A 475 -1.61 -36.39 18.01
N ASP A 476 -1.64 -37.25 16.99
CA ASP A 476 -1.10 -38.59 17.09
C ASP A 476 0.39 -38.45 17.35
N ALA A 477 0.84 -38.92 18.51
CA ALA A 477 2.24 -38.81 18.89
C ALA A 477 3.22 -39.52 17.96
N ARG A 478 2.81 -40.63 17.35
CA ARG A 478 3.72 -41.30 16.45
C ARG A 478 4.18 -40.29 15.41
N ILE A 479 3.25 -39.47 14.94
CA ILE A 479 3.56 -38.44 13.94
C ILE A 479 4.03 -37.12 14.55
N THR A 480 3.39 -36.74 15.64
CA THR A 480 3.74 -35.52 16.32
C THR A 480 5.22 -35.50 16.79
N ASN A 481 5.72 -36.63 17.28
CA ASN A 481 7.10 -36.65 17.74
C ASN A 481 8.05 -36.49 16.59
N GLU A 482 7.79 -37.18 15.49
CA GLU A 482 8.65 -37.09 14.34
C GLU A 482 8.70 -35.70 13.73
N VAL A 483 7.57 -34.99 13.78
CA VAL A 483 7.53 -33.63 13.25
C VAL A 483 8.35 -32.72 14.16
N ARG A 484 8.53 -33.16 15.40
CA ARG A 484 9.32 -32.40 16.35
C ARG A 484 10.78 -32.58 15.94
N ARG A 485 11.13 -33.79 15.55
CA ARG A 485 12.49 -34.06 15.12
C ARG A 485 12.82 -33.29 13.85
N VAL A 486 11.84 -33.16 12.96
CA VAL A 486 12.14 -32.44 11.74
C VAL A 486 12.61 -31.05 12.10
N PHE A 487 11.88 -30.34 12.95
CA PHE A 487 12.31 -29.00 13.32
C PHE A 487 13.68 -29.02 14.04
N ASN A 488 13.90 -29.95 14.96
CA ASN A 488 15.20 -30.00 15.61
C ASN A 488 16.25 -30.34 14.55
N PHE A 489 15.88 -31.18 13.60
CA PHE A 489 16.79 -31.52 12.53
C PHE A 489 17.18 -30.23 11.79
N ILE A 490 16.19 -29.40 11.46
CA ILE A 490 16.45 -28.15 10.75
C ILE A 490 17.38 -27.20 11.50
N GLU A 491 17.24 -27.15 12.82
CA GLU A 491 18.06 -26.29 13.66
C GLU A 491 19.45 -26.85 13.87
N ASN A 492 19.53 -28.17 13.99
CA ASN A 492 20.82 -28.80 14.14
C ASN A 492 20.91 -30.08 13.36
N PRO A 493 21.24 -29.97 12.07
CA PRO A 493 21.38 -31.08 11.11
C PRO A 493 22.69 -31.85 11.27
N TYR A 494 23.49 -31.48 12.27
CA TYR A 494 24.77 -32.13 12.50
C TYR A 494 24.58 -33.38 13.32
N ARG A 495 23.62 -33.32 14.23
CA ARG A 495 23.31 -34.46 15.06
C ARG A 495 22.61 -35.47 14.18
N PRO A 496 23.03 -36.73 14.24
CA PRO A 496 22.38 -37.74 13.42
C PRO A 496 20.92 -37.90 13.84
N VAL A 497 20.08 -38.37 12.93
CA VAL A 497 18.66 -38.52 13.20
C VAL A 497 18.06 -39.62 12.33
N THR A 498 16.94 -40.18 12.78
CA THR A 498 16.23 -41.21 12.04
C THR A 498 14.72 -41.02 12.14
N PHE A 499 14.02 -41.38 11.07
CA PHE A 499 12.58 -41.26 11.08
C PHE A 499 11.92 -42.60 10.77
N ASP A 500 10.95 -42.98 11.60
CA ASP A 500 10.26 -44.24 11.43
C ASP A 500 8.91 -44.15 10.75
N TYR A 501 8.34 -42.95 10.65
CA TYR A 501 7.04 -42.81 10.01
C TYR A 501 7.16 -41.86 8.82
N LEU A 502 7.65 -40.67 9.10
CA LEU A 502 7.84 -39.62 8.11
C LEU A 502 8.91 -39.87 7.06
N MET A 503 8.68 -39.36 5.86
CA MET A 503 9.66 -39.44 4.78
C MET A 503 10.22 -38.03 4.88
N VAL A 504 11.54 -37.92 5.03
CA VAL A 504 12.19 -36.62 5.19
C VAL A 504 13.36 -36.42 4.26
N SER A 505 13.24 -35.49 3.32
CA SER A 505 14.36 -35.22 2.41
C SER A 505 15.30 -34.25 3.11
N PRO A 506 16.61 -34.42 2.94
CA PRO A 506 17.23 -35.44 2.09
C PRO A 506 17.88 -36.50 2.98
N GLN A 507 17.14 -36.97 3.97
CA GLN A 507 17.64 -37.95 4.92
C GLN A 507 17.05 -39.33 4.66
N ASN A 508 15.73 -39.38 4.47
CA ASN A 508 14.96 -40.60 4.30
C ASN A 508 14.63 -40.99 2.86
N SER A 509 14.01 -40.04 2.18
CA SER A 509 13.52 -40.11 0.81
C SER A 509 13.84 -41.25 -0.15
N ARG A 510 14.95 -41.12 -0.87
CA ARG A 510 15.31 -42.12 -1.84
C ARG A 510 15.26 -43.53 -1.27
N ARG A 511 15.97 -43.76 -0.18
CA ARG A 511 15.98 -45.08 0.43
C ARG A 511 14.57 -45.58 0.72
N LEU A 512 13.76 -44.69 1.29
CA LEU A 512 12.40 -45.04 1.65
C LEU A 512 11.51 -45.33 0.44
N LEU A 513 11.67 -44.55 -0.63
CA LEU A 513 10.87 -44.76 -1.82
C LEU A 513 11.33 -46.01 -2.55
N TYR A 514 12.64 -46.10 -2.79
CA TYR A 514 13.16 -47.30 -3.47
C TYR A 514 12.66 -48.50 -2.70
N GLU A 515 12.76 -48.43 -1.38
CA GLU A 515 12.29 -49.52 -0.55
C GLU A 515 10.85 -49.87 -0.86
N MET A 516 9.99 -48.87 -1.02
CA MET A 516 8.60 -49.18 -1.28
C MET A 516 8.31 -49.69 -2.68
N VAL A 517 9.01 -49.16 -3.67
CA VAL A 517 8.82 -49.62 -5.04
C VAL A 517 9.31 -51.07 -5.09
N ASP A 518 10.50 -51.29 -4.54
CA ASP A 518 11.08 -52.62 -4.53
C ASP A 518 10.17 -53.63 -3.84
N ARG A 519 9.41 -53.17 -2.84
CA ARG A 519 8.53 -54.11 -2.15
C ARG A 519 7.38 -54.53 -3.06
N GLU A 520 6.88 -53.60 -3.86
CA GLU A 520 5.79 -53.92 -4.76
C GLU A 520 6.35 -54.86 -5.82
N ILE A 521 7.58 -54.58 -6.23
CA ILE A 521 8.26 -55.40 -7.21
C ILE A 521 8.34 -56.83 -6.72
N ALA A 522 8.76 -57.01 -5.47
CA ALA A 522 8.88 -58.34 -4.91
C ALA A 522 7.52 -59.02 -4.94
N ASN A 523 6.50 -58.36 -4.40
CA ASN A 523 5.16 -58.94 -4.34
C ASN A 523 4.64 -59.42 -5.69
N ALA A 524 4.79 -58.60 -6.71
CA ALA A 524 4.30 -58.96 -8.04
C ALA A 524 4.95 -60.26 -8.49
N GLN A 525 6.27 -60.29 -8.46
CA GLN A 525 7.04 -61.44 -8.86
C GLN A 525 6.67 -62.68 -8.09
N GLN A 526 5.90 -62.50 -7.02
CA GLN A 526 5.48 -63.63 -6.22
C GLN A 526 3.98 -63.82 -6.39
N GLY A 527 3.45 -63.21 -7.44
CA GLY A 527 2.04 -63.31 -7.72
C GLY A 527 1.12 -62.60 -6.73
N LEU A 528 1.68 -61.78 -5.84
CA LEU A 528 0.87 -61.05 -4.87
C LEU A 528 0.36 -59.74 -5.45
N PRO A 529 -0.87 -59.36 -5.08
CA PRO A 529 -1.40 -58.10 -5.62
C PRO A 529 -0.44 -56.97 -5.29
N SER A 530 -0.27 -56.05 -6.22
CA SER A 530 0.63 -54.93 -6.01
C SER A 530 0.13 -53.68 -6.72
N GLY A 531 0.87 -52.59 -6.53
CA GLY A 531 0.48 -51.35 -7.17
C GLY A 531 1.10 -50.09 -6.60
N ILE A 532 1.39 -49.16 -7.49
CA ILE A 532 1.97 -47.90 -7.12
C ILE A 532 1.13 -46.84 -7.80
N THR A 533 0.52 -45.98 -7.00
CA THR A 533 -0.29 -44.89 -7.52
C THR A 533 0.28 -43.57 -7.01
N LEU A 534 0.65 -42.69 -7.92
CA LEU A 534 1.23 -41.40 -7.54
C LEU A 534 0.51 -40.21 -8.11
N LYS A 535 0.38 -39.19 -7.27
CA LYS A 535 -0.25 -37.92 -7.65
C LYS A 535 0.84 -36.90 -7.31
N LEU A 536 1.50 -36.40 -8.35
CA LEU A 536 2.59 -35.44 -8.18
C LEU A 536 2.44 -34.29 -9.15
N ASN A 537 3.25 -33.26 -8.98
CA ASN A 537 3.21 -32.13 -9.88
C ASN A 537 4.29 -32.31 -10.95
N ASN A 538 5.33 -33.08 -10.62
CA ASN A 538 6.39 -33.33 -11.57
C ASN A 538 7.05 -34.65 -11.24
N LEU A 539 7.44 -35.38 -12.27
CA LEU A 539 8.11 -36.66 -12.15
C LEU A 539 9.29 -36.59 -13.13
N VAL A 540 10.48 -36.36 -12.58
CA VAL A 540 11.66 -36.22 -13.42
C VAL A 540 12.91 -36.96 -12.95
N ASP A 541 12.98 -37.27 -11.66
CA ASP A 541 14.15 -37.97 -11.12
C ASP A 541 14.49 -39.26 -11.86
N LYS A 542 15.73 -39.36 -12.31
CA LYS A 542 16.21 -40.53 -13.04
C LYS A 542 16.00 -41.84 -12.27
N GLY A 543 16.64 -41.94 -11.10
CA GLY A 543 16.54 -43.14 -10.29
C GLY A 543 15.12 -43.60 -10.00
N LEU A 544 14.20 -42.67 -9.84
CA LEU A 544 12.82 -43.03 -9.54
C LEU A 544 12.04 -43.45 -10.79
N VAL A 545 12.30 -42.81 -11.93
CA VAL A 545 11.62 -43.19 -13.15
C VAL A 545 12.10 -44.60 -13.47
N ASP A 546 13.40 -44.81 -13.40
CA ASP A 546 13.95 -46.13 -13.67
C ASP A 546 13.32 -47.14 -12.73
N ARG A 547 13.10 -46.74 -11.49
CA ARG A 547 12.48 -47.64 -10.53
C ARG A 547 11.05 -47.99 -10.94
N LEU A 548 10.31 -46.99 -11.40
CA LEU A 548 8.93 -47.24 -11.82
C LEU A 548 8.92 -48.17 -13.05
N TYR A 549 9.87 -47.92 -13.97
CA TYR A 549 10.04 -48.75 -15.17
C TYR A 549 10.26 -50.17 -14.68
N ALA A 550 11.17 -50.32 -13.73
CA ALA A 550 11.47 -51.63 -13.17
C ALA A 550 10.19 -52.26 -12.62
N ALA A 551 9.33 -51.45 -11.98
CA ALA A 551 8.10 -51.97 -11.42
C ALA A 551 7.13 -52.47 -12.50
N SER A 552 6.93 -51.66 -13.52
CA SER A 552 6.04 -52.04 -14.61
C SER A 552 6.57 -53.36 -15.14
N SER A 553 7.78 -53.30 -15.68
CA SER A 553 8.42 -54.48 -16.23
C SER A 553 8.32 -55.68 -15.28
N SER A 554 8.15 -55.41 -13.99
CA SER A 554 8.06 -56.52 -13.04
C SER A 554 6.64 -56.96 -12.80
N GLY A 555 5.68 -56.33 -13.48
CA GLY A 555 4.29 -56.68 -13.33
C GLY A 555 3.51 -55.83 -12.36
N VAL A 556 4.07 -54.69 -11.99
CA VAL A 556 3.42 -53.81 -11.03
C VAL A 556 2.56 -52.76 -11.71
N PRO A 557 1.30 -52.62 -11.28
CA PRO A 557 0.40 -51.62 -11.87
C PRO A 557 0.80 -50.23 -11.36
N VAL A 558 1.24 -49.36 -12.27
CA VAL A 558 1.66 -48.00 -11.90
C VAL A 558 0.71 -46.98 -12.51
N ASN A 559 0.04 -46.23 -11.64
CA ASN A 559 -0.91 -45.20 -12.08
C ASN A 559 -0.37 -43.84 -11.67
N LEU A 560 -0.18 -42.97 -12.66
CA LEU A 560 0.36 -41.65 -12.37
C LEU A 560 -0.52 -40.47 -12.75
N LEU A 561 -0.68 -39.55 -11.82
CA LEU A 561 -1.45 -38.35 -12.12
C LEU A 561 -0.46 -37.21 -11.92
N VAL A 562 0.24 -36.86 -12.98
CA VAL A 562 1.23 -35.80 -12.92
C VAL A 562 0.70 -34.58 -13.67
N ARG A 563 0.60 -33.44 -13.00
CA ARG A 563 0.07 -32.30 -13.72
C ARG A 563 1.09 -31.50 -14.50
N GLY A 564 2.33 -31.47 -14.04
CA GLY A 564 3.35 -30.71 -14.72
C GLY A 564 4.28 -31.52 -15.61
N MET A 565 5.57 -31.42 -15.35
CA MET A 565 6.61 -32.13 -16.10
C MET A 565 6.69 -33.59 -15.70
N CYS A 566 6.69 -34.46 -16.70
CA CYS A 566 6.80 -35.90 -16.52
C CYS A 566 7.77 -36.44 -17.57
N SER A 567 8.95 -36.87 -17.14
CA SER A 567 9.93 -37.39 -18.08
C SER A 567 9.72 -38.86 -18.34
N LEU A 568 8.95 -39.52 -17.49
CA LEU A 568 8.68 -40.92 -17.65
C LEU A 568 7.80 -41.10 -18.88
N ILE A 569 8.16 -42.04 -19.75
CA ILE A 569 7.39 -42.31 -20.96
C ILE A 569 6.58 -43.58 -20.74
N PRO A 570 5.25 -43.46 -20.66
CA PRO A 570 4.37 -44.61 -20.46
C PRO A 570 4.07 -45.40 -21.72
N ASN A 571 3.82 -46.69 -21.54
CA ASN A 571 3.49 -47.59 -22.63
C ASN A 571 4.60 -47.97 -23.59
N LEU A 572 5.85 -47.88 -23.16
CA LEU A 572 6.93 -48.27 -24.05
C LEU A 572 6.97 -49.80 -23.98
N GLU A 573 6.76 -50.47 -25.11
CA GLU A 573 6.77 -51.92 -25.15
C GLU A 573 7.96 -52.51 -24.40
N GLY A 574 7.67 -53.36 -23.42
CA GLY A 574 8.71 -54.01 -22.64
C GLY A 574 9.43 -53.13 -21.65
N ILE A 575 8.90 -51.94 -21.40
CA ILE A 575 9.53 -51.02 -20.46
C ILE A 575 8.51 -50.40 -19.53
N SER A 576 7.38 -49.94 -20.07
CA SER A 576 6.33 -49.34 -19.25
C SER A 576 4.93 -49.74 -19.68
N ASP A 577 4.77 -51.02 -20.02
CA ASP A 577 3.49 -51.56 -20.48
C ASP A 577 2.41 -51.44 -19.42
N ASN A 578 2.80 -51.48 -18.16
CA ASN A 578 1.83 -51.41 -17.06
C ASN A 578 1.72 -50.06 -16.40
N ILE A 579 2.21 -49.03 -17.05
CA ILE A 579 2.14 -47.72 -16.46
C ILE A 579 1.12 -46.88 -17.21
N ARG A 580 0.14 -46.38 -16.48
CA ARG A 580 -0.89 -45.54 -17.07
C ARG A 580 -0.68 -44.11 -16.55
N ALA A 581 -0.37 -43.18 -17.44
CA ALA A 581 -0.10 -41.80 -17.04
C ALA A 581 -1.08 -40.78 -17.60
N ILE A 582 -1.67 -39.99 -16.72
CA ILE A 582 -2.61 -38.95 -17.10
C ILE A 582 -2.27 -37.67 -16.35
N SER A 583 -2.83 -36.56 -16.82
CA SER A 583 -2.61 -35.26 -16.20
C SER A 583 -3.94 -34.53 -16.21
N ILE A 584 -4.25 -33.81 -15.15
CA ILE A 584 -5.50 -33.07 -15.10
C ILE A 584 -5.28 -31.58 -14.90
N VAL A 585 -5.71 -30.80 -15.89
CA VAL A 585 -5.59 -29.35 -15.82
C VAL A 585 -7.02 -28.85 -15.92
N ASP A 586 -7.44 -28.10 -14.91
CA ASP A 586 -8.80 -27.61 -14.87
C ASP A 586 -8.80 -26.25 -14.18
N ARG A 587 -9.94 -25.91 -13.58
CA ARG A 587 -10.16 -24.67 -12.87
C ARG A 587 -9.24 -24.50 -11.66
N TYR A 588 -9.03 -25.58 -10.92
CA TYR A 588 -8.16 -25.52 -9.77
C TYR A 588 -6.83 -26.11 -10.21
N LEU A 589 -5.74 -25.47 -9.81
CA LEU A 589 -4.42 -25.95 -10.15
C LEU A 589 -4.13 -27.16 -9.25
N GLU A 590 -4.09 -28.36 -9.82
CA GLU A 590 -3.82 -29.57 -9.04
C GLU A 590 -2.45 -29.43 -8.39
N HIS A 591 -2.40 -29.37 -7.07
CA HIS A 591 -1.11 -29.16 -6.44
C HIS A 591 -0.70 -30.15 -5.33
N ASP A 592 -1.67 -30.93 -4.85
CA ASP A 592 -1.42 -31.89 -3.81
C ASP A 592 -0.61 -33.07 -4.32
N ARG A 593 0.06 -33.76 -3.39
CA ARG A 593 0.91 -34.90 -3.69
C ARG A 593 0.66 -36.11 -2.89
N VAL A 594 0.37 -37.24 -3.53
CA VAL A 594 0.17 -38.46 -2.79
C VAL A 594 0.87 -39.71 -3.33
N TYR A 595 1.30 -40.58 -2.42
CA TYR A 595 1.94 -41.82 -2.82
C TYR A 595 1.17 -42.95 -2.21
N ILE A 596 0.71 -43.84 -3.08
CA ILE A 596 -0.03 -45.01 -2.63
C ILE A 596 0.67 -46.30 -3.04
N PHE A 597 0.91 -47.17 -2.08
CA PHE A 597 1.55 -48.46 -2.37
C PHE A 597 0.61 -49.58 -1.91
N GLU A 598 0.25 -50.47 -2.83
CA GLU A 598 -0.66 -51.53 -2.50
C GLU A 598 -0.22 -52.20 -1.20
N ASN A 599 1.04 -52.58 -1.17
CA ASN A 599 1.61 -53.23 -0.02
C ASN A 599 0.95 -54.56 0.35
N GLY A 600 0.83 -55.44 -0.63
CA GLY A 600 0.24 -56.75 -0.39
C GLY A 600 -1.25 -56.72 -0.10
N GLY A 601 -1.78 -55.53 0.16
CA GLY A 601 -3.20 -55.42 0.45
C GLY A 601 -3.50 -54.46 1.58
N ASP A 602 -2.47 -54.15 2.37
CA ASP A 602 -2.62 -53.21 3.49
C ASP A 602 -2.08 -51.85 3.04
N LYS A 603 -2.76 -51.26 2.07
CA LYS A 603 -2.41 -49.98 1.47
C LYS A 603 -1.70 -48.93 2.33
N LYS A 604 -0.58 -48.42 1.82
CA LYS A 604 0.16 -47.34 2.50
C LYS A 604 -0.15 -46.05 1.72
N VAL A 605 -0.60 -45.02 2.43
CA VAL A 605 -0.93 -43.75 1.79
C VAL A 605 -0.14 -42.61 2.42
N TYR A 606 0.59 -41.88 1.58
CA TYR A 606 1.39 -40.76 2.02
C TYR A 606 0.96 -39.47 1.33
N LEU A 607 0.94 -38.38 2.08
CA LEU A 607 0.65 -37.07 1.51
C LEU A 607 2.04 -36.41 1.57
N SER A 608 2.45 -35.75 0.50
CA SER A 608 3.77 -35.17 0.52
C SER A 608 3.91 -33.78 -0.03
N SER A 609 5.00 -33.13 0.38
CA SER A 609 5.33 -31.78 -0.06
C SER A 609 6.39 -31.91 -1.14
N ALA A 610 6.74 -33.13 -1.51
CA ALA A 610 7.78 -33.33 -2.49
C ALA A 610 7.35 -33.97 -3.79
N ASP A 611 7.77 -33.37 -4.90
CA ASP A 611 7.51 -33.94 -6.20
C ASP A 611 8.63 -34.94 -6.40
N TRP A 612 8.54 -35.77 -7.43
CA TRP A 612 9.62 -36.74 -7.68
C TRP A 612 10.69 -36.17 -8.60
N MET A 613 11.29 -35.07 -8.16
CA MET A 613 12.38 -34.42 -8.87
C MET A 613 13.59 -34.58 -7.97
N THR A 614 14.75 -34.69 -8.57
CA THR A 614 15.98 -34.88 -7.83
C THR A 614 16.12 -33.86 -6.71
N ARG A 615 15.84 -32.59 -7.01
CA ARG A 615 15.96 -31.56 -6.01
C ARG A 615 15.12 -31.80 -4.77
N ASN A 616 13.97 -32.46 -4.96
CA ASN A 616 13.05 -32.75 -3.86
C ASN A 616 13.47 -33.95 -3.03
N ILE A 617 14.40 -34.74 -3.55
CA ILE A 617 14.84 -35.90 -2.82
C ILE A 617 16.19 -35.72 -2.15
N ASP A 618 17.15 -35.15 -2.87
CA ASP A 618 18.48 -35.00 -2.28
C ASP A 618 18.96 -33.59 -1.95
N TYR A 619 18.28 -32.56 -2.45
CA TYR A 619 18.73 -31.20 -2.18
C TYR A 619 17.77 -30.29 -1.44
N ARG A 620 16.75 -30.85 -0.82
CA ARG A 620 15.81 -30.00 -0.10
C ARG A 620 15.21 -30.71 1.07
N ILE A 621 14.68 -29.94 2.02
CA ILE A 621 14.03 -30.55 3.15
C ILE A 621 12.56 -30.60 2.76
N GLU A 622 12.04 -31.83 2.70
CA GLU A 622 10.66 -32.06 2.31
C GLU A 622 10.11 -33.07 3.28
N VAL A 623 8.80 -33.15 3.35
CA VAL A 623 8.18 -34.09 4.25
C VAL A 623 6.92 -34.73 3.70
N ALA A 624 6.83 -36.05 3.82
CA ALA A 624 5.67 -36.83 3.41
C ALA A 624 5.23 -37.58 4.66
N THR A 625 3.93 -37.64 4.90
CA THR A 625 3.41 -38.34 6.07
C THR A 625 2.53 -39.48 5.69
N PRO A 626 2.63 -40.59 6.42
CA PRO A 626 1.73 -41.66 6.03
C PRO A 626 0.42 -41.26 6.69
N LEU A 627 -0.67 -41.94 6.35
CA LEU A 627 -1.95 -41.67 6.97
C LEU A 627 -2.23 -42.91 7.83
N LEU A 628 -2.17 -42.73 9.15
CA LEU A 628 -2.37 -43.82 10.08
C LEU A 628 -3.84 -44.11 10.37
N ASP A 629 -4.68 -43.09 10.31
CA ASP A 629 -6.09 -43.27 10.55
C ASP A 629 -6.70 -43.80 9.27
N PRO A 630 -7.17 -45.06 9.30
CA PRO A 630 -7.78 -45.70 8.12
C PRO A 630 -8.92 -44.90 7.52
N ARG A 631 -9.58 -44.07 8.32
CA ARG A 631 -10.68 -43.27 7.81
C ARG A 631 -10.20 -42.20 6.84
N LEU A 632 -9.05 -41.60 7.13
CA LEU A 632 -8.52 -40.55 6.27
C LEU A 632 -7.91 -41.20 5.05
N LYS A 633 -7.22 -42.32 5.28
CA LYS A 633 -6.61 -43.07 4.20
C LYS A 633 -7.68 -43.32 3.14
N GLN A 634 -8.82 -43.84 3.59
CA GLN A 634 -9.92 -44.14 2.68
C GLN A 634 -10.41 -42.88 1.97
N ARG A 635 -10.46 -41.78 2.72
CA ARG A 635 -10.92 -40.54 2.15
C ARG A 635 -10.05 -40.14 0.97
N VAL A 636 -8.74 -40.26 1.13
CA VAL A 636 -7.82 -39.91 0.05
C VAL A 636 -8.03 -40.86 -1.13
N LEU A 637 -8.14 -42.14 -0.85
CA LEU A 637 -8.35 -43.12 -1.90
C LEU A 637 -9.61 -42.80 -2.68
N ASP A 638 -10.68 -42.40 -1.99
CA ASP A 638 -11.89 -42.07 -2.71
C ASP A 638 -11.61 -40.92 -3.65
N ILE A 639 -10.90 -39.91 -3.14
CA ILE A 639 -10.58 -38.77 -3.96
C ILE A 639 -9.70 -39.15 -5.13
N ILE A 640 -8.74 -40.04 -4.89
CA ILE A 640 -7.89 -40.49 -5.97
C ILE A 640 -8.72 -41.24 -7.01
N ASP A 641 -9.60 -42.11 -6.53
CA ASP A 641 -10.50 -42.88 -7.40
C ASP A 641 -11.22 -41.90 -8.32
N ILE A 642 -11.76 -40.83 -7.74
CA ILE A 642 -12.46 -39.85 -8.52
C ILE A 642 -11.56 -39.20 -9.57
N LEU A 643 -10.34 -38.87 -9.18
CA LEU A 643 -9.41 -38.23 -10.09
C LEU A 643 -9.08 -39.09 -11.28
N PHE A 644 -8.78 -40.36 -11.03
CA PHE A 644 -8.44 -41.28 -12.12
C PHE A 644 -9.64 -41.71 -12.97
N SER A 645 -10.83 -41.31 -12.57
CA SER A 645 -12.02 -41.66 -13.32
C SER A 645 -12.49 -40.46 -14.12
N ASP A 646 -11.70 -39.38 -14.09
CA ASP A 646 -12.05 -38.18 -14.84
C ASP A 646 -12.04 -38.45 -16.33
N THR A 647 -13.10 -38.05 -17.01
CA THR A 647 -13.22 -38.25 -18.44
C THR A 647 -13.63 -36.95 -19.13
N VAL A 648 -13.23 -35.81 -18.57
CA VAL A 648 -13.57 -34.52 -19.14
C VAL A 648 -12.36 -33.62 -19.26
N LYS A 649 -11.48 -33.69 -18.26
CA LYS A 649 -10.30 -32.85 -18.22
C LYS A 649 -9.00 -33.65 -18.22
N ALA A 650 -9.12 -34.96 -18.02
CA ALA A 650 -7.95 -35.80 -18.01
C ALA A 650 -7.31 -35.92 -19.38
N ARG A 651 -6.00 -35.79 -19.42
CA ARG A 651 -5.25 -35.93 -20.65
C ARG A 651 -4.22 -37.03 -20.45
N TYR A 652 -3.94 -37.77 -21.51
CA TYR A 652 -2.96 -38.85 -21.46
C TYR A 652 -1.56 -38.27 -21.61
N ILE A 653 -0.58 -38.98 -21.05
CA ILE A 653 0.81 -38.58 -21.18
C ILE A 653 1.36 -39.65 -22.11
N ASP A 654 1.99 -39.22 -23.19
CA ASP A 654 2.56 -40.13 -24.18
C ASP A 654 3.86 -39.53 -24.69
N LYS A 655 4.65 -40.32 -25.41
CA LYS A 655 5.92 -39.83 -25.93
C LYS A 655 5.75 -38.76 -27.01
N GLU A 656 4.58 -38.72 -27.65
CA GLU A 656 4.34 -37.72 -28.68
C GLU A 656 3.91 -36.40 -28.03
N LEU A 657 3.71 -36.41 -26.70
CA LEU A 657 3.28 -35.22 -25.97
C LEU A 657 2.00 -34.67 -26.61
N SER A 658 1.22 -35.56 -27.19
CA SER A 658 -0.01 -35.21 -27.88
C SER A 658 -1.08 -34.51 -27.06
N ASN A 659 -1.08 -34.74 -25.75
CA ASN A 659 -2.10 -34.13 -24.90
C ASN A 659 -3.50 -34.58 -25.33
N ARG A 660 -3.58 -35.78 -25.89
CA ARG A 660 -4.86 -36.35 -26.30
C ARG A 660 -5.69 -36.46 -25.03
N TYR A 661 -6.99 -36.27 -25.13
CA TYR A 661 -7.88 -36.38 -23.98
C TYR A 661 -8.27 -37.83 -23.73
N VAL A 662 -8.51 -38.19 -22.48
CA VAL A 662 -8.91 -39.55 -22.17
C VAL A 662 -10.33 -39.78 -22.66
N PRO A 663 -10.50 -40.70 -23.61
CA PRO A 663 -11.82 -41.00 -24.16
C PRO A 663 -12.67 -41.65 -23.09
N ARG A 664 -13.95 -41.33 -23.03
CA ARG A 664 -14.79 -41.97 -22.04
C ARG A 664 -15.48 -43.12 -22.75
N GLY A 665 -15.28 -44.34 -22.26
CA GLY A 665 -15.91 -45.48 -22.91
C GLY A 665 -17.40 -45.33 -22.68
N ASN A 666 -17.99 -46.34 -22.05
CA ASN A 666 -19.40 -46.25 -21.70
C ASN A 666 -19.41 -46.00 -20.21
N ARG A 667 -18.29 -45.47 -19.72
CA ARG A 667 -18.13 -45.14 -18.31
C ARG A 667 -18.58 -43.70 -18.08
N ARG A 668 -19.21 -43.50 -16.93
CA ARG A 668 -19.75 -42.21 -16.51
C ARG A 668 -18.94 -40.99 -16.90
N LYS A 669 -19.64 -39.97 -17.38
CA LYS A 669 -18.94 -38.74 -17.71
C LYS A 669 -18.57 -38.20 -16.34
N VAL A 670 -17.27 -38.01 -16.09
CA VAL A 670 -16.83 -37.53 -14.78
C VAL A 670 -15.82 -36.39 -14.85
N ARG A 671 -16.07 -35.36 -14.05
CA ARG A 671 -15.18 -34.22 -13.96
C ARG A 671 -14.67 -34.15 -12.53
N ALA A 672 -13.51 -34.73 -12.30
CA ALA A 672 -12.90 -34.79 -10.99
C ALA A 672 -13.19 -33.66 -10.02
N GLN A 673 -12.62 -32.49 -10.27
CA GLN A 673 -12.79 -31.36 -9.38
C GLN A 673 -14.24 -31.10 -8.99
N LEU A 674 -15.17 -31.30 -9.91
CA LEU A 674 -16.58 -31.09 -9.57
C LEU A 674 -17.10 -32.23 -8.71
N ALA A 675 -16.75 -33.46 -9.08
CA ALA A 675 -17.19 -34.60 -8.32
C ALA A 675 -16.56 -34.56 -6.94
N ILE A 676 -15.28 -34.17 -6.87
CA ILE A 676 -14.61 -34.10 -5.59
C ILE A 676 -15.33 -33.12 -4.70
N TYR A 677 -15.66 -31.98 -5.27
CA TYR A 677 -16.38 -30.98 -4.51
C TYR A 677 -17.68 -31.58 -3.97
N ASP A 678 -18.35 -32.39 -4.78
CA ASP A 678 -19.60 -33.02 -4.34
C ASP A 678 -19.30 -33.94 -3.18
N TYR A 679 -18.25 -34.74 -3.31
CA TYR A 679 -17.83 -35.71 -2.30
C TYR A 679 -17.51 -35.03 -0.97
N ILE A 680 -16.72 -33.97 -1.03
CA ILE A 680 -16.36 -33.23 0.20
C ILE A 680 -17.64 -32.61 0.76
N LYS A 681 -18.45 -32.02 -0.12
CA LYS A 681 -19.73 -31.40 0.26
C LYS A 681 -20.55 -32.49 0.95
N SER A 682 -20.49 -33.66 0.36
CA SER A 682 -21.19 -34.81 0.86
C SER A 682 -20.75 -35.17 2.27
N LEU A 683 -19.47 -34.94 2.59
CA LEU A 683 -18.94 -35.25 3.91
C LEU A 683 -19.31 -34.20 4.95
N GLU A 684 -19.47 -32.95 4.51
CA GLU A 684 -19.77 -31.86 5.43
C GLU A 684 -21.25 -31.64 5.70
N GLN A 685 -22.05 -32.70 5.58
CA GLN A 685 -23.47 -32.55 5.82
C GLN A 685 -23.82 -32.97 7.24
N PRO A 686 -24.59 -32.11 7.94
CA PRO A 686 -25.06 -32.28 9.32
C PRO A 686 -25.20 -33.73 9.81
N GLU A 687 -24.44 -34.07 10.85
CA GLU A 687 -24.43 -35.42 11.44
C GLU A 687 -25.82 -35.92 11.85
N GLY B 1 2.17 41.13 35.11
CA GLY B 1 0.97 41.56 34.33
C GLY B 1 -0.11 42.18 35.19
N GLN B 2 -0.70 43.27 34.70
CA GLN B 2 -1.77 43.99 35.40
C GLN B 2 -2.96 44.19 34.45
N GLU B 3 -2.64 44.31 33.17
CA GLU B 3 -3.63 44.49 32.10
C GLU B 3 -3.08 43.90 30.80
N LYS B 4 -2.93 42.57 30.79
CA LYS B 4 -2.39 41.84 29.64
C LYS B 4 -2.35 42.65 28.35
N LEU B 5 -1.14 42.84 27.83
CA LEU B 5 -0.96 43.59 26.61
C LEU B 5 -0.98 42.63 25.42
N TYR B 6 -0.64 41.37 25.69
CA TYR B 6 -0.61 40.32 24.68
C TYR B 6 -1.35 39.10 25.21
N ILE B 7 -1.73 38.21 24.29
CA ILE B 7 -2.42 36.97 24.66
C ILE B 7 -1.48 35.80 24.45
N GLU B 8 -1.53 34.83 25.34
CA GLU B 8 -0.68 33.65 25.23
C GLU B 8 -1.05 32.96 23.93
N LYS B 9 -0.06 32.62 23.11
CA LYS B 9 -0.36 31.96 21.84
C LYS B 9 -1.16 30.68 22.03
N GLU B 10 -0.79 29.90 23.04
CA GLU B 10 -1.47 28.63 23.32
C GLU B 10 -2.95 28.83 23.62
N LEU B 11 -3.26 29.82 24.44
CA LEU B 11 -4.64 30.10 24.77
C LEU B 11 -5.37 30.54 23.52
N SER B 12 -4.72 31.39 22.74
CA SER B 12 -5.35 31.84 21.50
C SER B 12 -5.57 30.63 20.56
N TRP B 13 -4.65 29.67 20.62
CA TRP B 13 -4.79 28.49 19.79
C TRP B 13 -6.05 27.73 20.20
N LEU B 14 -6.30 27.68 21.51
CA LEU B 14 -7.47 26.97 22.01
C LEU B 14 -8.72 27.71 21.59
N SER B 15 -8.63 29.04 21.54
CA SER B 15 -9.76 29.85 21.13
C SER B 15 -10.08 29.49 19.67
N PHE B 16 -9.02 29.21 18.91
CA PHE B 16 -9.18 28.83 17.52
C PHE B 16 -9.87 27.48 17.33
N ASN B 17 -9.42 26.46 18.04
CA ASN B 17 -10.02 25.16 17.88
C ASN B 17 -11.46 25.27 18.34
N GLU B 18 -11.70 26.19 19.26
CA GLU B 18 -13.03 26.42 19.78
C GLU B 18 -13.90 26.88 18.62
N ARG B 19 -13.30 27.70 17.76
CA ARG B 19 -13.98 28.22 16.57
C ARG B 19 -14.33 27.04 15.66
N VAL B 20 -13.51 25.99 15.74
CA VAL B 20 -13.75 24.82 14.92
C VAL B 20 -14.97 24.12 15.49
N LEU B 21 -15.05 24.07 16.82
CA LEU B 21 -16.18 23.44 17.50
C LEU B 21 -17.46 24.15 17.10
N GLN B 22 -17.37 25.47 17.00
CA GLN B 22 -18.54 26.27 16.62
C GLN B 22 -19.12 25.77 15.31
N GLU B 23 -18.25 25.29 14.42
CA GLU B 23 -18.73 24.79 13.15
C GLU B 23 -19.52 23.52 13.34
N ALA B 24 -19.16 22.74 14.35
CA ALA B 24 -19.85 21.48 14.65
C ALA B 24 -21.21 21.78 15.27
N ALA B 25 -21.31 22.97 15.86
CA ALA B 25 -22.53 23.40 16.50
C ALA B 25 -23.36 24.30 15.59
N ASP B 26 -22.80 24.74 14.48
CA ASP B 26 -23.52 25.62 13.57
C ASP B 26 -24.56 24.85 12.76
N LYS B 27 -25.82 25.03 13.16
CA LYS B 27 -26.93 24.35 12.51
C LYS B 27 -27.04 24.73 11.04
N SER B 28 -26.32 25.77 10.61
CA SER B 28 -26.39 26.19 9.21
C SER B 28 -25.59 25.22 8.35
N ASN B 29 -24.72 24.45 8.99
CA ASN B 29 -23.89 23.47 8.28
C ASN B 29 -24.61 22.13 8.20
N PRO B 30 -24.34 21.35 7.15
CA PRO B 30 -24.99 20.04 6.98
C PRO B 30 -24.65 19.12 8.16
N LEU B 31 -25.65 18.41 8.66
CA LEU B 31 -25.50 17.51 9.80
C LEU B 31 -24.21 16.69 9.84
N ILE B 32 -23.93 15.92 8.79
CA ILE B 32 -22.72 15.09 8.79
C ILE B 32 -21.43 15.89 8.76
N GLU B 33 -21.48 17.09 8.20
CA GLU B 33 -20.29 17.93 8.16
C GLU B 33 -19.99 18.35 9.58
N ARG B 34 -21.05 18.65 10.33
CA ARG B 34 -20.90 19.04 11.72
C ARG B 34 -20.30 17.91 12.51
N MET B 35 -20.75 16.69 12.23
CA MET B 35 -20.22 15.52 12.93
C MET B 35 -18.73 15.41 12.60
N ARG B 36 -18.38 15.67 11.35
CA ARG B 36 -16.99 15.57 10.92
C ARG B 36 -16.11 16.65 11.53
N PHE B 37 -16.72 17.77 11.89
CA PHE B 37 -15.98 18.86 12.52
C PHE B 37 -15.57 18.43 13.93
N LEU B 38 -16.34 17.52 14.51
CA LEU B 38 -16.02 17.02 15.83
C LEU B 38 -14.72 16.27 15.65
N GLY B 39 -14.56 15.71 14.46
CA GLY B 39 -13.36 14.96 14.15
C GLY B 39 -12.17 15.88 13.97
N ILE B 40 -12.38 16.97 13.24
CA ILE B 40 -11.31 17.91 13.01
C ILE B 40 -10.89 18.48 14.34
N TYR B 41 -11.87 18.90 15.14
CA TYR B 41 -11.60 19.47 16.45
C TYR B 41 -10.73 18.51 17.27
N SER B 42 -11.12 17.26 17.35
CA SER B 42 -10.37 16.27 18.13
C SER B 42 -8.96 16.14 17.61
N ASN B 43 -8.85 15.92 16.31
CA ASN B 43 -7.58 15.75 15.68
C ASN B 43 -6.70 16.97 15.95
N ASN B 44 -7.30 18.15 15.93
CA ASN B 44 -6.54 19.37 16.18
C ASN B 44 -5.99 19.37 17.59
N LEU B 45 -6.82 18.93 18.53
CA LEU B 45 -6.42 18.87 19.91
C LEU B 45 -5.29 17.86 20.09
N ASP B 46 -5.40 16.71 19.43
CA ASP B 46 -4.37 15.70 19.51
C ASP B 46 -3.06 16.33 19.07
N GLU B 47 -3.08 17.01 17.93
CA GLU B 47 -1.91 17.67 17.39
C GLU B 47 -1.41 18.69 18.40
N PHE B 48 -2.36 19.39 19.03
CA PHE B 48 -2.05 20.41 20.01
C PHE B 48 -1.17 19.89 21.13
N TYR B 49 -1.53 18.72 21.65
CA TYR B 49 -0.76 18.15 22.73
C TYR B 49 0.59 17.63 22.27
N LYS B 50 0.59 16.81 21.23
CA LYS B 50 1.81 16.24 20.71
C LYS B 50 2.86 17.29 20.38
N VAL B 51 2.42 18.47 19.94
CA VAL B 51 3.37 19.49 19.55
C VAL B 51 3.47 20.75 20.39
N ARG B 52 2.46 21.61 20.26
CA ARG B 52 2.44 22.89 20.97
C ARG B 52 2.55 22.78 22.47
N PHE B 53 1.83 21.83 23.05
CA PHE B 53 1.88 21.63 24.48
C PHE B 53 3.26 21.11 24.81
N ALA B 54 3.68 20.07 24.10
CA ALA B 54 4.99 19.48 24.32
C ALA B 54 6.08 20.55 24.21
N GLU B 55 5.91 21.47 23.26
CA GLU B 55 6.86 22.55 23.03
C GLU B 55 6.91 23.46 24.25
N LEU B 56 5.75 23.66 24.85
CA LEU B 56 5.62 24.50 26.04
C LEU B 56 6.22 23.81 27.26
N LYS B 57 5.97 22.51 27.40
CA LYS B 57 6.52 21.77 28.54
C LYS B 57 8.03 21.95 28.56
N ARG B 58 8.63 22.05 27.38
CA ARG B 58 10.06 22.21 27.30
C ARG B 58 10.53 23.64 27.50
N ARG B 59 9.67 24.59 27.17
CA ARG B 59 10.04 25.99 27.34
C ARG B 59 10.08 26.36 28.81
N ILE B 60 9.25 25.70 29.61
CA ILE B 60 9.20 25.97 31.03
C ILE B 60 10.35 25.18 31.66
N ILE B 61 10.66 24.02 31.09
CA ILE B 61 11.75 23.19 31.58
C ILE B 61 13.06 23.96 31.47
N ILE B 62 13.31 24.51 30.28
CA ILE B 62 14.52 25.28 30.05
C ILE B 62 14.55 26.45 31.01
N SER B 63 13.41 27.10 31.17
CA SER B 63 13.29 28.26 32.05
C SER B 63 13.59 27.96 33.52
N GLU B 64 12.89 26.98 34.10
CA GLU B 64 13.05 26.60 35.50
C GLU B 64 14.44 26.10 35.91
N GLU B 65 15.16 25.48 34.97
CA GLU B 65 16.50 24.97 35.23
C GLU B 65 17.30 25.91 36.11
N GLN B 66 17.48 27.15 35.68
CA GLN B 66 18.23 28.12 36.46
C GLN B 66 17.24 29.00 37.21
N GLY B 67 15.97 28.89 36.83
CA GLY B 67 14.92 29.66 37.48
C GLY B 67 14.16 30.52 36.51
N SER B 68 12.83 30.39 36.52
CA SER B 68 11.97 31.17 35.63
C SER B 68 11.14 32.20 36.42
N ASN B 69 11.05 33.41 35.86
CA ASN B 69 10.31 34.50 36.47
C ASN B 69 8.87 34.58 35.96
N SER B 70 8.57 33.84 34.90
CA SER B 70 7.22 33.82 34.32
C SER B 70 6.30 32.92 35.15
N HIS B 71 5.00 33.13 34.98
CA HIS B 71 3.99 32.37 35.69
C HIS B 71 3.52 31.19 34.86
N SER B 72 4.43 30.25 34.62
CA SER B 72 4.14 29.07 33.81
C SER B 72 2.84 28.40 34.23
N ARG B 73 2.73 28.01 35.49
CA ARG B 73 1.54 27.33 35.98
C ARG B 73 0.24 28.07 35.69
N HIS B 74 0.23 29.38 35.83
CA HIS B 74 -0.96 30.17 35.55
C HIS B 74 -1.43 29.96 34.12
N LEU B 75 -0.53 29.46 33.29
CA LEU B 75 -0.83 29.19 31.91
C LEU B 75 -1.38 27.78 31.80
N LEU B 76 -0.62 26.81 32.30
CA LEU B 76 -1.05 25.41 32.26
C LEU B 76 -2.42 25.24 32.88
N GLY B 77 -2.70 26.08 33.88
CA GLY B 77 -3.98 26.01 34.55
C GLY B 77 -5.06 26.45 33.59
N LYS B 78 -4.84 27.60 32.96
CA LYS B 78 -5.78 28.10 31.99
C LYS B 78 -5.96 27.05 30.89
N ILE B 79 -4.85 26.61 30.29
CA ILE B 79 -4.91 25.60 29.24
C ILE B 79 -5.76 24.41 29.70
N GLN B 80 -5.32 23.74 30.77
CA GLN B 80 -6.05 22.61 31.29
C GLN B 80 -7.49 23.04 31.57
N SER B 81 -7.66 24.28 32.02
CA SER B 81 -8.98 24.82 32.31
C SER B 81 -9.83 24.81 31.03
N ARG B 82 -9.52 25.72 30.11
CA ARG B 82 -10.23 25.82 28.84
C ARG B 82 -10.44 24.47 28.15
N VAL B 83 -9.44 23.59 28.24
CA VAL B 83 -9.54 22.28 27.61
C VAL B 83 -10.71 21.47 28.19
N LEU B 84 -10.79 21.41 29.51
CA LEU B 84 -11.86 20.66 30.17
C LEU B 84 -13.22 21.28 29.88
N LYS B 85 -13.29 22.60 29.89
CA LYS B 85 -14.55 23.28 29.62
C LYS B 85 -15.02 22.98 28.20
N ALA B 86 -14.08 22.94 27.26
CA ALA B 86 -14.43 22.65 25.87
C ALA B 86 -14.83 21.19 25.78
N ASP B 87 -14.15 20.34 26.54
CA ASP B 87 -14.48 18.92 26.52
C ASP B 87 -15.94 18.75 26.94
N GLN B 88 -16.36 19.51 27.94
CA GLN B 88 -17.73 19.45 28.42
C GLN B 88 -18.66 19.76 27.26
N GLU B 89 -18.38 20.85 26.56
CA GLU B 89 -19.20 21.24 25.41
C GLU B 89 -19.15 20.22 24.29
N PHE B 90 -18.01 19.56 24.13
CA PHE B 90 -17.89 18.56 23.10
C PHE B 90 -18.96 17.49 23.32
N ASP B 91 -18.98 16.89 24.50
CA ASP B 91 -19.96 15.87 24.82
C ASP B 91 -21.37 16.37 24.58
N GLY B 92 -21.61 17.63 24.94
CA GLY B 92 -22.93 18.22 24.74
C GLY B 92 -23.27 18.18 23.27
N LEU B 93 -22.33 18.64 22.44
CA LEU B 93 -22.56 18.63 21.00
C LEU B 93 -22.69 17.21 20.48
N TYR B 94 -21.82 16.32 20.92
CA TYR B 94 -21.86 14.94 20.48
C TYR B 94 -23.27 14.37 20.69
N ASN B 95 -23.72 14.32 21.95
CA ASN B 95 -25.05 13.79 22.28
C ASN B 95 -26.14 14.51 21.49
N GLU B 96 -25.98 15.81 21.36
CA GLU B 96 -26.92 16.62 20.63
C GLU B 96 -26.98 16.16 19.16
N LEU B 97 -25.82 15.89 18.58
CA LEU B 97 -25.73 15.45 17.20
C LEU B 97 -26.21 14.02 16.99
N LEU B 98 -26.10 13.19 18.04
CA LEU B 98 -26.57 11.81 17.95
C LEU B 98 -28.07 11.86 17.82
N LEU B 99 -28.70 12.70 18.65
CA LEU B 99 -30.13 12.85 18.63
C LEU B 99 -30.62 13.36 17.28
N GLU B 100 -29.95 14.38 16.77
CA GLU B 100 -30.34 14.93 15.49
C GLU B 100 -30.20 13.92 14.36
N MET B 101 -29.27 12.99 14.52
CA MET B 101 -29.12 11.97 13.49
C MET B 101 -30.26 10.98 13.63
N ALA B 102 -30.73 10.80 14.86
CA ALA B 102 -31.84 9.90 15.14
C ALA B 102 -33.09 10.44 14.43
N ARG B 103 -33.27 11.76 14.47
CA ARG B 103 -34.41 12.39 13.81
C ARG B 103 -34.23 12.27 12.30
N ASN B 104 -33.00 11.99 11.88
CA ASN B 104 -32.71 11.85 10.47
C ASN B 104 -32.65 10.39 10.09
N GLN B 105 -33.09 9.55 11.01
CA GLN B 105 -33.13 8.11 10.79
C GLN B 105 -31.78 7.39 10.87
N ILE B 106 -30.81 8.07 11.48
CA ILE B 106 -29.47 7.50 11.67
C ILE B 106 -29.30 7.26 13.16
N PHE B 107 -29.06 6.01 13.52
CA PHE B 107 -28.91 5.68 14.93
C PHE B 107 -27.59 5.02 15.22
N LEU B 108 -26.79 5.68 16.04
CA LEU B 108 -25.50 5.13 16.42
C LEU B 108 -25.77 4.57 17.78
N ILE B 109 -25.76 3.25 17.91
CA ILE B 109 -26.04 2.64 19.19
C ILE B 109 -24.85 1.83 19.70
N ASN B 110 -24.95 1.38 20.95
CA ASN B 110 -23.88 0.60 21.56
C ASN B 110 -24.38 -0.80 21.92
N GLU B 111 -23.47 -1.64 22.38
CA GLU B 111 -23.78 -3.01 22.76
C GLU B 111 -24.95 -3.15 23.75
N ARG B 112 -25.27 -2.10 24.49
CA ARG B 112 -26.37 -2.21 25.43
C ARG B 112 -27.70 -1.79 24.82
N GLN B 113 -27.72 -1.60 23.50
CA GLN B 113 -28.95 -1.21 22.84
C GLN B 113 -29.21 -2.08 21.62
N LEU B 114 -28.81 -3.35 21.71
CA LEU B 114 -29.00 -4.23 20.58
C LEU B 114 -30.30 -5.01 20.67
N SER B 115 -30.88 -5.29 19.52
CA SER B 115 -32.11 -6.04 19.46
C SER B 115 -31.67 -7.48 19.67
N VAL B 116 -32.48 -8.27 20.36
CA VAL B 116 -32.13 -9.67 20.60
C VAL B 116 -32.10 -10.39 19.25
N ASN B 117 -31.89 -9.60 18.20
CA ASN B 117 -31.82 -10.09 16.84
C ASN B 117 -30.51 -9.62 16.24
N GLN B 118 -30.23 -8.32 16.41
CA GLN B 118 -29.00 -7.72 15.89
C GLN B 118 -27.80 -8.26 16.63
N GLN B 119 -28.01 -8.73 17.85
CA GLN B 119 -26.92 -9.29 18.63
C GLN B 119 -26.44 -10.52 17.88
N ASN B 120 -27.40 -11.38 17.53
CA ASN B 120 -27.10 -12.60 16.81
C ASN B 120 -26.35 -12.23 15.54
N TRP B 121 -26.83 -11.19 14.88
CA TRP B 121 -26.18 -10.76 13.65
C TRP B 121 -24.74 -10.34 13.91
N LEU B 122 -24.51 -9.63 15.01
CA LEU B 122 -23.17 -9.18 15.35
C LEU B 122 -22.24 -10.32 15.69
N ARG B 123 -22.72 -11.26 16.50
CA ARG B 123 -21.91 -12.40 16.88
C ARG B 123 -21.43 -13.07 15.60
N HIS B 124 -22.36 -13.29 14.66
CA HIS B 124 -22.01 -13.91 13.40
C HIS B 124 -21.09 -13.01 12.59
N TYR B 125 -21.44 -11.72 12.49
CA TYR B 125 -20.62 -10.79 11.73
C TYR B 125 -19.22 -10.70 12.32
N PHE B 126 -19.11 -10.98 13.61
CA PHE B 126 -17.83 -10.91 14.29
C PHE B 126 -16.88 -12.05 13.95
N LYS B 127 -17.40 -13.28 13.92
CA LYS B 127 -16.59 -14.45 13.59
C LYS B 127 -16.15 -14.33 12.14
N GLN B 128 -17.12 -14.11 11.26
CA GLN B 128 -16.84 -14.01 9.84
C GLN B 128 -15.92 -12.86 9.43
N TYR B 129 -15.94 -11.74 10.14
CA TYR B 129 -15.11 -10.62 9.71
C TYR B 129 -14.15 -9.97 10.68
N LEU B 130 -14.41 -10.04 11.99
CA LEU B 130 -13.52 -9.37 12.93
C LEU B 130 -12.56 -10.22 13.73
N ARG B 131 -13.04 -11.34 14.26
CA ARG B 131 -12.21 -12.23 15.05
C ARG B 131 -10.79 -12.30 14.49
N GLN B 132 -10.69 -12.52 13.19
CA GLN B 132 -9.39 -12.64 12.54
C GLN B 132 -8.42 -11.47 12.82
N HIS B 133 -8.95 -10.28 13.12
CA HIS B 133 -8.10 -9.13 13.39
C HIS B 133 -7.92 -8.87 14.88
N ILE B 134 -8.74 -9.51 15.70
CA ILE B 134 -8.71 -9.33 17.16
C ILE B 134 -8.03 -10.48 17.90
N THR B 135 -6.80 -10.26 18.36
CA THR B 135 -6.08 -11.31 19.08
C THR B 135 -5.71 -10.82 20.49
N PRO B 136 -6.32 -11.41 21.52
CA PRO B 136 -6.04 -11.03 22.91
C PRO B 136 -4.56 -11.01 23.28
N ILE B 137 -4.12 -9.91 23.87
CA ILE B 137 -2.74 -9.76 24.31
C ILE B 137 -2.73 -9.89 25.82
N LEU B 138 -2.43 -11.08 26.33
CA LEU B 138 -2.41 -11.35 27.77
C LEU B 138 -1.33 -10.59 28.51
N ILE B 139 -1.74 -9.84 29.53
CA ILE B 139 -0.83 -9.04 30.34
C ILE B 139 -0.33 -9.87 31.52
N ASN B 140 0.90 -10.36 31.40
CA ASN B 140 1.51 -11.16 32.45
C ASN B 140 2.67 -10.34 33.00
N PRO B 141 3.26 -10.80 34.11
CA PRO B 141 4.39 -10.13 34.76
C PRO B 141 5.59 -9.81 33.88
N ASP B 142 5.90 -10.69 32.95
CA ASP B 142 7.04 -10.47 32.06
C ASP B 142 6.65 -9.90 30.71
N THR B 143 5.37 -9.63 30.54
CA THR B 143 4.89 -9.04 29.30
C THR B 143 5.26 -7.56 29.42
N ASP B 144 5.64 -6.94 28.32
CA ASP B 144 5.96 -5.53 28.39
C ASP B 144 5.29 -4.78 27.26
N LEU B 145 4.07 -4.31 27.54
CA LEU B 145 3.30 -3.57 26.58
C LEU B 145 4.18 -2.47 25.99
N VAL B 146 4.93 -1.84 26.88
CA VAL B 146 5.85 -0.75 26.56
C VAL B 146 6.28 -0.77 25.10
N GLN B 147 7.03 -1.80 24.72
CA GLN B 147 7.51 -1.92 23.36
C GLN B 147 6.42 -2.03 22.29
N PHE B 148 5.98 -3.26 22.02
CA PHE B 148 4.98 -3.49 20.98
C PHE B 148 3.61 -2.86 21.08
N LEU B 149 3.39 -1.96 22.03
CA LEU B 149 2.07 -1.35 22.11
C LEU B 149 1.98 -0.15 21.17
N LYS B 150 1.11 -0.25 20.18
CA LYS B 150 0.96 0.82 19.19
C LYS B 150 0.58 2.19 19.77
N ASP B 151 1.20 3.22 19.20
CA ASP B 151 1.00 4.61 19.57
C ASP B 151 -0.32 5.11 18.98
N ASP B 152 -1.05 5.91 19.75
CA ASP B 152 -2.32 6.46 19.31
C ASP B 152 -3.39 5.46 18.92
N TYR B 153 -3.15 4.18 19.19
CA TYR B 153 -4.16 3.18 18.88
C TYR B 153 -5.02 3.05 20.13
N THR B 154 -6.29 2.70 19.96
CA THR B 154 -7.16 2.54 21.11
C THR B 154 -7.15 1.07 21.48
N TYR B 155 -6.94 0.79 22.77
CA TYR B 155 -6.93 -0.58 23.24
C TYR B 155 -8.05 -0.80 24.23
N LEU B 156 -8.68 -1.95 24.16
CA LEU B 156 -9.74 -2.30 25.07
C LEU B 156 -9.02 -3.15 26.12
N ALA B 157 -8.83 -2.61 27.31
CA ALA B 157 -8.19 -3.37 28.36
C ALA B 157 -9.30 -4.18 28.99
N VAL B 158 -9.19 -5.49 28.94
CA VAL B 158 -10.21 -6.35 29.49
C VAL B 158 -9.86 -6.93 30.85
N GLU B 159 -10.88 -7.05 31.70
CA GLU B 159 -10.70 -7.59 33.05
C GLU B 159 -11.36 -8.96 33.12
N ILE B 160 -10.55 -10.02 33.14
CA ILE B 160 -11.05 -11.40 33.21
C ILE B 160 -11.24 -11.78 34.67
N ILE B 161 -12.49 -11.88 35.12
CA ILE B 161 -12.75 -12.19 36.51
C ILE B 161 -13.25 -13.60 36.76
N ARG B 162 -12.57 -14.28 37.66
CA ARG B 162 -12.88 -15.66 38.03
C ARG B 162 -12.79 -15.70 39.55
N GLY B 163 -13.95 -15.70 40.21
CA GLY B 163 -13.95 -15.71 41.65
C GLY B 163 -13.29 -14.40 42.09
N ASP B 164 -12.35 -14.49 43.03
CA ASP B 164 -11.67 -13.29 43.50
C ASP B 164 -10.41 -13.13 42.64
N THR B 165 -10.35 -13.90 41.57
CA THR B 165 -9.21 -13.86 40.67
C THR B 165 -9.41 -12.87 39.52
N ILE B 166 -8.35 -12.15 39.16
CA ILE B 166 -8.44 -11.18 38.07
C ILE B 166 -7.24 -11.18 37.13
N ARG B 167 -7.48 -11.48 35.86
CA ARG B 167 -6.45 -11.49 34.83
C ARG B 167 -6.72 -10.28 33.94
N TYR B 168 -5.75 -9.92 33.11
CA TYR B 168 -5.91 -8.78 32.22
C TYR B 168 -5.40 -9.06 30.82
N ALA B 169 -6.16 -8.61 29.84
CA ALA B 169 -5.78 -8.76 28.43
C ALA B 169 -6.09 -7.45 27.72
N LEU B 170 -5.41 -7.21 26.60
CA LEU B 170 -5.64 -6.02 25.81
C LEU B 170 -6.18 -6.40 24.45
N LEU B 171 -7.12 -5.62 23.95
CA LEU B 171 -7.69 -5.84 22.63
C LEU B 171 -7.42 -4.58 21.83
N GLU B 172 -6.73 -4.74 20.71
CA GLU B 172 -6.39 -3.62 19.86
C GLU B 172 -7.57 -3.37 18.94
N ILE B 173 -8.09 -2.16 18.91
CA ILE B 173 -9.19 -1.88 18.02
C ILE B 173 -8.51 -1.76 16.66
N PRO B 174 -8.78 -2.71 15.74
CA PRO B 174 -8.16 -2.67 14.42
C PRO B 174 -8.79 -1.67 13.45
N SER B 175 -8.81 -0.40 13.85
CA SER B 175 -9.39 0.65 13.01
C SER B 175 -8.70 0.80 11.66
N ASP B 176 -7.55 0.14 11.51
CA ASP B 176 -6.79 0.22 10.28
C ASP B 176 -7.27 -0.78 9.24
N LYS B 177 -7.74 -1.93 9.71
CA LYS B 177 -8.18 -2.99 8.80
C LYS B 177 -9.68 -3.18 8.70
N VAL B 178 -10.44 -2.37 9.42
CA VAL B 178 -11.89 -2.51 9.39
C VAL B 178 -12.57 -1.17 9.57
N PRO B 179 -13.76 -1.01 8.98
CA PRO B 179 -14.49 0.26 9.10
C PRO B 179 -14.78 0.49 10.58
N ARG B 180 -14.59 1.72 11.05
CA ARG B 180 -14.84 1.96 12.46
C ARG B 180 -16.34 2.04 12.74
N PHE B 181 -17.14 1.99 11.67
CA PHE B 181 -18.59 2.03 11.83
C PHE B 181 -19.23 0.93 11.00
N VAL B 182 -19.84 -0.04 11.68
CA VAL B 182 -20.50 -1.13 10.98
C VAL B 182 -22.00 -0.85 10.98
N ASN B 183 -22.64 -1.17 9.86
CA ASN B 183 -24.08 -0.98 9.73
C ASN B 183 -24.77 -2.23 10.22
N LEU B 184 -25.77 -2.05 11.08
CA LEU B 184 -26.51 -3.17 11.62
C LEU B 184 -27.76 -3.39 10.80
N PRO B 185 -28.39 -4.55 10.96
CA PRO B 185 -29.61 -4.86 10.21
C PRO B 185 -30.82 -4.25 10.94
N PRO B 186 -31.59 -3.39 10.25
CA PRO B 186 -32.78 -2.71 10.78
C PRO B 186 -33.74 -3.67 11.47
N GLU B 187 -33.83 -3.57 12.79
CA GLU B 187 -34.68 -4.44 13.58
C GLU B 187 -36.10 -4.69 13.04
N ALA B 188 -36.93 -3.65 13.01
CA ALA B 188 -38.29 -3.82 12.51
C ALA B 188 -38.61 -2.96 11.27
N PRO B 189 -38.91 -1.66 11.46
CA PRO B 189 -39.21 -0.85 10.28
C PRO B 189 -38.00 -0.69 9.35
N ARG B 190 -38.26 -0.37 8.09
CA ARG B 190 -37.20 -0.17 7.12
C ARG B 190 -36.76 1.28 7.13
N ARG B 191 -37.27 2.03 8.11
CA ARG B 191 -36.96 3.44 8.27
C ARG B 191 -35.54 3.58 8.83
N ARG B 192 -35.15 2.59 9.63
CA ARG B 192 -33.85 2.55 10.28
C ARG B 192 -32.58 2.60 9.42
N LYS B 193 -31.53 3.06 10.08
CA LYS B 193 -30.17 3.18 9.55
C LYS B 193 -29.30 3.04 10.79
N PRO B 194 -29.47 1.94 11.55
CA PRO B 194 -28.67 1.74 12.76
C PRO B 194 -27.22 1.31 12.50
N MET B 195 -26.30 2.01 13.16
CA MET B 195 -24.88 1.69 13.05
C MET B 195 -24.32 1.54 14.47
N ILE B 196 -23.14 0.94 14.55
CA ILE B 196 -22.49 0.72 15.83
C ILE B 196 -20.99 0.93 15.69
N LEU B 197 -20.36 1.40 16.76
CA LEU B 197 -18.91 1.64 16.75
C LEU B 197 -18.18 0.31 16.91
N LEU B 198 -17.09 0.15 16.17
CA LEU B 198 -16.32 -1.07 16.21
C LEU B 198 -15.93 -1.41 17.62
N ASP B 199 -15.60 -0.41 18.42
CA ASP B 199 -15.21 -0.68 19.79
C ASP B 199 -16.32 -1.40 20.51
N ASN B 200 -17.54 -0.94 20.31
CA ASN B 200 -18.66 -1.54 21.00
C ASN B 200 -19.01 -2.93 20.49
N ILE B 201 -18.51 -3.29 19.32
CA ILE B 201 -18.79 -4.63 18.82
C ILE B 201 -17.96 -5.56 19.69
N LEU B 202 -16.74 -5.14 19.97
CA LEU B 202 -15.85 -5.95 20.80
C LEU B 202 -16.40 -6.05 22.22
N ARG B 203 -17.00 -4.98 22.72
CA ARG B 203 -17.55 -5.01 24.06
C ARG B 203 -18.66 -6.05 24.14
N TYR B 204 -19.48 -6.13 23.09
CA TYR B 204 -20.56 -7.09 23.09
C TYR B 204 -20.04 -8.50 22.90
N CYS B 205 -18.99 -8.65 22.11
CA CYS B 205 -18.45 -9.97 21.84
C CYS B 205 -17.33 -10.42 22.74
N LEU B 206 -17.06 -9.70 23.83
CA LEU B 206 -15.97 -10.12 24.71
C LEU B 206 -16.03 -11.61 25.03
N ASP B 207 -17.22 -12.09 25.39
CA ASP B 207 -17.40 -13.50 25.73
C ASP B 207 -16.92 -14.43 24.62
N ASP B 208 -17.38 -14.17 23.39
CA ASP B 208 -16.99 -14.97 22.23
C ASP B 208 -15.48 -14.96 22.04
N ILE B 209 -14.82 -13.94 22.56
CA ILE B 209 -13.38 -13.81 22.40
C ILE B 209 -12.62 -14.66 23.42
N PHE B 210 -13.11 -14.73 24.64
CA PHE B 210 -12.38 -15.48 25.65
C PHE B 210 -12.92 -16.83 26.07
N LYS B 211 -14.22 -17.06 25.90
CA LYS B 211 -14.78 -18.33 26.34
C LYS B 211 -13.98 -19.52 25.85
N GLY B 212 -13.36 -19.36 24.69
CA GLY B 212 -12.57 -20.45 24.15
C GLY B 212 -11.44 -20.98 25.01
N PHE B 213 -10.73 -20.11 25.70
CA PHE B 213 -9.59 -20.55 26.50
C PHE B 213 -9.56 -20.03 27.92
N PHE B 214 -10.65 -19.42 28.39
CA PHE B 214 -10.66 -18.90 29.74
C PHE B 214 -11.91 -19.21 30.53
N ASP B 215 -11.73 -19.43 31.82
CA ASP B 215 -12.85 -19.67 32.70
C ASP B 215 -13.02 -18.36 33.46
N TYR B 216 -14.25 -17.88 33.55
CA TYR B 216 -14.50 -16.62 34.25
C TYR B 216 -15.97 -16.38 34.59
N ASP B 217 -16.21 -15.54 35.59
CA ASP B 217 -17.56 -15.18 36.03
C ASP B 217 -18.05 -13.94 35.31
N ALA B 218 -17.12 -13.03 35.05
CA ALA B 218 -17.47 -11.80 34.37
C ALA B 218 -16.29 -11.25 33.57
N LEU B 219 -16.61 -10.48 32.53
CA LEU B 219 -15.62 -9.86 31.66
C LEU B 219 -15.93 -8.37 31.56
N ASN B 220 -14.97 -7.53 31.92
CA ASN B 220 -15.19 -6.09 31.84
C ASN B 220 -14.13 -5.42 30.96
N ALA B 221 -14.58 -4.53 30.09
CA ALA B 221 -13.66 -3.84 29.20
C ALA B 221 -13.60 -2.35 29.48
N TYR B 222 -12.41 -1.78 29.33
CA TYR B 222 -12.21 -0.36 29.54
C TYR B 222 -11.28 0.13 28.44
N SER B 223 -11.70 1.15 27.70
CA SER B 223 -10.89 1.66 26.61
C SER B 223 -9.70 2.48 27.09
N MET B 224 -8.63 2.47 26.31
CA MET B 224 -7.42 3.22 26.63
C MET B 224 -6.69 3.61 25.34
N LYS B 225 -5.84 4.63 25.44
CA LYS B 225 -5.10 5.11 24.28
C LYS B 225 -3.77 5.64 24.80
N MET B 226 -2.70 5.35 24.09
CA MET B 226 -1.40 5.84 24.50
C MET B 226 -0.86 6.81 23.47
N THR B 227 -0.20 7.86 23.93
CA THR B 227 0.34 8.86 23.02
C THR B 227 1.75 9.24 23.45
N ARG B 228 2.54 9.79 22.53
CA ARG B 228 3.90 10.17 22.86
C ARG B 228 4.20 11.58 22.39
N ASP B 229 4.82 12.39 23.25
CA ASP B 229 5.18 13.76 22.90
C ASP B 229 6.05 13.77 21.66
N ALA B 230 5.88 14.79 20.83
CA ALA B 230 6.64 14.92 19.61
C ALA B 230 8.13 15.13 19.88
N GLU B 231 8.96 14.49 19.05
CA GLU B 231 10.41 14.56 19.18
C GLU B 231 10.90 16.00 19.29
N TYR B 232 11.57 16.29 20.40
CA TYR B 232 12.11 17.63 20.65
C TYR B 232 12.96 18.16 19.49
N ASP B 233 12.35 19.00 18.66
CA ASP B 233 13.04 19.59 17.52
C ASP B 233 12.72 21.07 17.40
N LEU B 234 11.43 21.38 17.50
CA LEU B 234 10.94 22.76 17.40
C LEU B 234 11.42 23.68 18.53
N VAL B 235 11.88 23.09 19.63
CA VAL B 235 12.35 23.87 20.77
C VAL B 235 13.83 24.27 20.67
N HIS B 236 14.63 23.51 19.91
CA HIS B 236 16.05 23.82 19.76
C HIS B 236 16.28 24.78 18.60
N GLU B 237 15.18 25.24 18.00
CA GLU B 237 15.25 26.19 16.89
C GLU B 237 15.18 27.59 17.48
N MET B 238 15.34 27.69 18.79
CA MET B 238 15.28 28.98 19.46
C MET B 238 16.39 29.19 20.48
N GLU B 239 17.02 28.11 20.91
CA GLU B 239 18.11 28.19 21.89
C GLU B 239 19.37 28.80 21.27
N ALA B 240 19.55 30.10 21.47
CA ALA B 240 20.71 30.81 20.94
C ALA B 240 21.76 31.01 22.04
N SER B 241 21.51 31.97 22.92
CA SER B 241 22.41 32.26 24.04
C SER B 241 22.21 31.22 25.13
N LEU B 242 21.11 30.49 25.02
CA LEU B 242 20.77 29.45 25.98
C LEU B 242 21.50 28.14 25.68
N MET B 243 21.45 27.70 24.43
CA MET B 243 22.12 26.44 24.09
C MET B 243 23.57 26.58 23.69
N GLU B 244 24.13 27.78 23.81
CA GLU B 244 25.55 27.93 23.48
C GLU B 244 26.30 27.75 24.80
N LEU B 245 25.53 27.72 25.89
CA LEU B 245 26.07 27.56 27.24
C LEU B 245 25.17 26.60 28.01
N MET B 246 24.29 25.91 27.29
CA MET B 246 23.35 24.98 27.89
C MET B 246 24.02 23.85 28.68
N SER B 247 23.36 23.43 29.75
CA SER B 247 23.86 22.35 30.60
C SER B 247 23.46 21.00 30.06
N SER B 248 24.17 19.96 30.49
CA SER B 248 23.91 18.59 30.04
C SER B 248 22.83 17.87 30.84
N SER B 249 22.24 18.59 31.80
CA SER B 249 21.16 18.05 32.63
C SER B 249 19.87 18.70 32.14
N LEU B 250 20.04 19.53 31.12
CA LEU B 250 18.93 20.25 30.50
C LEU B 250 18.77 19.68 29.09
N LYS B 251 19.75 18.89 28.67
CA LYS B 251 19.71 18.26 27.35
C LYS B 251 19.03 16.90 27.48
N GLN B 252 19.21 16.26 28.62
CA GLN B 252 18.62 14.96 28.89
C GLN B 252 17.23 15.19 29.50
N ARG B 253 17.01 16.43 29.92
CA ARG B 253 15.75 16.84 30.54
C ARG B 253 14.84 17.54 29.53
N LEU B 254 15.39 17.88 28.37
CA LEU B 254 14.64 18.54 27.31
C LEU B 254 14.29 17.60 26.18
N THR B 255 15.15 16.61 25.96
CA THR B 255 14.96 15.63 24.89
C THR B 255 14.11 14.43 25.33
N ALA B 256 14.00 14.23 26.65
CA ALA B 256 13.22 13.12 27.18
C ALA B 256 11.74 13.35 26.84
N GLU B 257 11.26 12.72 25.78
CA GLU B 257 9.87 12.86 25.39
C GLU B 257 8.97 11.93 26.19
N PRO B 258 8.12 12.51 27.05
CA PRO B 258 7.19 11.80 27.92
C PRO B 258 6.12 11.01 27.18
N VAL B 259 5.34 10.25 27.93
CA VAL B 259 4.28 9.45 27.36
C VAL B 259 2.95 9.76 28.04
N ARG B 260 1.91 9.94 27.23
CA ARG B 260 0.57 10.20 27.76
C ARG B 260 -0.27 8.94 27.67
N PHE B 261 -1.30 8.85 28.49
CA PHE B 261 -2.13 7.67 28.48
C PHE B 261 -3.50 7.96 29.07
N VAL B 262 -4.50 7.94 28.21
CA VAL B 262 -5.87 8.19 28.60
C VAL B 262 -6.58 6.86 28.73
N TYR B 263 -7.44 6.74 29.74
CA TYR B 263 -8.18 5.51 29.94
C TYR B 263 -9.61 5.82 30.35
N GLN B 264 -10.50 4.88 30.08
CA GLN B 264 -11.92 5.03 30.44
C GLN B 264 -12.01 5.23 31.97
N ARG B 265 -12.81 6.21 32.39
CA ARG B 265 -13.00 6.56 33.81
C ARG B 265 -13.21 5.41 34.80
N ASP B 266 -14.10 4.46 34.48
CA ASP B 266 -14.37 3.33 35.38
C ASP B 266 -13.22 2.34 35.54
N MET B 267 -12.21 2.43 34.70
CA MET B 267 -11.11 1.48 34.82
C MET B 267 -10.78 1.28 36.28
N PRO B 268 -11.00 0.05 36.78
CA PRO B 268 -10.70 -0.24 38.19
C PRO B 268 -9.27 0.18 38.49
N ASN B 269 -9.04 0.73 39.68
CA ASN B 269 -7.70 1.19 40.05
C ASN B 269 -6.61 0.14 39.87
N ALA B 270 -6.88 -1.11 40.25
CA ALA B 270 -5.88 -2.15 40.11
C ALA B 270 -5.31 -2.16 38.69
N LEU B 271 -6.21 -2.18 37.71
CA LEU B 271 -5.81 -2.20 36.31
C LEU B 271 -4.99 -0.98 35.95
N VAL B 272 -5.51 0.19 36.31
CA VAL B 272 -4.81 1.43 36.01
C VAL B 272 -3.36 1.35 36.50
N GLU B 273 -3.17 0.72 37.65
CA GLU B 273 -1.85 0.56 38.23
C GLU B 273 -1.02 -0.43 37.45
N VAL B 274 -1.67 -1.48 36.96
CA VAL B 274 -1.00 -2.50 36.17
C VAL B 274 -0.41 -1.84 34.94
N LEU B 275 -1.25 -1.10 34.22
CA LEU B 275 -0.87 -0.41 33.00
C LEU B 275 0.24 0.60 33.26
N ARG B 276 0.16 1.30 34.38
CA ARG B 276 1.17 2.27 34.77
C ARG B 276 2.55 1.64 34.81
N GLU B 277 2.69 0.60 35.63
CA GLU B 277 3.94 -0.12 35.78
C GLU B 277 4.44 -0.67 34.45
N LYS B 278 3.52 -1.12 33.61
CA LYS B 278 3.90 -1.66 32.33
C LYS B 278 4.41 -0.59 31.39
N LEU B 279 3.88 0.61 31.51
CA LEU B 279 4.29 1.70 30.62
C LEU B 279 5.31 2.68 31.22
N THR B 280 5.91 2.29 32.33
CA THR B 280 6.90 3.13 32.99
C THR B 280 6.45 4.59 33.05
N ILE B 281 5.31 4.81 33.68
CA ILE B 281 4.75 6.15 33.80
C ILE B 281 5.46 6.92 34.93
N SER B 282 6.55 7.58 34.57
CA SER B 282 7.35 8.35 35.49
C SER B 282 6.64 9.59 36.02
N ARG B 283 7.44 10.56 36.46
CA ARG B 283 6.95 11.82 37.01
C ARG B 283 6.44 12.78 35.94
N TYR B 284 7.17 12.85 34.82
CA TYR B 284 6.79 13.75 33.74
C TYR B 284 5.89 13.12 32.68
N ASP B 285 5.33 11.95 33.00
CA ASP B 285 4.41 11.26 32.11
C ASP B 285 3.03 11.57 32.69
N SER B 286 1.98 11.47 31.90
CA SER B 286 0.65 11.81 32.43
C SER B 286 -0.41 10.73 32.23
N ILE B 287 -1.21 10.52 33.27
CA ILE B 287 -2.29 9.55 33.24
C ILE B 287 -3.56 10.35 33.33
N VAL B 288 -4.45 10.18 32.38
CA VAL B 288 -5.69 10.93 32.38
C VAL B 288 -6.92 10.10 32.06
N PRO B 289 -7.94 10.18 32.92
CA PRO B 289 -9.18 9.44 32.73
C PRO B 289 -10.06 10.27 31.80
N GLY B 290 -10.59 9.66 30.76
CA GLY B 290 -11.39 10.46 29.85
C GLY B 290 -12.41 9.85 28.90
N GLY B 291 -13.41 9.17 29.44
CA GLY B 291 -14.43 8.64 28.57
C GLY B 291 -14.24 7.31 27.89
N ARG B 292 -15.37 6.82 27.42
CA ARG B 292 -15.50 5.54 26.74
C ARG B 292 -14.82 5.43 25.38
N TYR B 293 -14.90 6.50 24.58
CA TYR B 293 -14.31 6.48 23.25
C TYR B 293 -13.18 7.46 23.07
N HIS B 294 -12.14 7.01 22.39
CA HIS B 294 -10.97 7.83 22.10
C HIS B 294 -10.80 7.86 20.60
N ASN B 295 -9.93 8.72 20.12
CA ASN B 295 -9.73 8.85 18.68
C ASN B 295 -11.00 9.31 18.01
N PHE B 296 -11.58 10.39 18.50
CA PHE B 296 -12.78 10.93 17.90
C PHE B 296 -12.44 11.50 16.54
N LYS B 297 -11.15 11.54 16.23
CA LYS B 297 -10.69 12.05 14.95
C LYS B 297 -11.05 11.12 13.80
N ASP B 298 -11.66 9.99 14.12
CA ASP B 298 -12.08 9.07 13.07
C ASP B 298 -13.37 9.60 12.48
N PHE B 299 -14.02 10.49 13.21
CA PHE B 299 -15.27 11.06 12.76
C PHE B 299 -15.05 11.95 11.57
N ILE B 300 -13.79 12.28 11.31
CA ILE B 300 -13.43 13.10 10.16
C ILE B 300 -13.90 12.36 8.92
N ASN B 301 -13.98 11.04 9.04
CA ASN B 301 -14.41 10.19 7.95
C ASN B 301 -15.73 9.51 8.26
N PHE B 302 -16.58 10.18 9.03
CA PHE B 302 -17.88 9.63 9.36
C PHE B 302 -18.66 9.48 8.06
N PRO B 303 -19.18 8.27 7.79
CA PRO B 303 -19.94 8.00 6.57
C PRO B 303 -21.26 8.75 6.50
N ASN B 304 -21.66 9.11 5.28
CA ASN B 304 -22.94 9.81 5.10
C ASN B 304 -24.00 8.78 4.71
N VAL B 305 -24.67 8.26 5.72
CA VAL B 305 -25.73 7.26 5.54
C VAL B 305 -26.98 7.80 4.88
N GLY B 306 -27.42 8.99 5.30
CA GLY B 306 -28.63 9.59 4.74
C GLY B 306 -28.52 10.17 3.35
N LYS B 307 -29.30 11.23 3.13
CA LYS B 307 -29.34 11.91 1.84
C LYS B 307 -28.26 12.99 1.70
N ALA B 308 -28.07 13.46 0.47
CA ALA B 308 -27.07 14.49 0.18
C ALA B 308 -27.22 15.75 1.05
N ASN B 309 -28.39 15.93 1.66
CA ASN B 309 -28.65 17.09 2.51
C ASN B 309 -27.67 17.17 3.69
N LEU B 310 -27.30 15.99 4.19
CA LEU B 310 -26.42 15.89 5.34
C LEU B 310 -24.96 16.26 5.08
N VAL B 311 -24.63 16.52 3.82
CA VAL B 311 -23.27 16.90 3.44
C VAL B 311 -23.24 18.11 2.51
N ASN B 312 -22.18 18.90 2.62
CA ASN B 312 -22.00 20.09 1.78
C ASN B 312 -22.02 19.70 0.32
N LYS B 313 -22.49 20.62 -0.51
CA LYS B 313 -22.52 20.38 -1.95
C LYS B 313 -21.13 20.79 -2.42
N PRO B 314 -20.46 19.91 -3.17
CA PRO B 314 -19.11 20.17 -3.70
C PRO B 314 -18.95 21.46 -4.47
N LEU B 315 -17.80 22.09 -4.31
CA LEU B 315 -17.46 23.31 -5.00
C LEU B 315 -16.32 22.90 -5.91
N PRO B 316 -16.67 22.37 -7.10
CA PRO B 316 -15.76 21.89 -8.14
C PRO B 316 -14.61 22.86 -8.38
N ARG B 317 -13.40 22.35 -8.18
CA ARG B 317 -12.18 23.13 -8.38
C ARG B 317 -12.14 23.57 -9.84
N LEU B 318 -12.08 24.87 -10.06
CA LEU B 318 -12.08 25.42 -11.42
C LEU B 318 -10.73 25.41 -12.11
N ARG B 319 -10.77 25.36 -13.44
CA ARG B 319 -9.56 25.41 -14.25
C ARG B 319 -9.31 26.88 -14.52
N HIS B 320 -8.06 27.29 -14.58
CA HIS B 320 -7.82 28.68 -14.89
C HIS B 320 -7.85 28.72 -16.42
N ILE B 321 -9.03 29.02 -16.96
CA ILE B 321 -9.26 29.08 -18.40
C ILE B 321 -8.12 29.68 -19.20
N TRP B 322 -7.40 30.63 -18.63
CA TRP B 322 -6.29 31.24 -19.33
C TRP B 322 -5.33 30.17 -19.90
N PHE B 323 -5.03 29.14 -19.11
CA PHE B 323 -4.13 28.08 -19.54
C PHE B 323 -4.65 27.30 -20.74
N ASP B 324 -5.96 27.29 -20.95
CA ASP B 324 -6.52 26.53 -22.06
C ASP B 324 -6.81 27.29 -23.35
N LYS B 325 -6.38 28.54 -23.42
CA LYS B 325 -6.59 29.33 -24.62
C LYS B 325 -5.84 28.68 -25.78
N ALA B 326 -6.51 28.57 -26.91
CA ALA B 326 -5.92 27.97 -28.10
C ALA B 326 -4.63 28.70 -28.51
N GLN B 327 -4.58 30.00 -28.27
CA GLN B 327 -3.37 30.75 -28.63
C GLN B 327 -2.10 30.21 -27.96
N PHE B 328 -2.22 29.65 -26.76
CA PHE B 328 -1.05 29.09 -26.05
C PHE B 328 -0.81 27.62 -26.38
N ARG B 329 0.44 27.28 -26.66
CA ARG B 329 0.79 25.92 -27.00
C ARG B 329 1.22 25.08 -25.79
N ASN B 330 1.34 25.72 -24.63
CA ASN B 330 1.73 25.02 -23.40
C ASN B 330 1.76 26.02 -22.24
N GLY B 331 1.95 25.50 -21.03
CA GLY B 331 1.98 26.35 -19.84
C GLY B 331 2.82 27.60 -19.95
N PHE B 332 4.05 27.41 -20.41
CA PHE B 332 4.99 28.50 -20.57
C PHE B 332 4.46 29.67 -21.39
N ASP B 333 3.86 29.41 -22.55
CA ASP B 333 3.35 30.49 -23.39
C ASP B 333 2.34 31.32 -22.61
N ALA B 334 1.52 30.65 -21.81
CA ALA B 334 0.49 31.32 -21.00
C ALA B 334 1.11 32.22 -19.96
N ILE B 335 2.12 31.69 -19.27
CA ILE B 335 2.79 32.43 -18.22
C ILE B 335 3.67 33.57 -18.74
N ARG B 336 4.26 33.40 -19.91
CA ARG B 336 5.10 34.45 -20.47
C ARG B 336 4.27 35.64 -20.93
N GLU B 337 3.03 35.38 -21.29
CA GLU B 337 2.11 36.42 -21.76
C GLU B 337 1.64 37.30 -20.62
N ARG B 338 1.26 36.66 -19.51
CA ARG B 338 0.79 37.37 -18.32
C ARG B 338 1.11 36.54 -17.08
N ASP B 339 1.36 37.21 -15.97
CA ASP B 339 1.61 36.53 -14.71
C ASP B 339 0.31 35.83 -14.37
N VAL B 340 0.40 34.68 -13.70
CA VAL B 340 -0.80 33.95 -13.35
C VAL B 340 -0.94 33.76 -11.85
N LEU B 341 -2.14 34.01 -11.36
CA LEU B 341 -2.43 33.84 -9.95
C LEU B 341 -3.57 32.86 -9.79
N LEU B 342 -3.33 31.81 -9.01
CA LEU B 342 -4.34 30.79 -8.74
C LEU B 342 -4.61 30.87 -7.25
N TYR B 343 -5.87 30.68 -6.86
CA TYR B 343 -6.27 30.72 -5.47
C TYR B 343 -6.94 29.38 -5.22
N TYR B 344 -6.30 28.50 -4.46
CA TYR B 344 -6.88 27.21 -4.15
C TYR B 344 -7.76 27.36 -2.91
N PRO B 345 -8.71 26.44 -2.71
CA PRO B 345 -8.96 25.30 -3.60
C PRO B 345 -9.98 25.68 -4.65
N TYR B 346 -10.31 26.97 -4.72
CA TYR B 346 -11.26 27.45 -5.70
C TYR B 346 -10.78 27.01 -7.08
N HIS B 347 -9.47 27.05 -7.27
CA HIS B 347 -8.81 26.63 -8.52
C HIS B 347 -8.24 25.20 -8.30
N THR B 348 -7.83 24.55 -9.38
CA THR B 348 -7.22 23.21 -9.28
C THR B 348 -5.72 23.36 -9.06
N PHE B 349 -5.13 22.41 -8.37
CA PHE B 349 -3.69 22.42 -8.14
C PHE B 349 -3.13 21.73 -9.38
N GLU B 350 -4.06 21.23 -10.17
CA GLU B 350 -3.78 20.52 -11.40
C GLU B 350 -2.88 21.29 -12.34
N HIS B 351 -3.08 22.60 -12.40
CA HIS B 351 -2.26 23.42 -13.29
C HIS B 351 -0.78 23.37 -12.94
N VAL B 352 -0.47 23.42 -11.65
CA VAL B 352 0.92 23.37 -11.23
C VAL B 352 1.52 21.99 -11.51
N LEU B 353 0.76 20.94 -11.27
CA LEU B 353 1.24 19.60 -11.52
C LEU B 353 1.50 19.43 -13.02
N GLU B 354 0.60 19.96 -13.84
CA GLU B 354 0.74 19.87 -15.30
C GLU B 354 2.04 20.52 -15.76
N LEU B 355 2.29 21.75 -15.30
CA LEU B 355 3.47 22.51 -15.65
C LEU B 355 4.72 21.76 -15.26
N LEU B 356 4.78 21.30 -14.02
CA LEU B 356 5.95 20.54 -13.58
C LEU B 356 6.14 19.30 -14.47
N ARG B 357 5.05 18.63 -14.85
CA ARG B 357 5.16 17.45 -15.71
C ARG B 357 5.69 17.88 -17.08
N GLN B 358 5.09 18.92 -17.65
CA GLN B 358 5.54 19.43 -18.93
C GLN B 358 7.02 19.75 -18.81
N ALA B 359 7.38 20.42 -17.72
CA ALA B 359 8.76 20.83 -17.50
C ALA B 359 9.69 19.64 -17.49
N SER B 360 9.23 18.51 -16.97
CA SER B 360 10.07 17.31 -16.91
C SER B 360 10.44 16.70 -18.26
N PHE B 361 9.74 17.06 -19.33
CA PHE B 361 10.09 16.50 -20.64
C PHE B 361 10.25 17.48 -21.81
N ASP B 362 9.90 18.76 -21.59
CA ASP B 362 10.06 19.78 -22.62
C ASP B 362 11.55 19.78 -22.95
N PRO B 363 11.90 19.43 -24.19
CA PRO B 363 13.34 19.40 -24.53
C PRO B 363 14.06 20.70 -24.29
N SER B 364 13.33 21.82 -24.32
CA SER B 364 13.95 23.11 -24.12
C SER B 364 14.18 23.49 -22.66
N VAL B 365 13.70 22.67 -21.73
CA VAL B 365 13.88 22.94 -20.31
C VAL B 365 15.23 22.40 -19.86
N LEU B 366 16.05 23.28 -19.29
CA LEU B 366 17.38 22.91 -18.85
C LEU B 366 17.48 22.48 -17.40
N ALA B 367 16.77 23.19 -16.53
CA ALA B 367 16.85 22.87 -15.11
C ALA B 367 15.55 23.13 -14.39
N ILE B 368 15.40 22.49 -13.24
CA ILE B 368 14.23 22.63 -12.39
C ILE B 368 14.72 22.57 -10.95
N LYS B 369 14.35 23.57 -10.16
CA LYS B 369 14.71 23.60 -8.74
C LYS B 369 13.35 23.68 -8.04
N ILE B 370 13.20 23.03 -6.89
CA ILE B 370 11.91 23.08 -6.21
C ILE B 370 12.02 22.78 -4.72
N ASN B 371 11.11 23.37 -3.95
CA ASN B 371 11.05 23.20 -2.51
C ASN B 371 10.01 22.17 -2.13
N ILE B 372 10.39 21.26 -1.26
CA ILE B 372 9.47 20.24 -0.78
C ILE B 372 9.45 20.31 0.74
N TYR B 373 8.33 20.74 1.30
CA TYR B 373 8.21 20.84 2.76
C TYR B 373 7.41 19.61 3.19
N ARG B 374 6.13 19.61 2.84
CA ARG B 374 5.27 18.48 3.13
C ARG B 374 4.48 18.17 1.87
N VAL B 375 4.85 17.09 1.19
CA VAL B 375 4.18 16.70 -0.05
C VAL B 375 3.21 15.55 0.21
N ALA B 376 2.30 15.32 -0.75
CA ALA B 376 1.33 14.25 -0.61
C ALA B 376 2.04 12.89 -0.62
N LYS B 377 1.29 11.81 -0.35
CA LYS B 377 1.88 10.46 -0.36
C LYS B 377 2.19 10.09 -1.82
N ASP B 378 3.46 9.74 -2.09
CA ASP B 378 3.87 9.38 -3.45
C ASP B 378 3.61 10.55 -4.39
N SER B 379 4.11 11.72 -4.04
CA SER B 379 3.88 12.92 -4.83
C SER B 379 4.09 12.72 -6.31
N ARG B 380 3.18 13.28 -7.09
CA ARG B 380 3.32 13.21 -8.53
C ARG B 380 4.50 14.13 -8.81
N ILE B 381 4.71 15.07 -7.89
CA ILE B 381 5.81 16.01 -8.04
C ILE B 381 7.14 15.30 -7.94
N ILE B 382 7.31 14.49 -6.90
CA ILE B 382 8.55 13.73 -6.74
C ILE B 382 8.75 12.96 -8.03
N ASP B 383 7.67 12.38 -8.52
CA ASP B 383 7.73 11.61 -9.75
C ASP B 383 8.28 12.40 -10.92
N SER B 384 7.66 13.53 -11.22
CA SER B 384 8.10 14.37 -12.31
C SER B 384 9.54 14.79 -12.14
N MET B 385 9.92 15.14 -10.93
CA MET B 385 11.28 15.56 -10.70
C MET B 385 12.25 14.43 -11.05
N ILE B 386 11.84 13.19 -10.84
CA ILE B 386 12.70 12.05 -11.15
C ILE B 386 12.73 11.83 -12.66
N HIS B 387 11.58 11.98 -13.29
CA HIS B 387 11.48 11.86 -14.74
C HIS B 387 12.37 12.92 -15.36
N ALA B 388 12.29 14.14 -14.82
CA ALA B 388 13.08 15.25 -15.34
C ALA B 388 14.55 14.85 -15.31
N ALA B 389 14.98 14.30 -14.18
CA ALA B 389 16.36 13.85 -14.02
C ALA B 389 16.70 12.86 -15.13
N HIS B 390 15.84 11.85 -15.32
CA HIS B 390 16.07 10.85 -16.35
C HIS B 390 16.21 11.54 -17.71
N ASN B 391 15.41 12.57 -17.96
CA ASN B 391 15.50 13.26 -19.23
C ASN B 391 16.70 14.20 -19.34
N GLY B 392 17.57 14.15 -18.33
CA GLY B 392 18.77 14.97 -18.35
C GLY B 392 18.69 16.41 -17.89
N LYS B 393 17.53 16.88 -17.44
CA LYS B 393 17.44 18.25 -16.97
C LYS B 393 18.24 18.25 -15.67
N LYS B 394 18.78 19.39 -15.27
CA LYS B 394 19.49 19.42 -13.99
C LYS B 394 18.41 19.72 -12.98
N VAL B 395 18.15 18.75 -12.12
CA VAL B 395 17.12 18.88 -11.11
C VAL B 395 17.66 19.00 -9.70
N THR B 396 17.32 20.09 -9.04
CA THR B 396 17.74 20.30 -7.67
C THR B 396 16.48 20.28 -6.83
N VAL B 397 16.50 19.51 -5.74
CA VAL B 397 15.32 19.45 -4.89
C VAL B 397 15.66 19.74 -3.45
N VAL B 398 15.25 20.91 -2.97
CA VAL B 398 15.49 21.26 -1.58
C VAL B 398 14.38 20.56 -0.80
N VAL B 399 14.77 19.72 0.15
CA VAL B 399 13.80 18.99 0.93
C VAL B 399 13.92 19.31 2.42
N GLU B 400 12.82 19.73 3.02
CA GLU B 400 12.79 20.06 4.45
C GLU B 400 12.41 18.79 5.19
N LEU B 401 13.40 17.93 5.37
CA LEU B 401 13.18 16.66 6.07
C LEU B 401 12.94 16.95 7.54
N GLN B 402 12.95 18.23 7.88
CA GLN B 402 12.72 18.64 9.27
C GLN B 402 11.40 19.42 9.36
N ALA B 403 10.36 18.86 8.75
CA ALA B 403 9.04 19.50 8.78
C ALA B 403 8.42 19.26 10.17
N ARG B 404 7.09 19.17 10.25
CA ARG B 404 6.43 18.94 11.54
C ARG B 404 5.94 17.50 11.70
N PHE B 405 5.16 17.02 10.73
CA PHE B 405 4.66 15.66 10.79
C PHE B 405 5.10 14.88 9.54
N ASP B 406 4.86 15.47 8.37
CA ASP B 406 5.27 14.86 7.11
C ASP B 406 6.77 15.12 7.00
N GLU B 407 7.54 14.51 7.90
CA GLU B 407 8.99 14.68 7.97
C GLU B 407 9.78 13.40 7.64
N GLU B 408 9.44 12.30 8.33
CA GLU B 408 10.11 11.02 8.10
C GLU B 408 9.87 10.54 6.68
N ALA B 409 8.84 11.11 6.04
CA ALA B 409 8.47 10.77 4.68
C ALA B 409 9.36 11.51 3.67
N ASN B 410 9.80 12.72 4.04
CA ASN B 410 10.67 13.51 3.16
C ASN B 410 12.12 13.01 3.26
N ILE B 411 12.34 11.92 4.00
CA ILE B 411 13.67 11.34 4.14
C ILE B 411 13.87 10.22 3.11
N HIS B 412 12.77 9.53 2.80
CA HIS B 412 12.77 8.45 1.81
C HIS B 412 12.57 9.14 0.46
N TRP B 413 11.94 10.31 0.52
CA TRP B 413 11.70 11.13 -0.66
C TRP B 413 13.09 11.59 -1.10
N ALA B 414 14.11 10.79 -0.77
CA ALA B 414 15.49 11.12 -1.11
C ALA B 414 16.27 10.00 -1.77
N LYS B 415 16.19 8.78 -1.23
CA LYS B 415 16.94 7.67 -1.82
C LYS B 415 16.68 7.49 -3.32
N ARG B 416 15.45 7.71 -3.75
CA ARG B 416 15.12 7.60 -5.16
C ARG B 416 15.54 8.87 -5.90
N LEU B 417 15.26 10.04 -5.32
CA LEU B 417 15.63 11.30 -5.96
C LEU B 417 17.11 11.26 -6.35
N THR B 418 17.99 11.16 -5.37
CA THR B 418 19.44 11.12 -5.61
C THR B 418 19.86 9.99 -6.52
N GLU B 419 19.19 8.85 -6.40
CA GLU B 419 19.51 7.70 -7.21
C GLU B 419 19.22 7.97 -8.68
N ALA B 420 18.21 8.79 -8.93
CA ALA B 420 17.82 9.13 -10.30
C ALA B 420 18.72 10.21 -10.89
N GLY B 421 19.50 10.86 -10.05
CA GLY B 421 20.41 11.89 -10.52
C GLY B 421 20.03 13.31 -10.09
N VAL B 422 19.07 13.40 -9.17
CA VAL B 422 18.60 14.67 -8.65
C VAL B 422 19.56 15.14 -7.57
N HIS B 423 20.00 16.38 -7.70
CA HIS B 423 20.89 16.96 -6.72
C HIS B 423 19.97 17.39 -5.58
N VAL B 424 20.11 16.73 -4.44
CA VAL B 424 19.29 17.07 -3.27
C VAL B 424 20.05 17.96 -2.30
N ILE B 425 19.29 18.77 -1.57
CA ILE B 425 19.86 19.66 -0.59
C ILE B 425 18.92 19.49 0.58
N PHE B 426 19.48 19.45 1.78
CA PHE B 426 18.64 19.29 2.96
C PHE B 426 18.61 20.50 3.86
N SER B 427 17.59 20.55 4.72
CA SER B 427 17.45 21.65 5.66
C SER B 427 18.48 21.59 6.78
N ALA B 428 19.24 22.67 6.96
CA ALA B 428 20.23 22.71 8.02
C ALA B 428 19.53 22.41 9.37
N PRO B 429 20.15 21.56 10.21
CA PRO B 429 19.68 21.12 11.53
C PRO B 429 18.48 21.83 12.17
N GLY B 430 18.61 23.11 12.51
CA GLY B 430 17.49 23.81 13.13
C GLY B 430 17.02 25.02 12.36
N LEU B 431 16.94 24.89 11.03
CA LEU B 431 16.51 25.98 10.18
C LEU B 431 15.68 25.39 9.04
N LYS B 432 14.37 25.56 9.14
CA LYS B 432 13.45 25.02 8.13
C LYS B 432 13.29 25.93 6.92
N ILE B 433 13.12 25.29 5.77
CA ILE B 433 12.93 25.98 4.50
C ILE B 433 11.42 25.82 4.24
N HIS B 434 10.67 26.85 4.58
CA HIS B 434 9.23 26.84 4.45
C HIS B 434 8.74 27.48 3.15
N ALA B 435 9.62 28.15 2.44
CA ALA B 435 9.23 28.81 1.18
C ALA B 435 8.67 27.80 0.20
N LYS B 436 7.61 28.22 -0.49
CA LYS B 436 6.95 27.38 -1.48
C LYS B 436 7.44 27.82 -2.85
N LEU B 437 8.59 27.33 -3.27
CA LEU B 437 9.09 27.76 -4.55
C LEU B 437 9.52 26.67 -5.50
N PHE B 438 9.66 27.06 -6.75
CA PHE B 438 10.18 26.19 -7.78
C PHE B 438 10.58 27.09 -8.93
N LEU B 439 11.68 26.74 -9.57
CA LEU B 439 12.21 27.53 -10.65
C LEU B 439 12.53 26.68 -11.85
N ILE B 440 11.99 27.08 -13.00
CA ILE B 440 12.21 26.36 -14.23
C ILE B 440 12.98 27.27 -15.17
N SER B 441 14.05 26.76 -15.75
CA SER B 441 14.85 27.54 -16.67
C SER B 441 14.80 26.85 -18.00
N ARG B 442 14.29 27.54 -19.02
CA ARG B 442 14.24 26.92 -20.32
C ARG B 442 14.65 27.85 -21.44
N LYS B 443 15.21 27.26 -22.48
CA LYS B 443 15.70 28.01 -23.63
C LYS B 443 14.57 28.43 -24.55
N GLU B 444 14.53 29.71 -24.87
CA GLU B 444 13.52 30.21 -25.77
C GLU B 444 14.29 30.98 -26.81
N ASN B 445 14.52 30.31 -27.94
CA ASN B 445 15.31 30.82 -29.04
C ASN B 445 16.54 31.59 -28.57
N GLY B 446 17.55 30.84 -28.14
CA GLY B 446 18.79 31.43 -27.69
C GLY B 446 18.91 31.82 -26.24
N GLU B 447 17.98 32.64 -25.75
CA GLU B 447 18.01 33.10 -24.37
C GLU B 447 17.49 32.07 -23.38
N VAL B 448 17.90 32.25 -22.12
CA VAL B 448 17.44 31.39 -21.04
C VAL B 448 16.35 32.17 -20.32
N VAL B 449 15.12 31.69 -20.40
CA VAL B 449 14.01 32.34 -19.73
C VAL B 449 13.62 31.52 -18.52
N ARG B 450 13.38 32.20 -17.40
CA ARG B 450 13.01 31.52 -16.17
C ARG B 450 11.56 31.71 -15.80
N TYR B 451 10.97 30.64 -15.29
CA TYR B 451 9.59 30.66 -14.84
C TYR B 451 9.66 30.26 -13.37
N ALA B 452 8.95 31.01 -12.54
CA ALA B 452 8.97 30.71 -11.12
C ALA B 452 7.59 30.65 -10.50
N HIS B 453 7.51 29.86 -9.45
CA HIS B 453 6.29 29.71 -8.70
C HIS B 453 6.58 30.07 -7.27
N ILE B 454 5.80 30.99 -6.73
CA ILE B 454 5.97 31.36 -5.33
C ILE B 454 4.61 31.17 -4.74
N GLY B 455 4.52 30.33 -3.73
CA GLY B 455 3.22 30.10 -3.14
C GLY B 455 3.12 30.38 -1.67
N THR B 456 1.90 30.30 -1.16
CA THR B 456 1.67 30.52 0.24
C THR B 456 1.49 29.17 0.90
N GLY B 457 1.14 28.17 0.10
CA GLY B 457 0.91 26.86 0.70
C GLY B 457 1.81 25.85 0.04
N ASN B 458 2.02 24.70 0.66
CA ASN B 458 2.91 23.77 0.01
C ASN B 458 2.35 22.94 -1.12
N PHE B 459 3.28 22.32 -1.84
CA PHE B 459 2.98 21.49 -2.99
C PHE B 459 2.31 20.19 -2.58
N ASN B 460 1.17 20.29 -1.87
CA ASN B 460 0.46 19.10 -1.42
C ASN B 460 -0.90 18.94 -2.09
N GLU B 461 -1.02 17.88 -2.87
CA GLU B 461 -2.22 17.54 -3.62
C GLU B 461 -3.56 17.48 -2.86
N LYS B 462 -3.58 16.88 -1.67
CA LYS B 462 -4.82 16.79 -0.90
C LYS B 462 -5.11 18.16 -0.31
N THR B 463 -4.08 18.68 0.35
CA THR B 463 -4.10 19.99 1.00
C THR B 463 -4.66 21.04 0.05
N ALA B 464 -4.16 21.02 -1.18
CA ALA B 464 -4.60 21.97 -2.20
C ALA B 464 -6.12 21.98 -2.37
N ARG B 465 -6.81 21.03 -1.73
CA ARG B 465 -8.26 20.92 -1.83
C ARG B 465 -9.03 21.25 -0.55
N LEU B 466 -8.28 21.53 0.52
CA LEU B 466 -8.89 21.85 1.80
C LEU B 466 -8.39 23.19 2.29
N TYR B 467 -7.23 23.60 1.78
CA TYR B 467 -6.61 24.84 2.20
C TYR B 467 -6.68 25.88 1.12
N THR B 468 -6.86 27.12 1.54
CA THR B 468 -6.88 28.22 0.60
C THR B 468 -5.41 28.66 0.52
N ASP B 469 -4.90 28.81 -0.70
CA ASP B 469 -3.52 29.23 -0.90
C ASP B 469 -3.41 29.87 -2.29
N TYR B 470 -2.48 30.80 -2.43
CA TYR B 470 -2.27 31.42 -3.73
C TYR B 470 -1.03 30.78 -4.32
N SER B 471 -0.97 30.81 -5.65
CA SER B 471 0.16 30.29 -6.40
C SER B 471 0.44 31.36 -7.45
N LEU B 472 1.66 31.89 -7.45
CA LEU B 472 2.03 32.88 -8.45
C LEU B 472 2.93 32.19 -9.45
N LEU B 473 2.54 32.25 -10.72
CA LEU B 473 3.34 31.66 -11.78
C LEU B 473 3.77 32.86 -12.61
N THR B 474 5.08 33.14 -12.65
CA THR B 474 5.55 34.28 -13.39
C THR B 474 6.82 34.05 -14.19
N ALA B 475 7.04 34.92 -15.17
CA ALA B 475 8.24 34.86 -15.99
C ALA B 475 8.88 36.23 -15.90
N ASP B 476 8.28 37.09 -15.07
CA ASP B 476 8.80 38.43 -14.87
C ASP B 476 10.18 38.29 -14.25
N ALA B 477 11.20 38.75 -14.97
CA ALA B 477 12.58 38.66 -14.51
C ALA B 477 12.89 39.37 -13.19
N ARG B 478 12.21 40.49 -12.92
CA ARG B 478 12.48 41.16 -11.67
C ARG B 478 12.28 40.14 -10.56
N ILE B 479 11.25 39.31 -10.68
CA ILE B 479 10.96 38.31 -9.67
C ILE B 479 11.69 36.98 -9.90
N THR B 480 11.75 36.58 -11.15
CA THR B 480 12.42 35.36 -11.53
C THR B 480 13.89 35.35 -11.10
N ASN B 481 14.59 36.48 -11.25
CA ASN B 481 15.98 36.50 -10.86
C ASN B 481 16.14 36.33 -9.37
N GLU B 482 15.31 37.04 -8.59
CA GLU B 482 15.40 36.96 -7.14
C GLU B 482 15.09 35.56 -6.61
N VAL B 483 14.18 34.85 -7.28
CA VAL B 483 13.85 33.49 -6.85
C VAL B 483 15.04 32.58 -7.15
N ARG B 484 15.87 33.02 -8.09
CA ARG B 484 17.06 32.25 -8.44
C ARG B 484 18.04 32.42 -7.29
N ARG B 485 18.12 33.65 -6.77
CA ARG B 485 19.02 33.92 -5.66
C ARG B 485 18.58 33.17 -4.41
N VAL B 486 17.27 33.02 -4.21
CA VAL B 486 16.85 32.31 -3.03
C VAL B 486 17.42 30.91 -3.06
N PHE B 487 17.29 30.23 -4.19
CA PHE B 487 17.85 28.88 -4.25
C PHE B 487 19.37 28.90 -4.07
N ASN B 488 20.08 29.83 -4.72
CA ASN B 488 21.53 29.87 -4.54
C ASN B 488 21.83 30.21 -3.08
N PHE B 489 20.97 31.04 -2.49
CA PHE B 489 21.13 31.40 -1.10
C PHE B 489 21.05 30.12 -0.26
N ILE B 490 20.05 29.29 -0.53
CA ILE B 490 19.87 28.04 0.20
C ILE B 490 21.05 27.08 0.09
N GLU B 491 21.66 27.02 -1.09
CA GLU B 491 22.81 26.15 -1.32
C GLU B 491 24.07 26.72 -0.71
N ASN B 492 24.24 28.03 -0.77
CA ASN B 492 25.40 28.66 -0.19
C ASN B 492 25.04 29.96 0.50
N PRO B 493 24.59 29.85 1.76
CA PRO B 493 24.18 30.95 2.63
C PRO B 493 25.36 31.72 3.25
N TYR B 494 26.57 31.35 2.85
CA TYR B 494 27.78 32.00 3.35
C TYR B 494 28.07 33.23 2.56
N ARG B 495 27.79 33.17 1.26
CA ARG B 495 27.98 34.31 0.40
C ARG B 495 26.90 35.33 0.73
N PRO B 496 27.29 36.60 0.95
CA PRO B 496 26.30 37.61 1.27
C PRO B 496 25.32 37.74 0.10
N VAL B 497 24.11 38.22 0.39
CA VAL B 497 23.08 38.38 -0.64
C VAL B 497 22.10 39.49 -0.28
N THR B 498 21.44 40.06 -1.28
CA THR B 498 20.44 41.10 -1.06
C THR B 498 19.24 40.92 -1.99
N PHE B 499 18.06 41.29 -1.49
CA PHE B 499 16.87 41.17 -2.30
C PHE B 499 16.17 42.51 -2.41
N ASP B 500 15.83 42.87 -3.64
CA ASP B 500 15.15 44.13 -3.89
C ASP B 500 13.64 44.04 -4.07
N TYR B 501 13.12 42.85 -4.30
CA TYR B 501 11.67 42.71 -4.47
C TYR B 501 11.09 41.78 -3.43
N LEU B 502 11.65 40.57 -3.37
CA LEU B 502 11.26 39.51 -2.45
C LEU B 502 11.58 39.78 -0.99
N MET B 503 10.73 39.28 -0.09
CA MET B 503 10.95 39.37 1.35
C MET B 503 11.47 37.97 1.58
N VAL B 504 12.63 37.85 2.21
CA VAL B 504 13.26 36.55 2.45
C VAL B 504 13.72 36.38 3.87
N SER B 505 13.12 35.45 4.58
CA SER B 505 13.54 35.20 5.95
C SER B 505 14.71 34.22 5.86
N PRO B 506 15.70 34.36 6.75
CA PRO B 506 15.73 35.40 7.80
C PRO B 506 16.75 36.44 7.42
N GLN B 507 16.68 36.90 6.18
CA GLN B 507 17.63 37.88 5.66
C GLN B 507 17.01 39.27 5.54
N ASN B 508 15.82 39.33 4.97
CA ASN B 508 15.06 40.56 4.68
C ASN B 508 14.00 40.94 5.70
N SER B 509 13.12 39.99 5.93
CA SER B 509 11.96 40.07 6.80
C SER B 509 11.68 41.21 7.75
N ARG B 510 12.21 41.10 8.96
CA ARG B 510 11.96 42.12 9.97
C ARG B 510 12.25 43.51 9.45
N ARG B 511 13.45 43.73 8.94
CA ARG B 511 13.79 45.05 8.44
C ARG B 511 12.79 45.54 7.41
N LEU B 512 12.44 44.66 6.49
CA LEU B 512 11.50 44.98 5.43
C LEU B 512 10.09 45.27 5.93
N LEU B 513 9.63 44.51 6.92
CA LEU B 513 8.30 44.73 7.47
C LEU B 513 8.29 45.98 8.33
N TYR B 514 9.24 46.08 9.26
CA TYR B 514 9.30 47.28 10.09
C TYR B 514 9.29 48.47 9.16
N GLU B 515 10.12 48.40 8.13
CA GLU B 515 10.18 49.49 7.19
C GLU B 515 8.81 49.83 6.64
N MET B 516 8.01 48.82 6.30
CA MET B 516 6.71 49.15 5.74
C MET B 516 5.70 49.66 6.73
N VAL B 517 5.72 49.14 7.96
CA VAL B 517 4.81 49.61 8.98
C VAL B 517 5.20 51.06 9.27
N ASP B 518 6.49 51.27 9.47
CA ASP B 518 6.99 52.61 9.80
C ASP B 518 6.61 53.62 8.71
N ARG B 519 6.54 53.17 7.47
CA ARG B 519 6.18 54.09 6.38
C ARG B 519 4.72 54.51 6.49
N GLU B 520 3.86 53.58 6.90
CA GLU B 520 2.45 53.91 7.06
C GLU B 520 2.34 54.86 8.24
N ILE B 521 3.14 54.58 9.26
CA ILE B 521 3.15 55.40 10.45
C ILE B 521 3.48 56.84 10.06
N ALA B 522 4.53 57.00 9.28
CA ALA B 522 4.93 58.33 8.86
C ALA B 522 3.79 59.01 8.11
N ASN B 523 3.25 58.34 7.10
CA ASN B 523 2.16 58.92 6.32
C ASN B 523 0.98 59.41 7.14
N ALA B 524 0.53 58.59 8.09
CA ALA B 524 -0.61 58.96 8.91
C ALA B 524 -0.31 60.26 9.64
N GLN B 525 0.81 60.28 10.36
CA GLN B 525 1.23 61.44 11.13
C GLN B 525 1.35 62.69 10.25
N GLN B 526 1.32 62.50 8.95
CA GLN B 526 1.42 63.62 8.02
C GLN B 526 0.07 63.79 7.33
N GLY B 527 -0.96 63.21 7.92
CA GLY B 527 -2.30 63.31 7.36
C GLY B 527 -2.49 62.61 6.03
N LEU B 528 -1.56 61.76 5.64
CA LEU B 528 -1.69 61.04 4.37
C LEU B 528 -2.45 59.74 4.58
N PRO B 529 -3.26 59.32 3.60
CA PRO B 529 -4.00 58.07 3.76
C PRO B 529 -3.01 56.93 4.03
N SER B 530 -3.40 56.00 4.90
CA SER B 530 -2.54 54.89 5.23
C SER B 530 -3.35 53.65 5.55
N GLY B 531 -2.64 52.56 5.80
CA GLY B 531 -3.32 51.33 6.12
C GLY B 531 -2.47 50.09 6.01
N ILE B 532 -2.71 49.16 6.92
CA ILE B 532 -2.04 47.89 6.93
C ILE B 532 -3.12 46.84 7.05
N THR B 533 -3.20 45.98 6.05
CA THR B 533 -4.18 44.89 6.06
C THR B 533 -3.38 43.58 5.93
N LEU B 534 -3.58 42.68 6.91
CA LEU B 534 -2.89 41.40 6.92
C LEU B 534 -3.82 40.21 7.00
N LYS B 535 -3.46 39.18 6.24
CA LYS B 535 -4.19 37.92 6.19
C LYS B 535 -3.09 36.92 6.54
N LEU B 536 -3.11 36.43 7.78
CA LEU B 536 -2.13 35.47 8.27
C LEU B 536 -2.80 34.32 8.99
N ASN B 537 -2.02 33.27 9.28
CA ASN B 537 -2.57 32.15 10.02
C ASN B 537 -2.25 32.34 11.50
N ASN B 538 -1.18 33.09 11.78
CA ASN B 538 -0.82 33.36 13.16
C ASN B 538 -0.09 34.68 13.24
N LEU B 539 -0.36 35.42 14.32
CA LEU B 539 0.26 36.71 14.58
C LEU B 539 0.70 36.64 16.04
N VAL B 540 1.99 36.42 16.25
CA VAL B 540 2.50 36.28 17.62
C VAL B 540 3.80 37.03 17.92
N ASP B 541 4.57 37.34 16.88
CA ASP B 541 5.84 38.02 17.07
C ASP B 541 5.74 39.32 17.87
N LYS B 542 6.52 39.41 18.93
CA LYS B 542 6.53 40.59 19.81
C LYS B 542 6.78 41.88 19.04
N GLY B 543 7.96 41.97 18.42
CA GLY B 543 8.31 43.16 17.68
C GLY B 543 7.30 43.62 16.65
N LEU B 544 6.61 42.69 16.02
CA LEU B 544 5.63 43.06 15.00
C LEU B 544 4.28 43.49 15.61
N VAL B 545 3.90 42.86 16.71
CA VAL B 545 2.65 43.24 17.33
C VAL B 545 2.87 44.65 17.84
N ASP B 546 3.99 44.85 18.53
CA ASP B 546 4.30 46.17 19.06
C ASP B 546 4.30 47.18 17.92
N ARG B 547 4.78 46.76 16.76
CA ARG B 547 4.80 47.68 15.62
C ARG B 547 3.39 48.03 15.17
N LEU B 548 2.52 47.03 15.13
CA LEU B 548 1.15 47.28 14.71
C LEU B 548 0.48 48.20 15.74
N TYR B 549 0.75 47.96 17.02
CA TYR B 549 0.21 48.78 18.10
C TYR B 549 0.65 50.21 17.80
N ALA B 550 1.94 50.37 17.52
CA ALA B 550 2.51 51.67 17.22
C ALA B 550 1.76 52.30 16.04
N ALA B 551 1.41 51.49 15.04
CA ALA B 551 0.70 52.00 13.88
C ALA B 551 -0.70 52.50 14.24
N SER B 552 -1.45 51.70 14.99
CA SER B 552 -2.80 52.10 15.39
C SER B 552 -2.65 53.41 16.13
N SER B 553 -1.93 53.35 17.24
CA SER B 553 -1.72 54.52 18.06
C SER B 553 -1.25 55.72 17.23
N SER B 554 -0.70 55.46 16.05
CA SER B 554 -0.25 56.55 15.22
C SER B 554 -1.29 57.01 14.21
N GLY B 555 -2.46 56.39 14.26
CA GLY B 555 -3.54 56.74 13.34
C GLY B 555 -3.64 55.87 12.09
N VAL B 556 -2.97 54.71 12.11
CA VAL B 556 -3.00 53.84 10.96
C VAL B 556 -4.10 52.79 11.05
N PRO B 557 -4.90 52.63 9.99
CA PRO B 557 -5.98 51.64 9.99
C PRO B 557 -5.38 50.24 9.80
N VAL B 558 -5.50 49.38 10.82
CA VAL B 558 -4.96 48.02 10.75
C VAL B 558 -6.10 47.01 10.73
N ASN B 559 -6.17 46.24 9.65
CA ASN B 559 -7.19 45.22 9.50
C ASN B 559 -6.54 43.85 9.46
N LEU B 560 -6.91 42.99 10.39
CA LEU B 560 -6.30 41.68 10.47
C LEU B 560 -7.25 40.51 10.30
N LEU B 561 -6.87 39.58 9.43
CA LEU B 561 -7.66 38.38 9.26
C LEU B 561 -6.73 37.23 9.64
N VAL B 562 -6.73 36.90 10.93
CA VAL B 562 -5.89 35.82 11.45
C VAL B 562 -6.74 34.62 11.79
N ARG B 563 -6.45 33.46 11.20
CA ARG B 563 -7.32 32.34 11.49
C ARG B 563 -6.91 31.54 12.70
N GLY B 564 -5.61 31.51 12.99
CA GLY B 564 -5.13 30.74 14.12
C GLY B 564 -4.85 31.56 15.37
N MET B 565 -3.63 31.45 15.88
CA MET B 565 -3.18 32.16 17.07
C MET B 565 -2.89 33.64 16.79
N CYS B 566 -3.47 34.52 17.61
CA CYS B 566 -3.27 35.96 17.51
C CYS B 566 -3.03 36.51 18.92
N SER B 567 -1.80 36.92 19.20
CA SER B 567 -1.51 37.45 20.53
C SER B 567 -1.84 38.92 20.63
N LEU B 568 -1.97 39.57 19.49
CA LEU B 568 -2.30 40.98 19.46
C LEU B 568 -3.73 41.18 19.99
N ILE B 569 -3.90 42.10 20.92
CA ILE B 569 -5.21 42.40 21.49
C ILE B 569 -5.76 43.67 20.86
N PRO B 570 -6.82 43.54 20.06
CA PRO B 570 -7.43 44.69 19.40
C PRO B 570 -8.38 45.48 20.28
N ASN B 571 -8.49 46.77 19.98
CA ASN B 571 -9.36 47.68 20.69
C ASN B 571 -8.98 48.07 22.10
N LEU B 572 -7.70 47.96 22.45
CA LEU B 572 -7.28 48.36 23.78
C LEU B 572 -7.23 49.89 23.73
N GLU B 573 -8.01 50.55 24.57
CA GLU B 573 -8.02 52.01 24.59
C GLU B 573 -6.62 52.60 24.63
N GLY B 574 -6.32 53.44 23.64
CA GLY B 574 -5.02 54.10 23.55
C GLY B 574 -3.87 53.21 23.14
N ILE B 575 -4.17 52.02 22.64
CA ILE B 575 -3.14 51.10 22.21
C ILE B 575 -3.47 50.47 20.88
N SER B 576 -4.71 50.01 20.72
CA SER B 576 -5.11 49.39 19.45
C SER B 576 -6.53 49.80 19.04
N ASP B 577 -6.84 51.09 19.21
CA ASP B 577 -8.15 51.62 18.88
C ASP B 577 -8.49 51.49 17.40
N ASN B 578 -7.46 51.54 16.56
CA ASN B 578 -7.66 51.45 15.12
C ASN B 578 -7.39 50.10 14.50
N ILE B 579 -7.35 49.07 15.33
CA ILE B 579 -7.09 47.75 14.80
C ILE B 579 -8.35 46.93 14.87
N ARG B 580 -8.77 46.43 13.73
CA ARG B 580 -9.95 45.59 13.67
C ARG B 580 -9.47 44.15 13.35
N ALA B 581 -9.72 43.22 14.27
CA ALA B 581 -9.27 41.85 14.08
C ALA B 581 -10.40 40.82 14.03
N ILE B 582 -10.40 40.03 12.96
CA ILE B 582 -11.40 38.99 12.77
C ILE B 582 -10.69 37.71 12.34
N SER B 583 -11.42 36.60 12.42
CA SER B 583 -10.90 35.29 12.04
C SER B 583 -12.02 34.57 11.32
N ILE B 584 -11.70 33.83 10.28
CA ILE B 584 -12.72 33.08 9.56
C ILE B 584 -12.42 31.58 9.53
N VAL B 585 -13.33 30.82 10.10
CA VAL B 585 -13.19 29.37 10.11
C VAL B 585 -14.43 28.87 9.40
N ASP B 586 -14.22 28.12 8.33
CA ASP B 586 -15.32 27.63 7.52
C ASP B 586 -14.94 26.26 6.95
N ARG B 587 -15.55 25.93 5.83
CA ARG B 587 -15.35 24.67 5.13
C ARG B 587 -13.92 24.49 4.65
N TYR B 588 -13.34 25.56 4.14
CA TYR B 588 -11.97 25.51 3.66
C TYR B 588 -11.10 26.11 4.76
N LEU B 589 -9.98 25.45 5.06
CA LEU B 589 -9.08 25.95 6.08
C LEU B 589 -8.34 27.15 5.47
N GLU B 590 -8.60 28.36 5.97
CA GLU B 590 -7.94 29.56 5.44
C GLU B 590 -6.45 29.42 5.67
N HIS B 591 -5.66 29.37 4.61
CA HIS B 591 -4.25 29.16 4.82
C HIS B 591 -3.30 30.15 4.11
N ASP B 592 -3.84 30.91 3.17
CA ASP B 592 -3.07 31.84 2.42
C ASP B 592 -2.65 33.03 3.29
N ARG B 593 -1.62 33.74 2.83
CA ARG B 593 -1.08 34.86 3.54
C ARG B 593 -0.83 36.05 2.70
N VAL B 594 -1.36 37.20 3.13
CA VAL B 594 -1.14 38.43 2.34
C VAL B 594 -0.86 39.67 3.20
N TYR B 595 -0.01 40.54 2.67
CA TYR B 595 0.31 41.78 3.39
C TYR B 595 -0.01 42.91 2.44
N ILE B 596 -0.86 43.82 2.90
CA ILE B 596 -1.23 44.97 2.10
C ILE B 596 -0.89 46.28 2.81
N PHE B 597 -0.15 47.14 2.15
CA PHE B 597 0.22 48.42 2.74
C PHE B 597 -0.30 49.53 1.84
N GLU B 598 -1.10 50.42 2.41
CA GLU B 598 -1.67 51.50 1.63
C GLU B 598 -0.60 52.17 0.78
N ASN B 599 0.48 52.56 1.44
CA ASN B 599 1.60 53.20 0.78
C ASN B 599 1.25 54.51 0.11
N GLY B 600 0.61 55.39 0.87
CA GLY B 600 0.25 56.69 0.34
C GLY B 600 -0.83 56.66 -0.73
N GLY B 601 -1.13 55.47 -1.24
CA GLY B 601 -2.15 55.36 -2.26
C GLY B 601 -1.77 54.40 -3.37
N ASP B 602 -0.49 54.08 -3.47
CA ASP B 602 0.01 53.13 -4.47
C ASP B 602 0.21 51.77 -3.79
N LYS B 603 -0.90 51.19 -3.33
CA LYS B 603 -0.94 49.91 -2.63
C LYS B 603 0.13 48.85 -2.97
N LYS B 604 0.77 48.34 -1.92
CA LYS B 604 1.77 47.28 -2.06
C LYS B 604 1.08 46.01 -1.56
N VAL B 605 1.08 44.97 -2.41
CA VAL B 605 0.47 43.69 -2.04
C VAL B 605 1.48 42.56 -2.12
N TYR B 606 1.63 41.83 -1.01
CA TYR B 606 2.56 40.70 -0.94
C TYR B 606 1.80 39.42 -0.59
N LEU B 607 2.19 38.32 -1.21
CA LEU B 607 1.62 37.01 -0.90
C LEU B 607 2.80 36.37 -0.18
N SER B 608 2.57 35.71 0.94
CA SER B 608 3.68 35.14 1.68
C SER B 608 3.49 33.74 2.23
N SER B 609 4.62 33.09 2.47
CA SER B 609 4.65 31.74 3.03
C SER B 609 4.92 31.88 4.52
N ALA B 610 5.03 33.10 5.01
CA ALA B 610 5.35 33.29 6.40
C ALA B 610 4.28 33.95 7.25
N ASP B 611 3.99 33.35 8.41
CA ASP B 611 3.03 33.94 9.33
C ASP B 611 3.87 34.95 10.11
N TRP B 612 3.23 35.79 10.90
CA TRP B 612 3.99 36.75 11.70
C TRP B 612 4.38 36.20 13.07
N MET B 613 5.13 35.10 13.04
CA MET B 613 5.64 34.46 14.24
C MET B 613 7.14 34.62 14.16
N THR B 614 7.78 34.74 15.31
CA THR B 614 9.21 34.91 15.37
C THR B 614 9.92 33.88 14.51
N ARG B 615 9.53 32.61 14.64
CA ARG B 615 10.20 31.56 13.86
C ARG B 615 10.18 31.80 12.36
N ASN B 616 9.12 32.46 11.88
CA ASN B 616 8.96 32.75 10.46
C ASN B 616 9.76 33.94 9.99
N ILE B 617 10.24 34.73 10.93
CA ILE B 617 11.03 35.89 10.56
C ILE B 617 12.52 35.71 10.76
N ASP B 618 12.92 35.14 11.90
CA ASP B 618 14.35 34.98 12.13
C ASP B 618 14.93 33.58 12.14
N TYR B 619 14.10 32.54 12.17
CA TYR B 619 14.64 31.20 12.21
C TYR B 619 14.25 30.28 11.07
N ARG B 620 13.74 30.82 9.97
CA ARG B 620 13.34 29.97 8.87
C ARG B 620 13.49 30.68 7.55
N ILE B 621 13.58 29.90 6.48
CA ILE B 621 13.66 30.50 5.17
C ILE B 621 12.21 30.57 4.69
N GLU B 622 11.74 31.79 4.46
CA GLU B 622 10.39 32.01 4.01
C GLU B 622 10.47 33.03 2.89
N VAL B 623 9.40 33.10 2.11
CA VAL B 623 9.40 34.03 1.01
C VAL B 623 8.05 34.68 0.78
N ALA B 624 8.08 36.00 0.61
CA ALA B 624 6.88 36.77 0.31
C ALA B 624 7.20 37.50 -0.99
N THR B 625 6.24 37.59 -1.90
CA THR B 625 6.47 38.26 -3.16
C THR B 625 5.53 39.42 -3.35
N PRO B 626 6.02 40.52 -3.90
CA PRO B 626 5.05 41.59 -4.09
C PRO B 626 4.31 41.18 -5.37
N LEU B 627 3.23 41.86 -5.70
CA LEU B 627 2.49 41.58 -6.93
C LEU B 627 2.75 42.80 -7.81
N LEU B 628 3.53 42.61 -8.85
CA LEU B 628 3.86 43.69 -9.75
C LEU B 628 2.82 43.99 -10.83
N ASP B 629 2.07 42.95 -11.22
CA ASP B 629 1.04 43.16 -12.22
C ASP B 629 -0.19 43.70 -11.47
N PRO B 630 -0.57 44.95 -11.77
CA PRO B 630 -1.71 45.59 -11.12
C PRO B 630 -3.00 44.79 -11.26
N ARG B 631 -3.11 43.95 -12.28
CA ARG B 631 -4.31 43.17 -12.46
C ARG B 631 -4.43 42.10 -11.39
N LEU B 632 -3.31 41.50 -10.99
CA LEU B 632 -3.36 40.46 -9.97
C LEU B 632 -3.52 41.10 -8.62
N LYS B 633 -2.82 42.22 -8.43
CA LYS B 633 -2.92 42.97 -7.19
C LYS B 633 -4.40 43.23 -6.91
N GLN B 634 -5.11 43.75 -7.92
CA GLN B 634 -6.53 44.06 -7.78
C GLN B 634 -7.33 42.81 -7.47
N ARG B 635 -6.96 41.72 -8.11
CA ARG B 635 -7.66 40.47 -7.88
C ARG B 635 -7.59 40.08 -6.40
N VAL B 636 -6.39 40.21 -5.82
CA VAL B 636 -6.23 39.86 -4.41
C VAL B 636 -7.07 40.81 -3.55
N LEU B 637 -7.00 42.09 -3.84
CA LEU B 637 -7.76 43.08 -3.10
C LEU B 637 -9.24 42.76 -3.13
N ASP B 638 -9.74 42.36 -4.30
CA ASP B 638 -11.16 42.02 -4.37
C ASP B 638 -11.45 40.88 -3.43
N ILE B 639 -10.57 39.87 -3.46
CA ILE B 639 -10.76 38.73 -2.60
C ILE B 639 -10.68 39.13 -1.14
N ILE B 640 -9.75 40.02 -0.80
CA ILE B 640 -9.63 40.47 0.56
C ILE B 640 -10.88 41.22 0.97
N ASP B 641 -11.37 42.07 0.07
CA ASP B 641 -12.59 42.84 0.29
C ASP B 641 -13.70 41.88 0.67
N ILE B 642 -13.82 40.81 -0.09
CA ILE B 642 -14.86 39.82 0.17
C ILE B 642 -14.67 39.19 1.54
N LEU B 643 -13.44 38.85 1.87
CA LEU B 643 -13.18 38.22 3.15
C LEU B 643 -13.58 39.09 4.32
N PHE B 644 -13.19 40.36 4.29
CA PHE B 644 -13.51 41.27 5.38
C PHE B 644 -14.97 41.72 5.41
N SER B 645 -15.74 41.29 4.43
CA SER B 645 -17.14 41.65 4.41
C SER B 645 -17.97 40.45 4.83
N ASP B 646 -17.29 39.38 5.25
CA ASP B 646 -18.01 38.18 5.67
C ASP B 646 -18.83 38.48 6.92
N THR B 647 -20.09 38.07 6.88
CA THR B 647 -20.99 38.28 8.02
C THR B 647 -21.70 36.98 8.38
N VAL B 648 -21.06 35.84 8.12
CA VAL B 648 -21.67 34.55 8.42
C VAL B 648 -20.72 33.66 9.19
N LYS B 649 -19.43 33.72 8.83
CA LYS B 649 -18.42 32.88 9.47
C LYS B 649 -17.34 33.69 10.17
N ALA B 650 -17.35 35.00 9.95
CA ALA B 650 -16.35 35.85 10.57
C ALA B 650 -16.58 36.00 12.06
N ARG B 651 -15.51 35.86 12.82
CA ARG B 651 -15.57 35.99 14.25
C ARG B 651 -14.59 37.09 14.68
N TYR B 652 -14.96 37.82 15.71
CA TYR B 652 -14.10 38.89 16.20
C TYR B 652 -13.02 38.34 17.13
N ILE B 653 -11.89 39.03 17.18
CA ILE B 653 -10.81 38.64 18.06
C ILE B 653 -10.87 39.72 19.13
N ASP B 654 -10.94 39.30 20.39
CA ASP B 654 -11.01 40.23 21.52
C ASP B 654 -10.22 39.63 22.66
N LYS B 655 -9.96 40.42 23.70
CA LYS B 655 -9.19 39.93 24.84
C LYS B 655 -9.92 38.87 25.65
N GLU B 656 -11.24 38.82 25.53
CA GLU B 656 -12.02 37.83 26.27
C GLU B 656 -12.03 36.51 25.49
N LEU B 657 -11.47 36.51 24.28
CA LEU B 657 -11.42 35.32 23.43
C LEU B 657 -12.83 34.77 23.26
N SER B 658 -13.81 35.66 23.31
CA SER B 658 -15.21 35.30 23.21
C SER B 658 -15.65 34.59 21.93
N ASN B 659 -14.93 34.81 20.84
CA ASN B 659 -15.30 34.21 19.56
C ASN B 659 -16.69 34.67 19.14
N ARG B 660 -17.08 35.87 19.58
CA ARG B 660 -18.37 36.44 19.20
C ARG B 660 -18.35 36.54 17.68
N TYR B 661 -19.51 36.35 17.04
CA TYR B 661 -19.60 36.44 15.60
C TYR B 661 -19.78 37.89 15.17
N VAL B 662 -19.30 38.24 13.99
CA VAL B 662 -19.46 39.59 13.51
C VAL B 662 -20.91 39.83 13.12
N PRO B 663 -21.57 40.75 13.82
CA PRO B 663 -22.97 41.06 13.53
C PRO B 663 -23.07 41.71 12.16
N ARG B 664 -24.11 41.38 11.41
CA ARG B 664 -24.26 42.02 10.12
C ARG B 664 -25.23 43.17 10.32
N GLY B 665 -24.79 44.39 10.03
CA GLY B 665 -25.67 45.53 10.20
C GLY B 665 -26.78 45.38 9.18
N ASN B 666 -26.92 46.37 8.31
CA ASN B 666 -27.91 46.29 7.26
C ASN B 666 -27.10 46.03 6.00
N ARG B 667 -25.90 45.50 6.23
CA ARG B 667 -24.98 45.15 5.15
C ARG B 667 -25.22 43.72 4.70
N ARG B 668 -25.12 43.52 3.40
CA ARG B 668 -25.33 42.22 2.77
C ARG B 668 -24.88 40.99 3.55
N LYS B 669 -25.72 39.97 3.57
CA LYS B 669 -25.33 38.75 4.24
C LYS B 669 -24.26 38.21 3.29
N VAL B 670 -23.05 38.02 3.80
CA VAL B 670 -21.95 37.53 2.96
C VAL B 670 -21.14 36.40 3.59
N ARG B 671 -20.92 35.36 2.79
CA ARG B 671 -20.13 34.22 3.23
C ARG B 671 -18.91 34.15 2.31
N ALA B 672 -17.81 34.72 2.75
CA ALA B 672 -16.58 34.79 1.99
C ALA B 672 -16.29 33.65 1.03
N GLN B 673 -15.96 32.48 1.57
CA GLN B 673 -15.61 31.34 0.74
C GLN B 673 -16.60 31.09 -0.37
N LEU B 674 -17.89 31.28 -0.12
CA LEU B 674 -18.86 31.07 -1.19
C LEU B 674 -18.81 32.20 -2.20
N ALA B 675 -18.72 33.42 -1.71
CA ALA B 675 -18.66 34.57 -2.61
C ALA B 675 -17.38 34.52 -3.40
N ILE B 676 -16.29 34.15 -2.74
CA ILE B 676 -15.00 34.07 -3.44
C ILE B 676 -15.11 33.08 -4.57
N TYR B 677 -15.70 31.93 -4.28
CA TYR B 677 -15.89 30.92 -5.30
C TYR B 677 -16.66 31.54 -6.48
N ASP B 678 -17.69 32.33 -6.17
CA ASP B 678 -18.48 32.95 -7.24
C ASP B 678 -17.58 33.88 -8.03
N TYR B 679 -16.79 34.68 -7.32
CA TYR B 679 -15.87 35.63 -7.94
C TYR B 679 -14.88 34.94 -8.88
N ILE B 680 -14.24 33.88 -8.40
CA ILE B 680 -13.28 33.15 -9.22
C ILE B 680 -14.01 32.52 -10.40
N LYS B 681 -15.19 31.95 -10.12
CA LYS B 681 -16.04 31.31 -11.14
C LYS B 681 -16.34 32.38 -12.15
N SER B 682 -16.60 33.57 -11.63
CA SER B 682 -16.91 34.72 -12.44
C SER B 682 -15.76 35.06 -13.37
N LEU B 683 -14.53 34.81 -12.94
CA LEU B 683 -13.36 35.13 -13.76
C LEU B 683 -13.08 34.06 -14.82
N GLU B 684 -13.47 32.83 -14.53
CA GLU B 684 -13.22 31.72 -15.45
C GLU B 684 -14.30 31.51 -16.50
N GLN B 685 -15.02 32.56 -16.85
CA GLN B 685 -16.07 32.43 -17.83
C GLN B 685 -15.59 32.83 -19.22
N PRO B 686 -15.83 31.97 -20.22
CA PRO B 686 -15.46 32.13 -21.63
C PRO B 686 -15.30 33.58 -22.12
N GLU B 687 -14.10 33.92 -22.57
CA GLU B 687 -13.76 35.26 -23.06
C GLU B 687 -14.69 35.76 -24.19
MG MG C . 7.48 -22.36 -8.72
MG MG D . 9.28 -23.72 -6.56
PG ATP E . 6.53 -25.49 -5.05
O1G ATP E . 7.54 -24.69 -5.97
O2G ATP E . 6.56 -27.06 -5.14
O3G ATP E . 6.66 -25.02 -3.58
PB ATP E . 4.34 -23.57 -5.73
O1B ATP E . 2.84 -23.29 -5.49
O2B ATP E . 5.35 -22.42 -6.01
O3B ATP E . 4.96 -25.04 -5.33
PA ATP E . 4.47 -24.93 -8.59
O1A ATP E . 3.56 -26.09 -9.03
O2A ATP E . 6.01 -24.69 -9.14
O3A ATP E . 4.01 -23.87 -7.44
O5' ATP E . 3.59 -24.12 -9.63
C5' ATP E . 3.67 -23.07 -10.16
C4' ATP E . 3.34 -21.84 -11.06
O4' ATP E . 2.71 -22.05 -12.42
C3' ATP E . 2.56 -21.23 -10.06
O3' ATP E . 3.28 -20.28 -9.18
C2' ATP E . 1.23 -20.75 -10.81
O2' ATP E . 0.95 -19.38 -10.62
C1' ATP E . 1.44 -21.28 -12.36
N9 ATP E . 0.25 -22.01 -13.01
C8 ATP E . 0.32 -22.93 -14.12
N7 ATP E . -0.92 -23.36 -14.46
C5 ATP E . -1.80 -22.74 -13.60
C6 ATP E . -3.28 -22.80 -13.41
N6 ATP E . -4.03 -23.63 -14.24
N1 ATP E . -3.87 -21.98 -12.41
C2 ATP E . -3.10 -21.16 -11.64
N3 ATP E . -1.72 -21.02 -11.66
C4 ATP E . -1.14 -21.88 -12.71
MG MG F . 2.21 26.68 10.59
MG MG G . -0.15 25.67 12.69
PG ATP H . 2.28 25.32 7.42
O1G ATP H . 2.30 25.75 8.90
O2G ATP H . 2.44 26.41 6.30
O3G ATP H . 3.36 24.25 7.13
PB ATP H . 0.45 23.01 7.49
O1B ATP H . -0.53 22.26 6.61
O2B ATP H . 1.27 22.28 8.55
O3B ATP H . 0.93 24.48 7.02
PA ATP H . -1.16 24.29 9.68
O1A ATP H . -1.86 25.57 9.46
O2A ATP H . -0.56 23.81 11.10
O3A ATP H . -0.92 23.35 8.44
O5' ATP H . -2.64 23.72 9.74
C5' ATP H . -3.46 22.70 9.83
C4' ATP H . -4.21 21.63 10.45
O4' ATP H . -5.42 22.04 11.23
C3' ATP H . -4.65 21.01 9.16
O3' ATP H . -3.79 20.08 8.46
C2' ATP H . -6.09 20.51 9.39
O2' ATP H . -6.21 19.15 9.44
C1' ATP H . -6.58 21.21 10.72
N9 ATP H . -7.79 22.04 10.63
C8 ATP H . -8.30 22.88 11.65
N7 ATP H . -9.38 23.54 11.29
C5 ATP H . -9.59 23.07 9.95
C6 ATP H . -10.58 23.40 8.89
N6 ATP H . -11.58 24.29 9.16
N1 ATP H . -10.48 22.68 7.64
C2 ATP H . -9.46 21.79 7.42
N3 ATP H . -8.47 21.43 8.30
C4 ATP H . -8.59 22.17 9.53
#